data_3PMZ
#
_entry.id   3PMZ
#
_cell.length_a   142.737
_cell.length_b   194.042
_cell.length_c   101.615
_cell.angle_alpha   90.00
_cell.angle_beta   90.00
_cell.angle_gamma   90.00
#
_symmetry.space_group_name_H-M   'P 21 21 2'
#
loop_
_entity.id
_entity.type
_entity.pdbx_description
1 polymer 'Soluble acetylcholine receptor'
2 non-polymer 'MAGNESIUM ION'
3 non-polymer "(1beta,1'alpha)-7',12'-dihydroxy-6,6'-dimethoxy-2,2',2'-trimethyltubocuraran-2'-ium"
4 water water
#
_entity_poly.entity_id   1
_entity_poly.type   'polypeptide(L)'
_entity_poly.pdbx_seq_one_letter_code
;DYKDDDKLHSQANLMRLKSDLFNRSPMYPGPTKDDPLTVTLGFTLQDIVKADSSTNEVDLVYYEQQRWKLNSLMWDPNEY
GNITDFRTSAADIWTPDITAYSSTRPVQVLSPQIAVVTHDGSVMFIPAQRLSFMCDPTGVDSEEGATCAVKFGSWVYSGF
EIDLKTDTDQVDLSSYYASSKYEILSATQTRQVQHYSCCPEPYIDVNLVVKFRERRAGNGFFRNLFD
;
_entity_poly.pdbx_strand_id   A,B,C,D,E,F,G,H,I,J
#
loop_
_chem_comp.id
_chem_comp.type
_chem_comp.name
_chem_comp.formula
MG non-polymer 'MAGNESIUM ION' 'Mg 2'
TUB non-polymer (1beta,1'alpha)-7',12'-dihydroxy-6,6'-dimethoxy-2,2',2'-trimethyltubocuraran-2'-ium 'C37 H41 N2 O6 1'
#
# COMPACT_ATOMS: atom_id res chain seq x y z
N ASP A 4 -26.80 13.60 -20.13
CA ASP A 4 -25.37 13.42 -19.78
C ASP A 4 -24.98 14.70 -19.11
N ASP A 5 -23.68 14.92 -18.93
CA ASP A 5 -23.13 16.11 -18.28
C ASP A 5 -23.66 16.35 -16.85
N ASP A 6 -24.94 16.73 -16.75
CA ASP A 6 -25.68 16.83 -15.46
C ASP A 6 -25.74 15.45 -14.83
N LYS A 7 -26.13 14.46 -15.65
CA LYS A 7 -26.07 13.05 -15.30
C LYS A 7 -24.70 12.69 -14.74
N LEU A 8 -23.66 13.08 -15.48
CA LEU A 8 -22.28 12.87 -15.06
C LEU A 8 -22.02 13.55 -13.72
N HIS A 9 -22.53 14.77 -13.57
CA HIS A 9 -22.37 15.53 -12.33
C HIS A 9 -23.22 14.95 -11.17
N SER A 10 -24.39 14.40 -11.51
CA SER A 10 -25.24 13.81 -10.47
C SER A 10 -24.48 12.64 -9.88
N GLN A 11 -24.05 11.73 -10.75
CA GLN A 11 -23.18 10.65 -10.35
C GLN A 11 -22.06 11.15 -9.43
N ALA A 12 -21.37 12.19 -9.90
CA ALA A 12 -20.21 12.75 -9.23
C ALA A 12 -20.52 13.24 -7.83
N ASN A 13 -21.63 13.95 -7.69
CA ASN A 13 -22.13 14.31 -6.35
C ASN A 13 -22.32 13.10 -5.38
N LEU A 14 -22.97 12.04 -5.86
CA LEU A 14 -23.20 10.86 -5.01
C LEU A 14 -21.87 10.26 -4.55
N MET A 15 -20.97 10.09 -5.51
CA MET A 15 -19.65 9.55 -5.28
C MET A 15 -18.88 10.42 -4.32
N ARG A 16 -19.09 11.72 -4.42
CA ARG A 16 -18.40 12.61 -3.47
C ARG A 16 -19.02 12.40 -2.06
N LEU A 17 -20.35 12.29 -2.02
CA LEU A 17 -21.09 12.06 -0.77
C LEU A 17 -20.67 10.75 -0.07
N LYS A 18 -20.71 9.67 -0.84
CA LYS A 18 -20.30 8.39 -0.34
C LYS A 18 -18.90 8.44 0.29
N SER A 19 -17.94 9.11 -0.36
CA SER A 19 -16.55 9.11 0.16
C SER A 19 -16.37 9.96 1.40
N ASP A 20 -16.95 11.15 1.37
CA ASP A 20 -16.97 11.98 2.56
C ASP A 20 -17.56 11.20 3.73
N LEU A 21 -18.70 10.51 3.52
CA LEU A 21 -19.33 9.78 4.62
C LEU A 21 -18.51 8.61 5.12
N PHE A 22 -17.95 7.83 4.21
CA PHE A 22 -17.29 6.62 4.64
C PHE A 22 -15.76 6.76 4.94
N ASN A 23 -15.02 7.53 4.11
CA ASN A 23 -13.54 7.43 4.06
C ASN A 23 -12.79 8.50 4.82
N ARG A 24 -13.53 9.47 5.34
CA ARG A 24 -13.03 10.34 6.41
C ARG A 24 -13.86 9.96 7.60
N SER A 25 -13.19 9.78 8.75
CA SER A 25 -13.84 9.25 9.97
C SER A 25 -14.33 7.84 9.67
N PRO A 26 -13.48 6.83 9.98
CA PRO A 26 -13.83 5.40 9.99
C PRO A 26 -15.19 5.05 10.62
N MET A 27 -15.63 3.80 10.38
CA MET A 27 -17.00 3.40 10.62
C MET A 27 -17.42 3.59 12.06
N TYR A 28 -18.66 4.05 12.22
CA TYR A 28 -19.28 4.30 13.52
C TYR A 28 -19.16 3.07 14.40
N PRO A 29 -18.72 3.20 15.67
CA PRO A 29 -18.33 1.97 16.42
C PRO A 29 -19.49 1.22 17.10
N GLY A 30 -20.73 1.58 16.76
CA GLY A 30 -21.94 1.03 17.38
C GLY A 30 -22.32 1.90 18.56
N PRO A 31 -23.51 1.66 19.15
CA PRO A 31 -23.98 2.48 20.25
C PRO A 31 -23.25 2.12 21.50
N THR A 32 -23.35 2.99 22.51
CA THR A 32 -22.76 2.74 23.82
C THR A 32 -23.73 3.28 24.83
N LYS A 33 -23.47 3.04 26.10
CA LYS A 33 -24.29 3.53 27.20
C LYS A 33 -24.41 5.05 27.16
N ASP A 34 -23.43 5.69 26.54
CA ASP A 34 -23.42 7.12 26.48
C ASP A 34 -24.15 7.60 25.25
N ASP A 35 -24.11 6.78 24.22
CA ASP A 35 -24.65 7.19 22.96
C ASP A 35 -25.67 6.15 22.45
N PRO A 36 -26.70 5.88 23.27
CA PRO A 36 -27.63 4.80 22.98
C PRO A 36 -28.39 5.07 21.71
N LEU A 37 -29.15 4.08 21.23
CA LEU A 37 -29.74 4.14 19.95
C LEU A 37 -31.05 3.38 19.97
N THR A 38 -32.05 3.91 19.30
CA THR A 38 -33.30 3.20 19.22
C THR A 38 -33.51 2.55 17.88
N VAL A 39 -33.82 1.26 17.85
CA VAL A 39 -34.05 0.56 16.60
C VAL A 39 -35.51 0.16 16.53
N THR A 40 -36.22 0.63 15.49
CA THR A 40 -37.62 0.28 15.24
C THR A 40 -37.61 -0.91 14.34
N LEU A 41 -38.42 -1.92 14.68
CA LEU A 41 -38.56 -3.13 13.89
C LEU A 41 -40.00 -3.34 13.53
N GLY A 42 -40.27 -3.85 12.35
CA GLY A 42 -41.63 -4.24 11.98
C GLY A 42 -41.56 -5.48 11.11
N PHE A 43 -42.47 -6.42 11.29
CA PHE A 43 -42.40 -7.62 10.48
C PHE A 43 -43.55 -7.61 9.53
N THR A 44 -43.31 -8.11 8.32
CA THR A 44 -44.28 -8.24 7.24
C THR A 44 -44.24 -9.68 6.90
N LEU A 45 -45.22 -10.46 7.39
CA LEU A 45 -45.21 -11.91 7.25
C LEU A 45 -45.71 -12.35 5.91
N GLN A 46 -44.92 -13.09 5.17
CA GLN A 46 -45.34 -13.58 3.84
C GLN A 46 -45.85 -15.00 3.83
N ASP A 47 -45.33 -15.84 4.73
CA ASP A 47 -45.57 -17.27 4.58
C ASP A 47 -45.06 -18.17 5.70
N ILE A 48 -45.95 -18.99 6.24
CA ILE A 48 -45.54 -20.15 7.02
C ILE A 48 -45.39 -21.25 5.99
N VAL A 49 -44.16 -21.60 5.69
CA VAL A 49 -43.89 -22.57 4.66
C VAL A 49 -44.14 -24.01 5.09
N LYS A 50 -43.82 -24.30 6.36
CA LYS A 50 -43.70 -25.66 6.85
C LYS A 50 -43.82 -25.70 8.36
N ALA A 51 -44.49 -26.73 8.85
CA ALA A 51 -44.61 -27.02 10.28
C ALA A 51 -44.25 -28.47 10.46
N ASP A 52 -43.10 -28.71 11.08
CA ASP A 52 -42.59 -30.07 11.31
C ASP A 52 -42.93 -30.56 12.70
N SER A 53 -44.01 -31.31 12.81
CA SER A 53 -44.35 -31.85 14.13
C SER A 53 -43.55 -33.08 14.56
N SER A 54 -42.66 -33.60 13.73
CA SER A 54 -41.69 -34.60 14.25
C SER A 54 -40.53 -33.92 15.05
N THR A 55 -40.31 -32.62 14.86
CA THR A 55 -39.18 -31.95 15.50
C THR A 55 -39.59 -30.69 16.30
N ASN A 56 -40.84 -30.29 16.17
CA ASN A 56 -41.31 -28.97 16.65
C ASN A 56 -40.54 -27.75 16.05
N GLU A 57 -40.43 -27.72 14.73
CA GLU A 57 -39.84 -26.58 14.02
C GLU A 57 -40.82 -26.06 12.99
N VAL A 58 -41.01 -24.76 12.97
CA VAL A 58 -41.81 -24.15 11.95
C VAL A 58 -40.91 -23.23 11.11
N ASP A 59 -41.20 -23.08 9.83
CA ASP A 59 -40.41 -22.25 8.95
C ASP A 59 -41.20 -21.01 8.48
N LEU A 60 -40.64 -19.82 8.64
CA LEU A 60 -41.33 -18.59 8.21
C LEU A 60 -40.52 -17.88 7.20
N VAL A 61 -41.21 -17.24 6.25
CA VAL A 61 -40.61 -16.31 5.31
C VAL A 61 -41.21 -14.96 5.65
N TYR A 62 -40.36 -13.95 5.86
CA TYR A 62 -40.85 -12.63 6.24
C TYR A 62 -39.87 -11.53 5.86
N TYR A 63 -40.38 -10.31 5.69
CA TYR A 63 -39.54 -9.11 5.57
C TYR A 63 -39.45 -8.51 6.94
N GLU A 64 -38.25 -8.18 7.37
CA GLU A 64 -38.06 -7.60 8.67
C GLU A 64 -37.49 -6.17 8.47
N GLN A 65 -38.27 -5.14 8.80
CA GLN A 65 -37.91 -3.77 8.55
C GLN A 65 -37.21 -3.25 9.78
N GLN A 66 -36.01 -2.70 9.56
CA GLN A 66 -35.15 -2.07 10.58
C GLN A 66 -34.96 -0.57 10.24
N ARG A 67 -35.13 0.31 11.22
CA ARG A 67 -34.94 1.71 11.00
C ARG A 67 -34.17 2.22 12.17
N TRP A 68 -33.09 2.93 11.94
CA TRP A 68 -32.45 3.64 13.04
C TRP A 68 -31.94 4.94 12.45
N LYS A 69 -31.30 5.74 13.28
CA LYS A 69 -30.83 7.04 12.88
C LYS A 69 -29.59 7.45 13.65
N LEU A 70 -28.57 7.87 12.89
CA LEU A 70 -27.22 8.22 13.35
C LEU A 70 -26.84 9.62 12.91
N ASN A 71 -26.38 10.45 13.85
CA ASN A 71 -25.92 11.77 13.49
C ASN A 71 -24.78 11.66 12.49
N SER A 72 -23.91 10.65 12.66
CA SER A 72 -22.67 10.60 11.90
C SER A 72 -22.97 10.34 10.44
N LEU A 73 -24.21 10.02 10.15
CA LEU A 73 -24.56 9.82 8.77
C LEU A 73 -25.40 10.94 8.18
N MET A 74 -25.50 12.10 8.83
CA MET A 74 -26.24 13.20 8.16
C MET A 74 -25.36 13.93 7.19
N TRP A 75 -25.97 14.50 6.16
CA TRP A 75 -25.34 15.56 5.40
C TRP A 75 -26.32 16.68 5.09
N ASP A 76 -25.74 17.79 4.59
CA ASP A 76 -26.52 18.91 4.12
C ASP A 76 -26.72 18.72 2.62
N PRO A 77 -27.96 18.47 2.18
CA PRO A 77 -28.18 18.21 0.77
C PRO A 77 -27.72 19.31 -0.15
N ASN A 78 -27.88 20.58 0.29
CA ASN A 78 -27.42 21.75 -0.50
C ASN A 78 -25.98 21.54 -0.96
N GLU A 79 -25.15 20.94 -0.10
CA GLU A 79 -23.74 20.65 -0.40
C GLU A 79 -23.49 19.46 -1.35
N TYR A 80 -24.55 18.84 -1.86
CA TYR A 80 -24.43 17.61 -2.64
C TYR A 80 -25.42 17.57 -3.79
N GLY A 81 -25.60 18.71 -4.47
CA GLY A 81 -26.52 18.78 -5.60
C GLY A 81 -27.90 18.29 -5.21
N ASN A 82 -28.26 18.53 -3.93
CA ASN A 82 -29.60 18.23 -3.44
C ASN A 82 -29.97 16.74 -3.48
N ILE A 83 -29.03 15.88 -3.08
CA ILE A 83 -29.32 14.48 -2.86
C ILE A 83 -29.87 14.36 -1.46
N THR A 84 -31.06 13.79 -1.40
CA THR A 84 -31.85 13.69 -0.18
C THR A 84 -31.55 12.37 0.53
N ASP A 85 -31.23 11.36 -0.27
CA ASP A 85 -30.87 10.04 0.24
C ASP A 85 -30.17 9.17 -0.84
N PHE A 86 -29.69 7.99 -0.45
CA PHE A 86 -29.07 7.06 -1.43
C PHE A 86 -29.02 5.64 -0.89
N ARG A 87 -28.91 4.71 -1.83
CA ARG A 87 -28.86 3.30 -1.54
C ARG A 87 -27.42 2.97 -1.40
N THR A 88 -27.09 2.15 -0.41
CA THR A 88 -25.74 1.60 -0.30
C THR A 88 -25.67 0.20 0.34
N SER A 89 -24.70 -0.61 -0.09
CA SER A 89 -24.45 -1.91 0.54
C SER A 89 -24.37 -1.82 2.07
N ALA A 90 -25.01 -2.77 2.73
CA ALA A 90 -24.99 -2.95 4.20
C ALA A 90 -23.59 -3.12 4.73
N ALA A 91 -22.65 -3.48 3.88
CA ALA A 91 -21.26 -3.56 4.34
C ALA A 91 -20.62 -2.17 4.58
N ASP A 92 -21.13 -1.15 3.93
CA ASP A 92 -20.54 0.16 4.06
C ASP A 92 -20.93 0.85 5.38
N ILE A 93 -21.97 0.34 6.06
CA ILE A 93 -22.45 0.95 7.32
C ILE A 93 -22.62 -0.06 8.44
N TRP A 94 -22.67 0.43 9.69
CA TRP A 94 -22.99 -0.41 10.83
C TRP A 94 -24.44 -0.90 10.74
N THR A 95 -24.71 -2.17 10.99
CA THR A 95 -26.09 -2.56 11.10
C THR A 95 -26.30 -3.19 12.46
N PRO A 96 -27.53 -3.20 12.95
CA PRO A 96 -27.66 -3.81 14.26
C PRO A 96 -27.72 -5.35 14.22
N ASP A 97 -27.40 -5.97 15.35
CA ASP A 97 -27.23 -7.41 15.38
C ASP A 97 -28.51 -8.14 15.85
N ILE A 98 -29.62 -7.85 15.19
CA ILE A 98 -30.93 -8.32 15.64
C ILE A 98 -31.00 -9.78 15.22
N THR A 99 -31.22 -10.67 16.18
CA THR A 99 -31.34 -12.11 15.90
C THR A 99 -32.61 -12.64 16.52
N ALA A 100 -33.16 -13.68 15.90
CA ALA A 100 -34.12 -14.59 16.53
C ALA A 100 -33.43 -15.29 17.69
N TYR A 101 -34.07 -15.30 18.87
CA TYR A 101 -33.48 -15.92 20.09
C TYR A 101 -33.68 -17.42 20.19
N SER A 102 -34.51 -17.98 19.31
CA SER A 102 -34.76 -19.44 19.30
C SER A 102 -34.89 -20.08 17.89
N SER A 103 -34.10 -19.63 16.93
CA SER A 103 -34.02 -20.38 15.71
C SER A 103 -33.31 -21.71 15.97
N THR A 104 -33.41 -22.58 14.97
CA THR A 104 -32.89 -23.93 15.05
C THR A 104 -32.04 -24.24 13.86
N ARG A 105 -31.91 -23.28 12.95
CA ARG A 105 -31.03 -23.32 11.78
C ARG A 105 -30.58 -21.87 11.50
N PRO A 106 -29.37 -21.67 10.90
CA PRO A 106 -28.99 -20.32 10.46
C PRO A 106 -30.07 -19.70 9.55
N VAL A 107 -30.44 -18.47 9.87
CA VAL A 107 -31.37 -17.74 9.08
C VAL A 107 -30.88 -17.67 7.64
N GLN A 108 -31.76 -17.87 6.67
CA GLN A 108 -31.40 -17.72 5.25
C GLN A 108 -31.94 -16.37 4.72
N VAL A 109 -31.02 -15.55 4.27
CA VAL A 109 -31.29 -14.24 3.72
C VAL A 109 -31.77 -14.36 2.27
N LEU A 110 -32.89 -13.70 1.96
CA LEU A 110 -33.51 -13.86 0.64
C LEU A 110 -33.39 -12.59 -0.23
N SER A 111 -32.94 -11.49 0.35
CA SER A 111 -32.87 -10.21 -0.35
C SER A 111 -31.45 -9.58 -0.38
N PRO A 112 -31.17 -8.77 -1.40
CA PRO A 112 -29.95 -7.99 -1.52
C PRO A 112 -29.62 -7.27 -0.24
N GLN A 113 -28.36 -7.31 0.17
CA GLN A 113 -27.95 -6.60 1.38
C GLN A 113 -27.61 -5.15 1.06
N ILE A 114 -28.64 -4.34 0.88
CA ILE A 114 -28.46 -2.94 0.53
C ILE A 114 -29.38 -2.14 1.44
N ALA A 115 -28.95 -0.99 1.93
CA ALA A 115 -29.83 -0.16 2.73
C ALA A 115 -30.11 1.17 2.07
N VAL A 116 -31.12 1.89 2.57
CA VAL A 116 -31.40 3.26 2.17
C VAL A 116 -31.10 4.21 3.31
N VAL A 117 -30.29 5.21 3.03
CA VAL A 117 -29.83 6.18 4.04
C VAL A 117 -30.36 7.53 3.61
N THR A 118 -30.90 8.28 4.57
CA THR A 118 -31.46 9.60 4.34
C THR A 118 -30.59 10.66 4.99
N HIS A 119 -30.69 11.89 4.45
CA HIS A 119 -29.80 13.03 4.77
C HIS A 119 -29.82 13.45 6.22
N ASP A 120 -30.85 13.04 6.95
CA ASP A 120 -30.90 13.24 8.39
C ASP A 120 -30.22 12.11 9.16
N GLY A 121 -29.56 11.20 8.45
CA GLY A 121 -28.79 10.16 9.10
C GLY A 121 -29.60 8.93 9.47
N SER A 122 -30.77 8.76 8.88
CA SER A 122 -31.60 7.65 9.21
C SER A 122 -31.46 6.67 8.10
N VAL A 123 -31.57 5.39 8.45
CA VAL A 123 -31.16 4.31 7.62
C VAL A 123 -32.35 3.43 7.67
N MET A 124 -32.81 2.99 6.51
CA MET A 124 -33.79 1.94 6.49
C MET A 124 -33.23 0.72 5.78
N PHE A 125 -33.52 -0.44 6.37
CA PHE A 125 -32.92 -1.73 5.98
C PHE A 125 -33.95 -2.80 6.21
N ILE A 126 -34.23 -3.56 5.15
CA ILE A 126 -35.37 -4.44 5.12
C ILE A 126 -34.96 -5.81 4.57
N PRO A 127 -34.34 -6.65 5.42
CA PRO A 127 -33.98 -7.96 4.92
C PRO A 127 -35.12 -8.99 4.88
N ALA A 128 -35.18 -9.76 3.79
CA ALA A 128 -36.14 -10.83 3.71
C ALA A 128 -35.47 -12.07 4.31
N GLN A 129 -36.23 -12.90 5.04
CA GLN A 129 -35.64 -14.05 5.72
C GLN A 129 -36.46 -15.31 5.73
N ARG A 130 -35.80 -16.45 5.61
CA ARG A 130 -36.44 -17.68 5.98
C ARG A 130 -35.88 -18.12 7.30
N LEU A 131 -36.77 -18.39 8.26
CA LEU A 131 -36.39 -18.83 9.62
C LEU A 131 -37.06 -20.13 10.03
N SER A 132 -36.27 -21.04 10.58
CA SER A 132 -36.78 -22.13 11.33
C SER A 132 -36.64 -21.83 12.80
N PHE A 133 -37.73 -21.92 13.54
CA PHE A 133 -37.64 -21.74 14.98
C PHE A 133 -38.47 -22.77 15.79
N MET A 134 -38.32 -22.68 17.11
CA MET A 134 -38.87 -23.63 18.01
C MET A 134 -40.36 -23.40 18.15
N CYS A 135 -41.16 -24.34 17.64
CA CYS A 135 -42.61 -24.17 17.60
C CYS A 135 -43.29 -25.51 17.50
N ASP A 136 -44.15 -25.77 18.47
CA ASP A 136 -44.99 -26.97 18.50
C ASP A 136 -46.30 -26.71 17.71
N PRO A 137 -46.46 -27.32 16.54
CA PRO A 137 -47.63 -27.06 15.74
C PRO A 137 -48.82 -27.97 16.09
N THR A 138 -48.98 -28.29 17.38
CA THR A 138 -50.12 -29.04 17.86
C THR A 138 -51.36 -28.15 17.80
N GLY A 139 -52.40 -28.71 17.14
CA GLY A 139 -53.70 -28.05 17.05
C GLY A 139 -53.81 -27.18 15.83
N VAL A 140 -52.80 -27.26 14.98
CA VAL A 140 -52.84 -26.61 13.68
C VAL A 140 -54.05 -27.07 12.81
N ASP A 141 -54.55 -28.28 13.04
CA ASP A 141 -55.70 -28.83 12.29
C ASP A 141 -57.04 -28.47 12.96
N SER A 142 -57.00 -27.97 14.18
CA SER A 142 -58.19 -27.53 14.88
C SER A 142 -58.67 -26.11 14.49
N GLU A 143 -59.84 -25.71 14.96
CA GLU A 143 -60.41 -24.38 14.63
C GLU A 143 -59.57 -23.28 15.29
N GLU A 144 -59.04 -23.60 16.47
CA GLU A 144 -58.26 -22.64 17.25
C GLU A 144 -56.84 -22.57 16.68
N GLY A 145 -56.41 -23.62 15.99
CA GLY A 145 -55.05 -23.70 15.48
C GLY A 145 -53.93 -23.68 16.52
N ALA A 146 -52.70 -23.48 16.04
CA ALA A 146 -51.50 -23.59 16.84
C ALA A 146 -50.97 -22.23 17.14
N THR A 147 -50.24 -22.09 18.24
CA THR A 147 -49.72 -20.81 18.64
C THR A 147 -48.21 -20.87 18.77
N CYS A 148 -47.51 -19.89 18.23
CA CYS A 148 -46.05 -19.89 18.31
C CYS A 148 -45.42 -18.53 18.50
N ALA A 149 -44.23 -18.54 19.09
CA ALA A 149 -43.58 -17.34 19.51
C ALA A 149 -42.05 -17.41 19.31
N VAL A 150 -41.46 -16.30 18.89
CA VAL A 150 -40.04 -16.21 18.81
C VAL A 150 -39.65 -14.79 19.07
N LYS A 151 -38.70 -14.58 19.99
CA LYS A 151 -38.16 -13.27 20.34
C LYS A 151 -37.00 -12.81 19.46
N PHE A 152 -36.98 -11.50 19.14
CA PHE A 152 -35.91 -10.87 18.33
C PHE A 152 -35.34 -9.73 19.12
N GLY A 153 -34.01 -9.62 19.11
CA GLY A 153 -33.31 -8.66 19.90
C GLY A 153 -31.86 -8.65 19.48
N SER A 154 -31.12 -7.70 20.05
CA SER A 154 -29.71 -7.60 19.90
C SER A 154 -29.04 -8.71 20.67
N TRP A 155 -28.09 -9.35 20.03
CA TRP A 155 -27.43 -10.48 20.63
C TRP A 155 -26.54 -9.99 21.76
N VAL A 156 -25.89 -8.84 21.59
CA VAL A 156 -24.87 -8.51 22.61
C VAL A 156 -25.13 -7.24 23.39
N TYR A 157 -26.02 -6.39 22.90
CA TYR A 157 -26.22 -5.08 23.53
C TYR A 157 -27.37 -5.14 24.51
N SER A 158 -27.21 -4.61 25.71
CA SER A 158 -28.36 -4.50 26.62
C SER A 158 -29.24 -3.28 26.31
N GLY A 159 -30.21 -3.01 27.17
CA GLY A 159 -31.13 -1.89 26.95
C GLY A 159 -30.47 -0.52 27.08
N PHE A 160 -29.30 -0.46 27.69
CA PHE A 160 -28.60 0.81 27.80
C PHE A 160 -27.90 1.28 26.53
N GLU A 161 -27.74 0.40 25.54
CA GLU A 161 -27.11 0.76 24.25
C GLU A 161 -28.08 0.59 23.15
N ILE A 162 -28.95 -0.42 23.24
CA ILE A 162 -29.98 -0.53 22.21
C ILE A 162 -31.38 -0.69 22.78
N ASP A 163 -32.24 0.24 22.40
CA ASP A 163 -33.63 0.20 22.79
C ASP A 163 -34.38 -0.25 21.57
N LEU A 164 -35.39 -1.07 21.73
CA LEU A 164 -36.14 -1.55 20.57
C LEU A 164 -37.53 -1.03 20.63
N LYS A 165 -38.05 -0.59 19.49
CA LYS A 165 -39.49 -0.34 19.44
C LYS A 165 -40.19 -0.79 18.15
N THR A 166 -41.51 -0.84 18.21
CA THR A 166 -42.35 -1.17 17.02
C THR A 166 -43.30 0.00 16.72
N ASP A 167 -43.81 0.10 15.49
CA ASP A 167 -44.78 1.18 15.24
C ASP A 167 -46.17 0.80 15.73
N THR A 168 -46.41 -0.49 15.76
CA THR A 168 -47.73 -1.04 15.95
C THR A 168 -47.39 -2.47 16.39
N ASP A 169 -48.24 -3.04 17.23
CA ASP A 169 -48.09 -4.43 17.66
C ASP A 169 -48.68 -5.39 16.65
N GLN A 170 -49.33 -4.83 15.64
CA GLN A 170 -49.93 -5.60 14.60
C GLN A 170 -48.89 -5.93 13.52
N VAL A 171 -48.59 -7.22 13.32
CA VAL A 171 -47.78 -7.64 12.20
C VAL A 171 -48.50 -7.33 10.89
N ASP A 172 -47.74 -6.85 9.91
CA ASP A 172 -48.33 -6.60 8.62
C ASP A 172 -48.57 -7.88 7.87
N LEU A 173 -49.84 -8.24 7.77
CA LEU A 173 -50.27 -9.39 6.99
C LEU A 173 -50.71 -9.10 5.55
N SER A 174 -50.58 -7.85 5.13
CA SER A 174 -51.10 -7.47 3.81
C SER A 174 -50.44 -8.20 2.65
N SER A 175 -49.28 -8.82 2.89
CA SER A 175 -48.51 -9.55 1.88
C SER A 175 -48.50 -11.04 2.10
N TYR A 176 -49.33 -11.47 3.05
CA TYR A 176 -49.38 -12.90 3.33
C TYR A 176 -49.89 -13.71 2.14
N TYR A 177 -49.11 -14.70 1.73
CA TYR A 177 -49.47 -15.59 0.63
C TYR A 177 -50.88 -16.17 0.84
N ALA A 178 -51.72 -15.90 -0.13
CA ALA A 178 -53.14 -16.22 -0.08
C ALA A 178 -53.37 -17.71 -0.11
N SER A 179 -52.45 -18.45 -0.70
CA SER A 179 -52.59 -19.86 -0.92
C SER A 179 -51.59 -20.70 -0.10
N SER A 180 -51.03 -20.10 0.96
CA SER A 180 -50.19 -20.83 1.93
C SER A 180 -50.89 -22.08 2.41
N LYS A 181 -50.13 -23.10 2.77
CA LYS A 181 -50.74 -24.22 3.45
C LYS A 181 -51.38 -23.78 4.73
N TYR A 182 -50.93 -22.67 5.29
CA TYR A 182 -51.47 -22.27 6.60
C TYR A 182 -52.08 -20.91 6.54
N GLU A 183 -53.03 -20.66 7.43
CA GLU A 183 -53.74 -19.39 7.38
C GLU A 183 -53.53 -18.70 8.74
N ILE A 184 -53.54 -17.37 8.74
CA ILE A 184 -53.20 -16.58 9.90
C ILE A 184 -54.39 -16.10 10.71
N LEU A 185 -54.43 -16.49 11.97
CA LEU A 185 -55.49 -16.06 12.84
C LEU A 185 -55.03 -14.81 13.56
N SER A 186 -53.79 -14.76 14.04
CA SER A 186 -53.20 -13.49 14.38
C SER A 186 -51.66 -13.48 14.34
N ALA A 187 -51.12 -12.27 14.27
CA ALA A 187 -49.70 -12.05 14.20
C ALA A 187 -49.44 -10.75 14.94
N THR A 188 -48.87 -10.85 16.13
CA THR A 188 -48.57 -9.65 16.90
C THR A 188 -47.04 -9.47 17.03
N GLN A 189 -46.58 -8.28 17.40
CA GLN A 189 -45.15 -8.04 17.50
C GLN A 189 -44.91 -7.09 18.61
N THR A 190 -44.46 -7.61 19.74
CA THR A 190 -44.62 -6.88 20.98
C THR A 190 -43.33 -6.58 21.73
N ARG A 191 -43.07 -5.32 21.99
CA ARG A 191 -41.88 -4.95 22.71
C ARG A 191 -41.97 -5.47 24.13
N GLN A 192 -40.88 -6.11 24.60
CA GLN A 192 -40.79 -6.67 25.96
C GLN A 192 -39.51 -6.22 26.64
N VAL A 193 -39.56 -6.13 27.96
CA VAL A 193 -38.38 -5.76 28.76
C VAL A 193 -38.07 -6.96 29.65
N GLN A 194 -36.89 -7.56 29.44
CA GLN A 194 -36.44 -8.70 30.24
C GLN A 194 -35.54 -8.22 31.35
N HIS A 195 -35.80 -8.67 32.58
CA HIS A 195 -34.85 -8.48 33.69
C HIS A 195 -34.26 -9.80 34.14
N TYR A 196 -32.95 -9.88 34.19
CA TYR A 196 -32.29 -11.08 34.73
C TYR A 196 -31.74 -10.78 36.13
N SER A 197 -31.57 -11.82 36.95
CA SER A 197 -31.18 -11.58 38.35
C SER A 197 -29.68 -11.41 38.50
N CYS A 198 -28.97 -12.01 37.55
CA CYS A 198 -27.56 -11.88 37.38
C CYS A 198 -27.17 -10.42 37.24
N CYS A 199 -28.02 -9.65 36.58
CA CYS A 199 -27.57 -8.45 35.90
C CYS A 199 -28.52 -7.29 36.12
N PRO A 200 -27.99 -6.10 36.38
CA PRO A 200 -28.83 -4.93 36.67
C PRO A 200 -29.44 -4.22 35.45
N GLU A 201 -28.83 -4.40 34.29
CA GLU A 201 -29.28 -3.81 33.02
C GLU A 201 -30.44 -4.59 32.36
N PRO A 202 -31.43 -3.88 31.83
CA PRO A 202 -32.54 -4.51 31.10
C PRO A 202 -32.17 -4.88 29.68
N TYR A 203 -32.95 -5.78 29.09
CA TYR A 203 -32.70 -6.30 27.76
C TYR A 203 -34.00 -6.23 27.03
N ILE A 204 -33.98 -5.83 25.78
CA ILE A 204 -35.22 -5.58 25.08
C ILE A 204 -35.33 -6.60 23.96
N ASP A 205 -36.52 -7.15 23.77
CA ASP A 205 -36.78 -7.96 22.63
C ASP A 205 -38.15 -7.55 22.04
N VAL A 206 -38.36 -7.91 20.79
CA VAL A 206 -39.70 -7.88 20.21
C VAL A 206 -40.18 -9.33 20.06
N ASN A 207 -41.34 -9.64 20.65
CA ASN A 207 -41.92 -11.00 20.62
C ASN A 207 -42.85 -11.19 19.44
N LEU A 208 -42.47 -12.01 18.47
CA LEU A 208 -43.37 -12.31 17.37
C LEU A 208 -44.24 -13.50 17.77
N VAL A 209 -45.56 -13.28 17.95
CA VAL A 209 -46.52 -14.36 18.28
C VAL A 209 -47.42 -14.59 17.09
N VAL A 210 -47.46 -15.82 16.58
CA VAL A 210 -48.39 -16.14 15.47
C VAL A 210 -49.30 -17.32 15.78
N LYS A 211 -50.59 -17.09 15.54
CA LYS A 211 -51.57 -18.13 15.75
C LYS A 211 -51.99 -18.48 14.35
N PHE A 212 -51.95 -19.76 14.03
CA PHE A 212 -52.18 -20.23 12.65
C PHE A 212 -52.86 -21.61 12.57
N ARG A 213 -53.11 -22.07 11.36
CA ARG A 213 -54.05 -23.17 11.17
C ARG A 213 -54.05 -23.66 9.73
N GLU A 214 -54.06 -24.99 9.57
CA GLU A 214 -54.09 -25.62 8.24
C GLU A 214 -55.25 -25.05 7.45
N ARG A 215 -55.03 -24.73 6.17
CA ARG A 215 -56.10 -24.13 5.36
C ARG A 215 -57.09 -25.20 4.88
N ARG A 216 -58.33 -24.78 4.57
CA ARG A 216 -59.36 -25.69 3.97
C ARG A 216 -60.10 -25.01 2.80
N ASP B 4 0.93 -14.03 -33.96
CA ASP B 4 1.62 -14.33 -32.64
C ASP B 4 2.07 -13.05 -31.94
N ASP B 5 2.23 -11.99 -32.76
CA ASP B 5 2.66 -10.67 -32.31
C ASP B 5 1.50 -9.66 -32.30
N ASP B 6 0.57 -9.83 -33.25
CA ASP B 6 -0.72 -9.12 -33.29
C ASP B 6 -1.77 -9.70 -32.32
N LYS B 7 -1.44 -10.86 -31.74
CA LYS B 7 -2.24 -11.47 -30.69
C LYS B 7 -1.81 -10.91 -29.32
N LEU B 8 -0.53 -10.58 -29.21
CA LEU B 8 0.00 -9.86 -28.04
C LEU B 8 -0.58 -8.44 -27.98
N HIS B 9 -0.76 -7.86 -29.17
CA HIS B 9 -1.24 -6.49 -29.40
C HIS B 9 -2.69 -6.34 -28.99
N SER B 10 -3.52 -7.18 -29.59
CA SER B 10 -4.94 -7.14 -29.40
C SER B 10 -5.28 -7.47 -27.97
N GLN B 11 -4.40 -8.24 -27.35
CA GLN B 11 -4.50 -8.65 -25.97
C GLN B 11 -4.15 -7.49 -25.02
N ALA B 12 -3.07 -6.78 -25.32
CA ALA B 12 -2.63 -5.64 -24.52
C ALA B 12 -3.66 -4.55 -24.63
N ASN B 13 -4.41 -4.56 -25.72
CA ASN B 13 -5.43 -3.60 -26.01
C ASN B 13 -6.62 -3.80 -25.10
N LEU B 14 -6.97 -5.06 -24.84
CA LEU B 14 -8.12 -5.38 -24.02
C LEU B 14 -7.76 -5.09 -22.62
N MET B 15 -6.53 -5.46 -22.28
CA MET B 15 -6.03 -5.22 -20.95
C MET B 15 -6.07 -3.75 -20.74
N ARG B 16 -5.65 -3.03 -21.78
CA ARG B 16 -5.59 -1.57 -21.70
C ARG B 16 -7.00 -0.99 -21.44
N LEU B 17 -7.97 -1.38 -22.27
CA LEU B 17 -9.37 -1.03 -22.06
C LEU B 17 -9.92 -1.31 -20.64
N LYS B 18 -9.69 -2.52 -20.13
CA LYS B 18 -10.19 -2.88 -18.81
C LYS B 18 -9.58 -2.00 -17.75
N SER B 19 -8.30 -1.68 -17.90
CA SER B 19 -7.70 -0.67 -17.01
C SER B 19 -8.41 0.66 -17.03
N ASP B 20 -8.63 1.22 -18.20
CA ASP B 20 -9.22 2.53 -18.28
C ASP B 20 -10.61 2.50 -17.71
N LEU B 21 -11.36 1.45 -18.05
CA LEU B 21 -12.73 1.34 -17.56
C LEU B 21 -12.85 1.18 -16.05
N PHE B 22 -11.93 0.44 -15.44
CA PHE B 22 -12.18 -0.10 -14.10
C PHE B 22 -11.38 0.46 -12.96
N ASN B 23 -10.26 1.13 -13.23
CA ASN B 23 -9.40 1.62 -12.14
C ASN B 23 -8.80 2.98 -12.38
N ARG B 24 -8.92 3.46 -13.62
CA ARG B 24 -8.80 4.90 -13.85
C ARG B 24 -10.17 5.54 -13.46
N SER B 25 -11.17 4.69 -13.22
CA SER B 25 -12.55 5.13 -12.96
C SER B 25 -13.08 4.58 -11.61
N TYR B 28 -19.48 3.37 -10.91
CA TYR B 28 -20.91 3.67 -10.90
C TYR B 28 -21.47 3.39 -9.52
N PRO B 29 -22.09 4.41 -8.90
CA PRO B 29 -22.70 4.32 -7.59
C PRO B 29 -24.17 3.92 -7.64
N GLY B 30 -24.61 3.39 -8.75
CA GLY B 30 -25.99 3.05 -8.86
C GLY B 30 -26.74 4.23 -9.48
N PRO B 31 -27.95 3.97 -9.94
CA PRO B 31 -28.84 4.96 -10.54
C PRO B 31 -29.35 5.92 -9.48
N THR B 32 -29.93 7.03 -9.91
CA THR B 32 -30.61 7.99 -9.01
C THR B 32 -31.88 8.59 -9.65
N LYS B 33 -32.59 9.40 -8.89
CA LYS B 33 -33.69 10.19 -9.45
C LYS B 33 -33.18 11.06 -10.60
N ASP B 34 -32.02 11.67 -10.45
CA ASP B 34 -31.49 12.50 -11.53
C ASP B 34 -31.01 11.64 -12.69
N ASP B 35 -30.40 10.51 -12.36
CA ASP B 35 -29.77 9.67 -13.35
C ASP B 35 -30.38 8.26 -13.28
N PRO B 36 -31.57 8.07 -13.87
CA PRO B 36 -32.28 6.82 -13.76
C PRO B 36 -31.82 5.86 -14.84
N LEU B 37 -32.27 4.60 -14.74
CA LEU B 37 -31.70 3.52 -15.49
C LEU B 37 -32.78 2.49 -15.77
N THR B 38 -32.79 1.97 -17.00
CA THR B 38 -33.80 1.00 -17.33
C THR B 38 -33.18 -0.38 -17.50
N VAL B 39 -33.65 -1.35 -16.69
CA VAL B 39 -33.18 -2.73 -16.80
C VAL B 39 -34.19 -3.51 -17.58
N THR B 40 -33.74 -4.13 -18.67
CA THR B 40 -34.57 -5.04 -19.45
C THR B 40 -34.32 -6.47 -18.97
N LEU B 41 -35.42 -7.23 -18.79
CA LEU B 41 -35.39 -8.59 -18.27
C LEU B 41 -36.10 -9.49 -19.23
N GLY B 42 -35.61 -10.71 -19.33
CA GLY B 42 -36.38 -11.76 -19.89
C GLY B 42 -35.98 -13.08 -19.29
N PHE B 43 -36.92 -14.03 -19.32
CA PHE B 43 -36.73 -15.35 -18.76
C PHE B 43 -36.72 -16.42 -19.86
N THR B 44 -35.81 -17.39 -19.74
CA THR B 44 -35.84 -18.59 -20.56
C THR B 44 -36.07 -19.68 -19.53
N LEU B 45 -37.25 -20.28 -19.52
CA LEU B 45 -37.59 -21.32 -18.51
C LEU B 45 -37.11 -22.67 -18.96
N GLN B 46 -36.26 -23.31 -18.18
CA GLN B 46 -35.73 -24.60 -18.59
C GLN B 46 -36.53 -25.74 -18.01
N ASP B 47 -36.92 -25.62 -16.75
CA ASP B 47 -37.53 -26.76 -16.05
C ASP B 47 -38.33 -26.33 -14.86
N ILE B 48 -39.44 -27.01 -14.61
CA ILE B 48 -40.09 -27.01 -13.30
C ILE B 48 -39.58 -28.28 -12.73
N VAL B 49 -38.73 -28.19 -11.71
CA VAL B 49 -38.09 -29.39 -11.19
C VAL B 49 -39.08 -30.16 -10.29
N LYS B 50 -39.77 -29.47 -9.40
CA LYS B 50 -40.41 -30.12 -8.28
C LYS B 50 -41.56 -29.20 -7.89
N ALA B 51 -42.71 -29.77 -7.63
CA ALA B 51 -43.87 -29.02 -7.19
C ALA B 51 -44.29 -29.71 -5.93
N ASP B 52 -44.29 -28.98 -4.83
CA ASP B 52 -44.40 -29.60 -3.53
C ASP B 52 -45.71 -29.19 -2.84
N SER B 53 -46.66 -30.12 -2.82
CA SER B 53 -47.97 -29.86 -2.18
C SER B 53 -47.95 -29.92 -0.70
N SER B 54 -46.89 -30.45 -0.10
CA SER B 54 -46.86 -30.44 1.37
C SER B 54 -46.50 -29.05 1.89
N THR B 55 -45.72 -28.31 1.10
CA THR B 55 -45.30 -26.98 1.54
C THR B 55 -45.82 -25.81 0.72
N ASN B 56 -46.31 -26.07 -0.50
CA ASN B 56 -46.66 -25.02 -1.48
C ASN B 56 -45.45 -24.19 -2.00
N GLU B 57 -44.42 -24.94 -2.37
CA GLU B 57 -43.25 -24.40 -3.04
C GLU B 57 -43.07 -25.14 -4.32
N VAL B 58 -42.57 -24.43 -5.32
CA VAL B 58 -42.26 -25.00 -6.60
C VAL B 58 -40.89 -24.54 -7.03
N ASP B 59 -40.15 -25.43 -7.63
CA ASP B 59 -38.79 -25.11 -7.96
C ASP B 59 -38.62 -24.95 -9.47
N LEU B 60 -38.13 -23.78 -9.90
CA LEU B 60 -37.83 -23.55 -11.32
C LEU B 60 -36.35 -23.43 -11.61
N VAL B 61 -35.95 -23.97 -12.74
CA VAL B 61 -34.69 -23.67 -13.36
C VAL B 61 -34.89 -22.80 -14.63
N TYR B 62 -34.19 -21.67 -14.65
CA TYR B 62 -34.28 -20.67 -15.71
C TYR B 62 -32.99 -19.88 -15.91
N TYR B 63 -32.90 -19.21 -17.06
CA TYR B 63 -31.88 -18.19 -17.37
C TYR B 63 -32.58 -16.86 -17.28
N GLU B 64 -32.01 -15.92 -16.54
CA GLU B 64 -32.58 -14.62 -16.44
C GLU B 64 -31.67 -13.61 -17.10
N GLN B 65 -32.10 -13.13 -18.26
CA GLN B 65 -31.33 -12.10 -18.95
C GLN B 65 -31.58 -10.73 -18.37
N GLN B 66 -30.48 -10.09 -17.99
CA GLN B 66 -30.51 -8.72 -17.51
C GLN B 66 -29.69 -7.89 -18.48
N ARG B 67 -30.23 -6.74 -18.84
CA ARG B 67 -29.64 -5.92 -19.88
C ARG B 67 -29.89 -4.48 -19.51
N TRP B 68 -28.86 -3.65 -19.65
CA TRP B 68 -28.91 -2.24 -19.27
C TRP B 68 -27.73 -1.45 -19.87
N LYS B 69 -27.58 -0.17 -19.56
CA LYS B 69 -26.64 0.64 -20.30
C LYS B 69 -26.13 1.81 -19.50
N LEU B 70 -24.82 1.94 -19.39
CA LEU B 70 -24.21 3.06 -18.67
C LEU B 70 -23.29 3.88 -19.55
N ASN B 71 -23.36 5.21 -19.42
CA ASN B 71 -22.48 6.06 -20.24
C ASN B 71 -21.04 5.86 -19.84
N SER B 72 -20.85 5.62 -18.56
CA SER B 72 -19.52 5.30 -18.01
C SER B 72 -18.85 4.04 -18.55
N LEU B 73 -19.56 3.18 -19.26
CA LEU B 73 -18.86 2.00 -19.84
C LEU B 73 -18.64 2.11 -21.34
N MET B 74 -18.91 3.31 -21.88
CA MET B 74 -18.78 3.57 -23.31
C MET B 74 -17.30 3.71 -23.62
N TRP B 75 -16.93 3.29 -24.83
CA TRP B 75 -15.60 3.57 -25.37
C TRP B 75 -15.56 3.57 -26.90
N ASP B 76 -14.52 4.18 -27.45
CA ASP B 76 -14.42 4.30 -28.88
C ASP B 76 -13.55 3.18 -29.47
N PRO B 77 -14.17 2.18 -30.14
CA PRO B 77 -13.37 1.06 -30.59
C PRO B 77 -12.06 1.43 -31.28
N ASN B 78 -12.05 2.51 -32.09
CA ASN B 78 -10.82 2.91 -32.81
C ASN B 78 -9.63 3.13 -31.91
N GLU B 79 -9.86 3.60 -30.70
CA GLU B 79 -8.77 3.84 -29.79
C GLU B 79 -8.31 2.56 -29.05
N TYR B 80 -8.98 1.45 -29.35
CA TYR B 80 -8.71 0.18 -28.67
C TYR B 80 -8.64 -1.02 -29.60
N GLY B 81 -8.01 -0.84 -30.75
CA GLY B 81 -7.76 -1.96 -31.68
C GLY B 81 -8.99 -2.50 -32.37
N ASN B 82 -9.99 -1.65 -32.46
CA ASN B 82 -11.33 -2.07 -32.88
C ASN B 82 -11.94 -3.21 -32.04
N ILE B 83 -11.86 -3.07 -30.71
CA ILE B 83 -12.54 -3.95 -29.79
C ILE B 83 -13.97 -3.45 -29.69
N THR B 84 -14.93 -4.30 -30.02
CA THR B 84 -16.33 -3.90 -30.02
C THR B 84 -17.11 -4.35 -28.76
N ASP B 85 -16.68 -5.47 -28.16
CA ASP B 85 -17.15 -5.85 -26.82
C ASP B 85 -16.16 -6.69 -26.04
N PHE B 86 -16.47 -7.02 -24.81
CA PHE B 86 -15.66 -7.95 -24.04
C PHE B 86 -16.46 -8.62 -22.88
N ARG B 87 -15.89 -9.70 -22.37
CA ARG B 87 -16.45 -10.43 -21.26
C ARG B 87 -15.60 -10.11 -20.06
N THR B 88 -16.26 -10.02 -18.90
CA THR B 88 -15.65 -9.63 -17.65
C THR B 88 -16.45 -10.18 -16.48
N SER B 89 -15.75 -10.57 -15.43
CA SER B 89 -16.38 -10.94 -14.21
C SER B 89 -17.50 -9.97 -13.84
N ALA B 90 -18.60 -10.49 -13.34
CA ALA B 90 -19.68 -9.62 -12.92
C ALA B 90 -19.42 -8.84 -11.64
N ALA B 91 -18.30 -9.13 -10.97
CA ALA B 91 -17.85 -8.27 -9.82
C ALA B 91 -17.08 -7.03 -10.29
N ASP B 92 -16.59 -7.01 -11.53
CA ASP B 92 -15.89 -5.81 -12.01
C ASP B 92 -16.86 -4.64 -12.22
N ILE B 93 -18.17 -4.88 -12.18
CA ILE B 93 -19.10 -3.87 -12.62
C ILE B 93 -20.27 -3.76 -11.67
N TRP B 94 -21.11 -2.75 -11.86
CA TRP B 94 -22.31 -2.65 -11.03
C TRP B 94 -23.33 -3.63 -11.60
N THR B 95 -24.17 -4.23 -10.77
CA THR B 95 -25.26 -4.98 -11.33
C THR B 95 -26.49 -4.63 -10.53
N PRO B 96 -27.64 -4.84 -11.17
CA PRO B 96 -28.84 -4.45 -10.49
C PRO B 96 -29.31 -5.53 -9.50
N ASP B 97 -29.91 -5.07 -8.40
CA ASP B 97 -30.43 -5.93 -7.37
C ASP B 97 -31.81 -6.50 -7.73
N ILE B 98 -31.98 -7.04 -8.94
CA ILE B 98 -33.24 -7.72 -9.27
C ILE B 98 -33.49 -8.98 -8.40
N THR B 99 -34.68 -9.03 -7.80
CA THR B 99 -35.01 -10.01 -6.81
C THR B 99 -36.42 -10.53 -6.91
N ALA B 100 -36.55 -11.85 -6.77
CA ALA B 100 -37.87 -12.53 -6.64
C ALA B 100 -38.52 -12.03 -5.34
N TYR B 101 -39.81 -11.71 -5.33
CA TYR B 101 -40.39 -11.05 -4.16
C TYR B 101 -41.08 -12.03 -3.27
N SER B 102 -41.20 -13.27 -3.74
CA SER B 102 -41.85 -14.30 -2.96
C SER B 102 -41.12 -15.64 -2.99
N SER B 103 -39.81 -15.63 -3.24
CA SER B 103 -38.99 -16.81 -2.99
C SER B 103 -39.10 -17.30 -1.52
N THR B 104 -38.67 -18.55 -1.28
CA THR B 104 -38.74 -19.16 0.02
C THR B 104 -37.43 -19.87 0.41
N ARG B 105 -36.44 -19.79 -0.48
CA ARG B 105 -35.07 -20.26 -0.25
C ARG B 105 -34.12 -19.29 -0.98
N PRO B 106 -32.88 -19.15 -0.52
CA PRO B 106 -31.99 -18.41 -1.38
C PRO B 106 -31.80 -19.04 -2.77
N VAL B 107 -32.00 -18.21 -3.77
CA VAL B 107 -31.73 -18.50 -5.17
C VAL B 107 -30.43 -19.25 -5.30
N GLN B 108 -30.33 -20.28 -6.11
CA GLN B 108 -29.02 -20.88 -6.24
C GLN B 108 -28.56 -20.60 -7.63
N VAL B 109 -27.30 -20.21 -7.75
CA VAL B 109 -26.70 -19.83 -9.01
C VAL B 109 -26.08 -21.02 -9.73
N LEU B 110 -26.50 -21.24 -10.98
CA LEU B 110 -25.96 -22.34 -11.76
C LEU B 110 -24.92 -22.02 -12.82
N SER B 111 -24.54 -20.75 -13.00
CA SER B 111 -23.72 -20.37 -14.14
C SER B 111 -22.69 -19.36 -13.69
N PRO B 112 -21.57 -19.24 -14.46
CA PRO B 112 -20.47 -18.34 -14.17
C PRO B 112 -20.99 -16.91 -14.13
N GLN B 113 -20.47 -16.13 -13.18
CA GLN B 113 -20.95 -14.81 -12.92
C GLN B 113 -20.15 -13.87 -13.81
N ILE B 114 -20.49 -13.86 -15.11
CA ILE B 114 -19.74 -13.12 -16.11
C ILE B 114 -20.65 -12.35 -17.08
N ALA B 115 -20.28 -11.11 -17.39
CA ALA B 115 -21.09 -10.25 -18.22
C ALA B 115 -20.39 -9.90 -19.55
N VAL B 116 -21.20 -9.43 -20.50
CA VAL B 116 -20.73 -8.93 -21.76
C VAL B 116 -20.95 -7.43 -21.76
N VAL B 117 -19.85 -6.69 -21.88
CA VAL B 117 -19.91 -5.22 -22.03
C VAL B 117 -19.69 -4.82 -23.52
N THR B 118 -20.61 -4.01 -24.05
CA THR B 118 -20.47 -3.50 -25.41
C THR B 118 -20.10 -2.00 -25.40
N HIS B 119 -19.43 -1.52 -26.45
CA HIS B 119 -18.80 -0.15 -26.54
C HIS B 119 -19.75 1.04 -26.37
N ASP B 120 -21.04 0.83 -26.69
CA ASP B 120 -22.12 1.78 -26.37
C ASP B 120 -22.48 1.79 -24.89
N GLY B 121 -21.77 0.98 -24.11
CA GLY B 121 -21.94 0.94 -22.67
C GLY B 121 -23.03 -0.03 -22.26
N SER B 122 -23.56 -0.80 -23.21
CA SER B 122 -24.55 -1.80 -22.80
C SER B 122 -23.88 -3.02 -22.19
N VAL B 123 -24.62 -3.60 -21.24
CA VAL B 123 -24.17 -4.69 -20.44
C VAL B 123 -25.18 -5.80 -20.53
N MET B 124 -24.73 -7.02 -20.77
CA MET B 124 -25.69 -8.09 -20.75
C MET B 124 -25.27 -9.18 -19.78
N PHE B 125 -26.18 -9.56 -18.90
CA PHE B 125 -25.87 -10.46 -17.81
C PHE B 125 -26.98 -11.51 -17.75
N ILE B 126 -26.58 -12.77 -17.94
CA ILE B 126 -27.52 -13.92 -18.04
C ILE B 126 -27.15 -14.99 -17.02
N PRO B 127 -27.56 -14.81 -15.77
CA PRO B 127 -27.40 -15.92 -14.84
C PRO B 127 -28.51 -16.97 -14.94
N ALA B 128 -28.08 -18.24 -14.94
CA ALA B 128 -28.90 -19.41 -14.64
C ALA B 128 -29.14 -19.60 -13.15
N GLN B 129 -30.38 -19.77 -12.77
CA GLN B 129 -30.75 -19.84 -11.37
C GLN B 129 -31.68 -20.98 -11.11
N ARG B 130 -31.71 -21.44 -9.87
CA ARG B 130 -32.71 -22.35 -9.42
C ARG B 130 -33.45 -21.65 -8.32
N LEU B 131 -34.77 -21.52 -8.45
CA LEU B 131 -35.52 -20.78 -7.47
C LEU B 131 -36.66 -21.60 -6.84
N SER B 132 -36.95 -21.32 -5.55
CA SER B 132 -38.12 -21.84 -4.87
C SER B 132 -39.02 -20.69 -4.53
N PHE B 133 -40.28 -20.82 -4.88
CA PHE B 133 -41.21 -19.75 -4.58
C PHE B 133 -42.59 -20.27 -4.26
N MET B 134 -43.37 -19.39 -3.65
CA MET B 134 -44.69 -19.67 -3.10
C MET B 134 -45.67 -19.93 -4.27
N CYS B 135 -46.06 -21.19 -4.37
CA CYS B 135 -46.87 -21.70 -5.41
C CYS B 135 -47.62 -22.92 -4.87
N ASP B 136 -48.94 -22.81 -4.82
CA ASP B 136 -49.83 -23.95 -4.57
C ASP B 136 -49.90 -24.74 -5.84
N PRO B 137 -49.45 -26.00 -5.84
CA PRO B 137 -49.57 -26.83 -7.06
C PRO B 137 -50.93 -27.52 -7.30
N THR B 138 -51.93 -27.28 -6.45
CA THR B 138 -53.26 -27.93 -6.60
C THR B 138 -53.87 -27.86 -7.99
N GLY B 139 -54.31 -29.02 -8.48
CA GLY B 139 -54.83 -29.11 -9.84
C GLY B 139 -53.79 -29.49 -10.89
N VAL B 140 -52.51 -29.47 -10.54
CA VAL B 140 -51.45 -29.78 -11.52
C VAL B 140 -51.75 -31.12 -12.20
N ASP B 141 -52.42 -32.00 -11.44
CA ASP B 141 -52.83 -33.33 -11.88
C ASP B 141 -53.98 -33.31 -12.94
N SER B 142 -54.79 -32.24 -12.96
CA SER B 142 -55.82 -32.03 -13.98
C SER B 142 -55.31 -31.35 -15.25
N GLU B 143 -56.23 -31.18 -16.19
CA GLU B 143 -55.96 -30.72 -17.54
C GLU B 143 -55.82 -29.22 -17.60
N GLU B 144 -56.55 -28.52 -16.75
CA GLU B 144 -56.40 -27.06 -16.65
C GLU B 144 -55.12 -26.62 -15.88
N GLY B 145 -54.35 -27.58 -15.37
CA GLY B 145 -53.14 -27.31 -14.59
C GLY B 145 -53.21 -26.42 -13.35
N ALA B 146 -52.05 -26.04 -12.84
CA ALA B 146 -52.00 -25.05 -11.79
C ALA B 146 -51.38 -23.76 -12.34
N THR B 147 -51.62 -22.68 -11.64
CA THR B 147 -51.11 -21.41 -12.04
C THR B 147 -50.35 -20.78 -10.89
N CYS B 148 -49.12 -20.38 -11.19
CA CYS B 148 -48.32 -19.71 -10.19
C CYS B 148 -47.64 -18.48 -10.76
N ALA B 149 -47.46 -17.51 -9.88
CA ALA B 149 -46.85 -16.26 -10.22
C ALA B 149 -45.76 -15.88 -9.21
N VAL B 150 -44.71 -15.26 -9.71
CA VAL B 150 -43.77 -14.60 -8.84
C VAL B 150 -43.34 -13.32 -9.52
N LYS B 151 -43.42 -12.22 -8.78
CA LYS B 151 -42.89 -10.96 -9.22
C LYS B 151 -41.39 -10.81 -8.94
N PHE B 152 -40.70 -10.03 -9.81
CA PHE B 152 -39.26 -9.81 -9.79
C PHE B 152 -39.00 -8.34 -9.92
N GLY B 153 -38.17 -7.80 -9.03
CA GLY B 153 -37.91 -6.37 -9.05
C GLY B 153 -36.71 -5.99 -8.20
N SER B 154 -36.27 -4.76 -8.34
CA SER B 154 -35.28 -4.19 -7.47
C SER B 154 -35.82 -4.31 -6.08
N TRP B 155 -34.97 -4.58 -5.10
CA TRP B 155 -35.42 -4.61 -3.71
C TRP B 155 -35.45 -3.20 -3.16
N VAL B 156 -34.53 -2.35 -3.58
CA VAL B 156 -34.38 -1.09 -2.86
C VAL B 156 -34.64 0.18 -3.65
N TYR B 157 -34.71 0.09 -4.96
CA TYR B 157 -34.94 1.30 -5.75
C TYR B 157 -36.37 1.30 -6.23
N SER B 158 -36.99 2.49 -6.13
CA SER B 158 -38.32 2.73 -6.70
C SER B 158 -38.26 2.96 -8.20
N GLY B 159 -39.42 3.21 -8.81
CA GLY B 159 -39.48 3.47 -10.26
C GLY B 159 -38.74 4.76 -10.58
N PHE B 160 -38.52 5.58 -9.57
CA PHE B 160 -37.75 6.79 -9.79
C PHE B 160 -36.28 6.56 -10.15
N GLU B 161 -35.73 5.38 -9.87
CA GLU B 161 -34.32 5.16 -10.15
C GLU B 161 -34.06 3.99 -11.06
N ILE B 162 -34.91 2.98 -10.96
CA ILE B 162 -34.83 1.86 -11.90
C ILE B 162 -36.18 1.59 -12.51
N ASP B 163 -36.23 1.55 -13.82
CA ASP B 163 -37.41 1.09 -14.52
C ASP B 163 -37.12 -0.25 -15.13
N LEU B 164 -38.15 -1.06 -15.33
CA LEU B 164 -37.97 -2.37 -15.91
C LEU B 164 -38.70 -2.51 -17.19
N LYS B 165 -38.23 -3.38 -18.04
CA LYS B 165 -38.97 -3.69 -19.21
C LYS B 165 -38.66 -5.08 -19.72
N THR B 166 -39.56 -5.56 -20.55
CA THR B 166 -39.28 -6.77 -21.28
C THR B 166 -39.31 -6.40 -22.74
N ASP B 167 -38.57 -7.14 -23.56
CA ASP B 167 -38.65 -7.05 -25.02
C ASP B 167 -39.92 -7.75 -25.48
N THR B 168 -40.38 -8.70 -24.69
CA THR B 168 -41.57 -9.48 -25.02
C THR B 168 -42.21 -9.86 -23.69
N ASP B 169 -43.48 -10.21 -23.70
CA ASP B 169 -44.10 -10.78 -22.52
C ASP B 169 -44.12 -12.29 -22.63
N GLN B 170 -43.64 -12.79 -23.76
CA GLN B 170 -43.35 -14.20 -23.89
C GLN B 170 -42.14 -14.61 -23.05
N VAL B 171 -42.33 -15.54 -22.13
CA VAL B 171 -41.23 -16.28 -21.53
C VAL B 171 -40.79 -17.21 -22.64
N ASP B 172 -39.52 -17.16 -23.01
CA ASP B 172 -39.06 -18.02 -24.06
C ASP B 172 -38.98 -19.48 -23.55
N LEU B 173 -39.67 -20.39 -24.23
CA LEU B 173 -39.73 -21.81 -23.83
C LEU B 173 -39.06 -22.72 -24.80
N SER B 174 -38.20 -22.19 -25.65
CA SER B 174 -37.54 -23.00 -26.67
C SER B 174 -36.44 -23.92 -26.12
N SER B 175 -36.07 -23.72 -24.86
CA SER B 175 -35.14 -24.66 -24.19
C SER B 175 -35.83 -25.44 -23.06
N TYR B 176 -37.16 -25.43 -23.04
CA TYR B 176 -37.80 -26.13 -21.96
C TYR B 176 -37.44 -27.62 -22.03
N TYR B 177 -37.23 -28.30 -20.89
CA TYR B 177 -36.78 -29.70 -20.95
C TYR B 177 -37.98 -30.53 -21.37
N ALA B 178 -37.86 -31.17 -22.53
CA ALA B 178 -39.02 -31.81 -23.12
C ALA B 178 -39.38 -32.97 -22.24
N SER B 179 -38.47 -33.39 -21.38
CA SER B 179 -38.79 -34.54 -20.57
C SER B 179 -39.05 -34.21 -19.11
N SER B 180 -39.28 -32.94 -18.82
CA SER B 180 -39.71 -32.55 -17.52
C SER B 180 -40.90 -33.39 -17.01
N LYS B 181 -41.18 -33.34 -15.71
CA LYS B 181 -42.38 -33.95 -15.18
C LYS B 181 -43.56 -33.00 -15.40
N TYR B 182 -43.27 -31.76 -15.80
CA TYR B 182 -44.32 -30.81 -15.91
C TYR B 182 -44.30 -30.15 -17.24
N GLU B 183 -45.46 -30.01 -17.86
CA GLU B 183 -45.48 -29.39 -19.17
C GLU B 183 -46.05 -28.02 -19.00
N ILE B 184 -45.58 -27.08 -19.80
CA ILE B 184 -45.95 -25.72 -19.61
C ILE B 184 -47.14 -25.44 -20.47
N LEU B 185 -48.19 -24.96 -19.83
CA LEU B 185 -49.38 -24.58 -20.54
C LEU B 185 -49.21 -23.18 -21.10
N SER B 186 -48.76 -22.24 -20.27
CA SER B 186 -48.38 -20.89 -20.69
C SER B 186 -47.44 -20.22 -19.67
N ALA B 187 -46.57 -19.35 -20.17
CA ALA B 187 -45.62 -18.68 -19.32
C ALA B 187 -45.39 -17.27 -19.79
N THR B 188 -45.73 -16.29 -18.98
CA THR B 188 -45.54 -14.91 -19.42
C THR B 188 -44.75 -14.07 -18.44
N GLN B 189 -44.21 -12.95 -18.94
CA GLN B 189 -43.44 -11.98 -18.17
C GLN B 189 -43.81 -10.54 -18.50
N THR B 190 -44.55 -9.91 -17.60
CA THR B 190 -45.27 -8.69 -17.89
C THR B 190 -44.84 -7.63 -16.91
N ARG B 191 -44.45 -6.47 -17.41
CA ARG B 191 -44.21 -5.30 -16.57
C ARG B 191 -45.46 -4.90 -15.77
N GLN B 192 -45.28 -4.35 -14.58
CA GLN B 192 -46.40 -3.87 -13.76
C GLN B 192 -45.98 -2.61 -12.98
N VAL B 193 -46.86 -1.60 -13.00
CA VAL B 193 -46.65 -0.41 -12.21
C VAL B 193 -47.62 -0.45 -11.04
N GLN B 194 -47.14 -0.08 -9.88
CA GLN B 194 -47.88 -0.21 -8.63
C GLN B 194 -47.87 1.13 -7.93
N HIS B 195 -49.06 1.61 -7.58
CA HIS B 195 -49.16 2.83 -6.80
C HIS B 195 -49.74 2.53 -5.43
N TYR B 196 -49.02 2.96 -4.39
CA TYR B 196 -49.39 2.71 -2.98
C TYR B 196 -49.96 3.95 -2.23
N SER B 197 -50.52 3.70 -1.03
CA SER B 197 -51.11 4.79 -0.23
C SER B 197 -50.06 5.54 0.59
N CYS B 198 -49.13 4.79 1.20
CA CYS B 198 -47.94 5.36 1.90
C CYS B 198 -47.08 6.30 1.04
N CYS B 199 -47.08 6.09 -0.29
CA CYS B 199 -45.94 6.48 -1.11
C CYS B 199 -46.29 7.09 -2.48
N PRO B 200 -45.69 8.25 -2.80
CA PRO B 200 -45.84 8.83 -4.14
C PRO B 200 -45.09 8.05 -5.22
N GLU B 201 -44.01 7.35 -4.82
CA GLU B 201 -43.11 6.66 -5.76
C GLU B 201 -43.81 5.55 -6.49
N PRO B 202 -43.56 5.42 -7.80
CA PRO B 202 -44.05 4.26 -8.54
C PRO B 202 -43.16 3.02 -8.31
N TYR B 203 -43.76 1.83 -8.31
CA TYR B 203 -42.98 0.61 -8.12
C TYR B 203 -43.20 -0.40 -9.21
N ILE B 204 -42.10 -0.88 -9.77
CA ILE B 204 -42.11 -1.66 -10.98
C ILE B 204 -41.63 -3.04 -10.60
N ASP B 205 -42.20 -4.05 -11.24
CA ASP B 205 -41.79 -5.41 -11.12
C ASP B 205 -42.08 -6.01 -12.49
N VAL B 206 -41.54 -7.19 -12.76
CA VAL B 206 -41.97 -8.01 -13.88
C VAL B 206 -42.57 -9.23 -13.22
N ASN B 207 -43.78 -9.61 -13.67
CA ASN B 207 -44.59 -10.73 -13.12
C ASN B 207 -44.48 -11.93 -14.00
N LEU B 208 -43.88 -12.97 -13.40
CA LEU B 208 -43.62 -14.21 -14.07
C LEU B 208 -44.77 -15.09 -13.65
N VAL B 209 -45.62 -15.45 -14.60
CA VAL B 209 -46.82 -16.22 -14.33
C VAL B 209 -46.71 -17.46 -15.18
N VAL B 210 -46.93 -18.62 -14.56
CA VAL B 210 -46.73 -19.88 -15.22
C VAL B 210 -47.91 -20.81 -14.96
N LYS B 211 -48.49 -21.40 -16.01
CA LYS B 211 -49.64 -22.33 -15.92
C LYS B 211 -49.01 -23.63 -16.35
N PHE B 212 -49.16 -24.69 -15.58
CA PHE B 212 -48.43 -25.93 -15.94
C PHE B 212 -49.14 -27.15 -15.41
N ARG B 213 -48.89 -28.32 -15.98
CA ARG B 213 -49.57 -29.54 -15.52
C ARG B 213 -48.63 -30.72 -15.58
N GLU B 214 -48.93 -31.80 -14.86
CA GLU B 214 -48.10 -33.00 -14.94
C GLU B 214 -48.11 -33.48 -16.38
N ARG B 215 -46.95 -33.86 -16.92
CA ARG B 215 -46.80 -34.23 -18.33
C ARG B 215 -47.54 -35.55 -18.61
N ARG B 216 -48.16 -35.63 -19.81
CA ARG B 216 -49.03 -36.75 -20.24
C ARG B 216 -48.63 -37.41 -21.58
N ASP C 1 24.28 -29.85 3.92
CA ASP C 1 24.98 -30.37 2.72
C ASP C 1 24.89 -29.37 1.59
N TYR C 2 25.56 -29.67 0.48
CA TYR C 2 25.33 -28.98 -0.79
C TYR C 2 24.11 -29.57 -1.53
N LYS C 3 23.41 -30.48 -0.86
CA LYS C 3 22.06 -30.89 -1.27
C LYS C 3 21.03 -29.94 -0.67
N ASP C 4 21.10 -29.72 0.65
CA ASP C 4 20.31 -28.67 1.31
C ASP C 4 20.42 -27.28 0.65
N ASP C 5 21.54 -27.04 -0.05
CA ASP C 5 21.71 -25.87 -0.92
C ASP C 5 20.93 -26.01 -2.24
N ASP C 6 21.10 -27.14 -2.92
CA ASP C 6 20.42 -27.36 -4.19
C ASP C 6 18.91 -27.30 -3.97
N LYS C 7 18.40 -27.97 -2.94
CA LYS C 7 16.98 -27.90 -2.60
C LYS C 7 16.51 -26.45 -2.47
N LEU C 8 17.03 -25.76 -1.45
CA LEU C 8 16.92 -24.30 -1.34
C LEU C 8 16.90 -23.54 -2.70
N HIS C 9 17.78 -23.91 -3.63
CA HIS C 9 17.86 -23.29 -4.98
C HIS C 9 16.81 -23.77 -6.01
N SER C 10 16.27 -24.97 -5.81
CA SER C 10 15.12 -25.40 -6.62
C SER C 10 13.82 -24.67 -6.25
N GLN C 11 13.59 -24.46 -4.96
CA GLN C 11 12.51 -23.62 -4.50
C GLN C 11 12.58 -22.20 -4.99
N ALA C 12 13.79 -21.64 -5.07
CA ALA C 12 13.89 -20.23 -5.47
C ALA C 12 13.71 -20.08 -6.97
N ASN C 13 14.11 -21.09 -7.72
CA ASN C 13 13.79 -21.13 -9.14
C ASN C 13 12.27 -21.18 -9.33
N LEU C 14 11.56 -22.05 -8.60
CA LEU C 14 10.10 -22.09 -8.75
C LEU C 14 9.45 -20.77 -8.32
N MET C 15 9.80 -20.26 -7.14
CA MET C 15 9.21 -19.00 -6.62
C MET C 15 9.49 -17.84 -7.53
N ARG C 16 10.59 -17.90 -8.24
CA ARG C 16 10.94 -16.85 -9.18
C ARG C 16 10.12 -16.92 -10.44
N LEU C 17 10.09 -18.11 -11.03
CA LEU C 17 9.23 -18.48 -12.16
C LEU C 17 7.81 -18.04 -11.91
N LYS C 18 7.30 -18.39 -10.74
CA LYS C 18 5.89 -18.06 -10.48
C LYS C 18 5.75 -16.55 -10.42
N SER C 19 6.77 -15.91 -9.86
CA SER C 19 6.78 -14.48 -9.73
C SER C 19 6.85 -13.76 -11.10
N ASP C 20 7.61 -14.29 -12.05
CA ASP C 20 7.69 -13.68 -13.38
C ASP C 20 6.43 -13.86 -14.24
N LEU C 21 5.77 -15.00 -14.12
CA LEU C 21 4.50 -15.15 -14.82
C LEU C 21 3.37 -14.44 -14.07
N PHE C 22 3.39 -14.42 -12.74
CA PHE C 22 2.22 -13.90 -12.01
C PHE C 22 2.15 -12.41 -11.58
N ASN C 23 3.23 -11.85 -11.04
CA ASN C 23 3.17 -10.47 -10.50
C ASN C 23 3.66 -9.51 -11.57
N ARG C 24 4.90 -9.73 -11.98
CA ARG C 24 5.41 -9.16 -13.21
CA ARG C 24 5.43 -9.18 -13.22
C ARG C 24 4.47 -9.66 -14.32
N SER C 25 4.03 -8.76 -15.20
CA SER C 25 3.13 -9.13 -16.36
C SER C 25 1.85 -8.29 -16.51
N MET C 27 -2.47 -10.26 -16.60
CA MET C 27 -3.18 -11.53 -16.44
C MET C 27 -4.20 -11.81 -17.55
N TYR C 28 -3.80 -12.62 -18.51
CA TYR C 28 -4.67 -13.00 -19.60
C TYR C 28 -6.08 -12.61 -19.31
N PRO C 29 -6.62 -11.79 -20.20
CA PRO C 29 -7.93 -11.21 -20.07
C PRO C 29 -8.94 -12.10 -20.69
N GLY C 30 -8.49 -13.27 -21.10
CA GLY C 30 -9.36 -14.20 -21.74
C GLY C 30 -9.19 -14.13 -23.21
N PRO C 31 -9.76 -15.08 -23.90
CA PRO C 31 -9.72 -15.14 -25.35
C PRO C 31 -10.49 -14.03 -26.03
N THR C 32 -10.18 -13.73 -27.26
CA THR C 32 -10.95 -12.70 -28.01
C THR C 32 -11.16 -13.20 -29.40
N LYS C 33 -11.96 -12.49 -30.18
CA LYS C 33 -12.04 -12.84 -31.61
C LYS C 33 -10.70 -12.77 -32.39
N ASP C 34 -9.76 -11.96 -31.92
CA ASP C 34 -8.52 -11.90 -32.66
C ASP C 34 -7.53 -12.86 -32.07
N ASP C 35 -7.81 -13.29 -30.84
CA ASP C 35 -6.98 -14.30 -30.16
C ASP C 35 -7.81 -15.45 -29.54
N PRO C 36 -8.39 -16.34 -30.39
CA PRO C 36 -9.27 -17.39 -29.89
C PRO C 36 -8.49 -18.48 -29.17
N LEU C 37 -9.24 -19.35 -28.49
CA LEU C 37 -8.66 -20.39 -27.65
C LEU C 37 -9.32 -21.72 -27.93
N THR C 38 -8.53 -22.78 -28.05
CA THR C 38 -9.15 -24.09 -28.06
C THR C 38 -9.09 -24.73 -26.66
N VAL C 39 -10.25 -25.15 -26.13
CA VAL C 39 -10.30 -25.94 -24.90
C VAL C 39 -10.56 -27.44 -25.18
N THR C 40 -9.67 -28.31 -24.77
CA THR C 40 -9.96 -29.73 -24.90
C THR C 40 -10.68 -30.24 -23.67
N LEU C 41 -11.82 -30.90 -23.90
CA LEU C 41 -12.62 -31.45 -22.83
C LEU C 41 -12.65 -32.93 -22.91
N GLY C 42 -12.55 -33.60 -21.76
CA GLY C 42 -12.70 -35.04 -21.68
C GLY C 42 -13.25 -35.45 -20.34
N PHE C 43 -14.24 -36.36 -20.36
CA PHE C 43 -14.82 -36.93 -19.18
C PHE C 43 -14.36 -38.33 -18.78
N THR C 44 -14.13 -38.49 -17.47
CA THR C 44 -13.97 -39.78 -16.78
C THR C 44 -15.17 -39.94 -15.87
N LEU C 45 -16.11 -40.74 -16.29
CA LEU C 45 -17.31 -40.98 -15.51
C LEU C 45 -17.01 -41.97 -14.39
N GLN C 46 -17.37 -41.59 -13.16
CA GLN C 46 -17.06 -42.52 -12.07
C GLN C 46 -18.28 -43.19 -11.57
N ASP C 47 -19.38 -42.48 -11.54
CA ASP C 47 -20.54 -43.02 -10.89
C ASP C 47 -21.83 -42.28 -11.28
N ILE C 48 -22.91 -43.04 -11.45
CA ILE C 48 -24.23 -42.48 -11.43
C ILE C 48 -24.65 -42.81 -10.03
N VAL C 49 -24.79 -41.77 -9.24
CA VAL C 49 -25.05 -41.92 -7.84
C VAL C 49 -26.53 -42.11 -7.64
N LYS C 50 -27.33 -41.36 -8.43
CA LYS C 50 -28.74 -41.25 -8.17
C LYS C 50 -29.59 -40.80 -9.36
N ALA C 51 -30.80 -41.33 -9.38
CA ALA C 51 -31.79 -41.10 -10.41
C ALA C 51 -33.14 -40.85 -9.77
N ASP C 52 -33.57 -39.60 -9.77
CA ASP C 52 -34.83 -39.22 -9.17
C ASP C 52 -35.92 -39.12 -10.23
N SER C 53 -36.97 -39.92 -10.06
CA SER C 53 -37.98 -40.08 -11.11
C SER C 53 -39.22 -39.38 -10.70
N SER C 54 -39.22 -38.83 -9.48
CA SER C 54 -40.26 -37.91 -9.10
C SER C 54 -39.87 -36.46 -9.48
N THR C 55 -38.62 -36.25 -9.91
CA THR C 55 -38.16 -34.89 -10.30
C THR C 55 -37.46 -34.87 -11.63
N ASN C 56 -37.02 -36.02 -12.11
CA ASN C 56 -36.26 -36.15 -13.36
C ASN C 56 -34.87 -35.48 -13.30
N GLU C 57 -34.22 -35.69 -12.14
CA GLU C 57 -32.83 -35.33 -11.97
C GLU C 57 -31.99 -36.59 -11.82
N VAL C 58 -30.83 -36.58 -12.48
CA VAL C 58 -29.82 -37.57 -12.22
C VAL C 58 -28.52 -36.87 -11.76
N ASP C 59 -27.82 -37.52 -10.83
CA ASP C 59 -26.63 -37.00 -10.21
C ASP C 59 -25.48 -37.85 -10.69
N LEU C 60 -24.51 -37.24 -11.34
CA LEU C 60 -23.32 -37.96 -11.76
C LEU C 60 -22.09 -37.47 -11.00
N VAL C 61 -21.10 -38.35 -10.85
CA VAL C 61 -19.76 -38.02 -10.41
C VAL C 61 -18.72 -38.32 -11.51
N TYR C 62 -17.88 -37.33 -11.81
CA TYR C 62 -16.92 -37.51 -12.87
C TYR C 62 -15.79 -36.54 -12.62
N TYR C 63 -14.69 -36.77 -13.30
CA TYR C 63 -13.56 -35.88 -13.41
C TYR C 63 -13.62 -35.26 -14.80
N GLU C 64 -13.51 -33.94 -14.87
CA GLU C 64 -13.55 -33.24 -16.15
C GLU C 64 -12.17 -32.65 -16.50
N GLN C 65 -11.54 -33.28 -17.46
CA GLN C 65 -10.24 -32.92 -17.97
C GLN C 65 -10.40 -31.65 -18.82
N GLN C 66 -9.65 -30.62 -18.47
CA GLN C 66 -9.62 -29.38 -19.25
C GLN C 66 -8.21 -29.08 -19.60
N ARG C 67 -8.02 -28.64 -20.82
CA ARG C 67 -6.69 -28.50 -21.33
C ARG C 67 -6.70 -27.37 -22.33
N TRP C 68 -5.77 -26.44 -22.19
CA TRP C 68 -5.63 -25.38 -23.18
C TRP C 68 -4.21 -24.81 -23.14
N LYS C 69 -3.95 -23.77 -23.92
CA LYS C 69 -2.60 -23.26 -24.05
C LYS C 69 -2.59 -21.76 -24.22
N LEU C 70 -1.61 -21.14 -23.57
CA LEU C 70 -1.49 -19.70 -23.56
C LEU C 70 -0.06 -19.32 -23.79
N ASN C 71 0.15 -18.53 -24.84
CA ASN C 71 1.50 -17.97 -25.09
C ASN C 71 2.09 -17.32 -23.83
N SER C 72 1.23 -16.61 -23.10
CA SER C 72 1.66 -15.81 -21.97
C SER C 72 2.20 -16.62 -20.77
N LEU C 73 2.06 -17.94 -20.85
CA LEU C 73 2.48 -18.86 -19.79
C LEU C 73 3.69 -19.66 -20.20
N MET C 74 4.27 -19.36 -21.35
CA MET C 74 5.49 -20.07 -21.67
C MET C 74 6.73 -19.52 -21.00
N TRP C 75 7.70 -20.39 -20.77
CA TRP C 75 8.94 -19.96 -20.23
C TRP C 75 9.97 -20.93 -20.76
N ASP C 76 11.25 -20.55 -20.61
CA ASP C 76 12.40 -21.29 -21.10
C ASP C 76 12.97 -22.01 -19.92
N PRO C 77 12.84 -23.35 -19.88
CA PRO C 77 13.21 -24.10 -18.71
C PRO C 77 14.63 -23.83 -18.32
N ASN C 78 15.45 -23.41 -19.27
CA ASN C 78 16.88 -23.26 -18.95
C ASN C 78 17.22 -22.00 -18.18
N GLU C 79 16.32 -21.04 -18.25
CA GLU C 79 16.38 -19.86 -17.39
C GLU C 79 15.89 -20.15 -15.98
N TYR C 80 15.29 -21.31 -15.76
CA TYR C 80 14.67 -21.59 -14.48
C TYR C 80 15.05 -22.96 -13.94
N GLY C 81 16.37 -23.20 -13.87
CA GLY C 81 16.92 -24.37 -13.19
C GLY C 81 16.32 -25.66 -13.68
N ASN C 82 16.01 -25.68 -14.97
CA ASN C 82 15.43 -26.82 -15.68
C ASN C 82 14.02 -27.24 -15.29
N ILE C 83 13.22 -26.30 -14.78
CA ILE C 83 11.84 -26.63 -14.42
C ILE C 83 11.01 -26.69 -15.69
N THR C 84 10.39 -27.84 -15.86
CA THR C 84 9.61 -28.09 -17.06
C THR C 84 8.12 -27.86 -16.84
N ASP C 85 7.68 -27.90 -15.60
CA ASP C 85 6.27 -27.63 -15.30
C ASP C 85 6.09 -27.41 -13.81
N PHE C 86 4.93 -26.89 -13.43
CA PHE C 86 4.62 -26.71 -11.99
C PHE C 86 3.14 -26.83 -11.70
N ARG C 87 2.84 -26.95 -10.42
CA ARG C 87 1.47 -26.98 -9.90
C ARG C 87 1.12 -25.64 -9.33
N THR C 88 -0.12 -25.23 -9.48
CA THR C 88 -0.48 -23.99 -8.86
C THR C 88 -1.97 -23.87 -8.74
N SER C 89 -2.36 -23.04 -7.79
CA SER C 89 -3.73 -22.88 -7.50
C SER C 89 -4.37 -22.36 -8.78
N ALA C 90 -5.52 -22.91 -9.08
CA ALA C 90 -6.33 -22.50 -10.24
C ALA C 90 -6.71 -21.00 -10.17
N ALA C 91 -6.67 -20.39 -8.99
CA ALA C 91 -7.00 -18.98 -8.84
C ALA C 91 -5.92 -18.04 -9.36
N ASP C 92 -4.73 -18.57 -9.62
CA ASP C 92 -3.60 -17.77 -10.10
C ASP C 92 -3.71 -17.62 -11.59
N ILE C 93 -4.53 -18.45 -12.23
CA ILE C 93 -4.57 -18.40 -13.66
C ILE C 93 -5.98 -18.18 -14.16
N TRP C 94 -6.06 -17.71 -15.36
CA TRP C 94 -7.28 -17.74 -16.01
C TRP C 94 -7.76 -19.18 -16.24
N THR C 95 -9.07 -19.39 -16.09
CA THR C 95 -9.69 -20.65 -16.43
C THR C 95 -10.99 -20.42 -17.21
N PRO C 96 -11.26 -21.30 -18.15
CA PRO C 96 -12.44 -21.27 -18.98
C PRO C 96 -13.74 -21.47 -18.19
N ASP C 97 -14.82 -20.80 -18.61
CA ASP C 97 -16.12 -20.90 -17.98
C ASP C 97 -16.93 -22.11 -18.55
N ILE C 98 -16.29 -23.27 -18.68
CA ILE C 98 -17.02 -24.45 -19.12
C ILE C 98 -18.13 -24.82 -18.11
N THR C 99 -19.39 -24.88 -18.55
CA THR C 99 -20.56 -25.10 -17.65
C THR C 99 -21.53 -26.12 -18.24
N ALA C 100 -22.27 -26.80 -17.40
CA ALA C 100 -23.36 -27.68 -17.85
C ALA C 100 -24.52 -26.79 -18.25
N TYR C 101 -25.15 -27.06 -19.39
CA TYR C 101 -26.25 -26.19 -19.81
C TYR C 101 -27.56 -26.52 -19.16
N SER C 102 -27.66 -27.70 -18.58
CA SER C 102 -28.94 -28.17 -18.05
C SER C 102 -28.81 -28.79 -16.62
N SER C 103 -27.91 -28.19 -15.80
CA SER C 103 -27.79 -28.59 -14.40
C SER C 103 -28.99 -28.07 -13.68
N THR C 104 -29.28 -28.61 -12.49
CA THR C 104 -30.48 -28.22 -11.73
C THR C 104 -30.12 -27.84 -10.32
N ARG C 105 -28.87 -28.04 -9.95
CA ARG C 105 -28.38 -27.33 -8.79
CA ARG C 105 -28.27 -27.68 -8.65
C ARG C 105 -26.88 -27.07 -8.92
N PRO C 106 -26.30 -26.29 -7.98
CA PRO C 106 -24.91 -25.91 -8.28
C PRO C 106 -24.01 -27.14 -8.32
N VAL C 107 -23.07 -27.14 -9.27
CA VAL C 107 -22.06 -28.17 -9.34
C VAL C 107 -21.27 -28.29 -8.02
N GLN C 108 -21.07 -29.51 -7.59
CA GLN C 108 -20.34 -29.75 -6.35
C GLN C 108 -18.92 -30.17 -6.63
N VAL C 109 -17.97 -29.35 -6.17
CA VAL C 109 -16.56 -29.60 -6.46
C VAL C 109 -16.02 -30.56 -5.45
N LEU C 110 -15.33 -31.60 -5.90
CA LEU C 110 -14.85 -32.59 -4.91
C LEU C 110 -13.35 -32.74 -4.86
N SER C 111 -12.61 -31.93 -5.61
CA SER C 111 -11.16 -32.05 -5.67
C SER C 111 -10.60 -30.63 -5.54
N PRO C 112 -9.35 -30.50 -5.07
CA PRO C 112 -8.74 -29.19 -4.88
C PRO C 112 -8.55 -28.46 -6.19
N GLN C 113 -8.73 -27.15 -6.18
CA GLN C 113 -8.70 -26.42 -7.44
C GLN C 113 -7.27 -26.02 -7.74
N ILE C 114 -6.53 -26.92 -8.39
CA ILE C 114 -5.12 -26.75 -8.71
C ILE C 114 -4.88 -27.22 -10.16
N ALA C 115 -4.03 -26.50 -10.90
CA ALA C 115 -3.71 -26.87 -12.28
C ALA C 115 -2.25 -27.17 -12.42
N VAL C 116 -1.92 -27.81 -13.54
CA VAL C 116 -0.55 -28.03 -13.91
C VAL C 116 -0.25 -27.22 -15.16
N VAL C 117 0.79 -26.39 -15.07
CA VAL C 117 1.26 -25.60 -16.22
C VAL C 117 2.60 -26.10 -16.68
N THR C 118 2.75 -26.22 -18.00
CA THR C 118 3.96 -26.73 -18.59
C THR C 118 4.59 -25.61 -19.43
N HIS C 119 5.93 -25.68 -19.50
CA HIS C 119 6.77 -24.65 -20.13
C HIS C 119 6.34 -24.19 -21.51
N ASP C 120 5.61 -25.04 -22.25
CA ASP C 120 5.08 -24.66 -23.56
C ASP C 120 3.82 -23.86 -23.43
N GLY C 121 3.45 -23.51 -22.19
CA GLY C 121 2.27 -22.68 -21.96
C GLY C 121 0.95 -23.45 -21.87
N SER C 122 1.04 -24.78 -21.79
CA SER C 122 -0.20 -25.53 -21.70
C SER C 122 -0.61 -25.94 -20.28
N VAL C 123 -1.91 -25.97 -20.05
CA VAL C 123 -2.46 -26.08 -18.75
C VAL C 123 -3.39 -27.26 -18.75
N MET C 124 -3.23 -28.14 -17.78
CA MET C 124 -4.18 -29.15 -17.57
C MET C 124 -4.81 -28.94 -16.24
N PHE C 125 -6.14 -28.90 -16.21
CA PHE C 125 -6.87 -28.66 -14.99
C PHE C 125 -7.97 -29.74 -14.97
N ILE C 126 -8.08 -30.50 -13.88
CA ILE C 126 -9.02 -31.62 -13.82
C ILE C 126 -9.84 -31.70 -12.54
N PRO C 127 -10.92 -30.91 -12.44
CA PRO C 127 -11.78 -30.96 -11.27
C PRO C 127 -12.77 -32.11 -11.28
N ALA C 128 -12.89 -32.77 -10.14
CA ALA C 128 -13.93 -33.75 -9.94
C ALA C 128 -15.19 -33.03 -9.50
N GLN C 129 -16.36 -33.47 -10.00
CA GLN C 129 -17.59 -32.77 -9.79
C GLN C 129 -18.75 -33.72 -9.59
N ARG C 130 -19.75 -33.26 -8.86
CA ARG C 130 -20.97 -33.95 -8.82
C ARG C 130 -22.03 -33.05 -9.43
N LEU C 131 -22.64 -33.51 -10.52
CA LEU C 131 -23.72 -32.77 -11.20
C LEU C 131 -25.05 -33.42 -11.03
N SER C 132 -26.04 -32.66 -10.54
CA SER C 132 -27.48 -32.87 -10.84
C SER C 132 -27.86 -32.22 -12.17
N PHE C 133 -28.32 -33.00 -13.12
CA PHE C 133 -28.87 -32.43 -14.36
C PHE C 133 -30.25 -33.10 -14.80
N MET C 134 -30.86 -32.52 -15.85
CA MET C 134 -32.20 -32.90 -16.29
C MET C 134 -32.15 -34.22 -17.04
N CYS C 135 -32.87 -35.19 -16.53
CA CYS C 135 -32.79 -36.52 -17.07
C CYS C 135 -33.99 -37.34 -16.57
N ASP C 136 -34.72 -37.92 -17.52
CA ASP C 136 -35.78 -38.86 -17.21
C ASP C 136 -35.14 -40.25 -17.06
N PRO C 137 -35.26 -40.89 -15.87
CA PRO C 137 -34.69 -42.22 -15.83
C PRO C 137 -35.68 -43.32 -16.26
N THR C 138 -36.84 -42.93 -16.81
CA THR C 138 -37.80 -43.90 -17.39
C THR C 138 -37.08 -45.02 -18.13
N GLY C 139 -37.32 -46.24 -17.69
CA GLY C 139 -36.85 -47.40 -18.39
C GLY C 139 -35.49 -47.77 -17.89
N VAL C 140 -35.09 -47.19 -16.76
CA VAL C 140 -33.79 -47.49 -16.18
C VAL C 140 -33.88 -48.87 -15.56
N ASP C 141 -35.09 -49.21 -15.15
CA ASP C 141 -35.36 -50.55 -14.60
C ASP C 141 -35.67 -51.56 -15.70
N SER C 142 -35.15 -51.36 -16.90
CA SER C 142 -35.44 -52.27 -18.00
C SER C 142 -34.13 -52.78 -18.56
N GLU C 143 -34.20 -53.56 -19.63
CA GLU C 143 -33.01 -54.09 -20.31
C GLU C 143 -32.31 -52.99 -21.12
N GLU C 144 -33.12 -52.18 -21.81
CA GLU C 144 -32.67 -51.20 -22.79
C GLU C 144 -32.21 -49.89 -22.14
N GLY C 145 -32.82 -49.55 -21.01
CA GLY C 145 -32.28 -48.57 -20.09
C GLY C 145 -32.81 -47.19 -20.35
N ALA C 146 -32.21 -46.19 -19.68
CA ALA C 146 -32.55 -44.82 -19.96
C ALA C 146 -31.41 -44.15 -20.68
N THR C 147 -31.74 -43.14 -21.48
CA THR C 147 -30.73 -42.32 -22.08
C THR C 147 -30.83 -40.93 -21.49
N CYS C 148 -29.69 -40.35 -21.16
CA CYS C 148 -29.68 -38.92 -20.82
C CYS C 148 -28.53 -38.15 -21.49
N ALA C 149 -28.78 -36.89 -21.74
CA ALA C 149 -27.77 -36.01 -22.33
C ALA C 149 -27.61 -34.67 -21.53
N VAL C 150 -26.40 -34.13 -21.55
CA VAL C 150 -26.20 -32.77 -21.00
C VAL C 150 -25.08 -32.20 -21.78
N LYS C 151 -25.24 -30.94 -22.19
CA LYS C 151 -24.16 -30.26 -22.93
C LYS C 151 -23.39 -29.32 -22.03
N PHE C 152 -22.10 -29.23 -22.33
CA PHE C 152 -21.13 -28.42 -21.63
C PHE C 152 -20.47 -27.51 -22.62
N GLY C 153 -20.17 -26.29 -22.20
CA GLY C 153 -19.39 -25.39 -23.01
C GLY C 153 -19.40 -24.03 -22.37
N SER C 154 -18.73 -23.07 -23.00
CA SER C 154 -18.63 -21.76 -22.41
C SER C 154 -20.01 -21.22 -22.19
N TRP C 155 -20.17 -20.54 -21.07
CA TRP C 155 -21.35 -19.76 -20.79
C TRP C 155 -21.39 -18.43 -21.60
N VAL C 156 -20.26 -17.74 -21.80
CA VAL C 156 -20.40 -16.44 -22.42
C VAL C 156 -19.62 -16.25 -23.70
N TYR C 157 -18.69 -17.16 -24.01
CA TYR C 157 -17.94 -17.06 -25.24
C TYR C 157 -18.52 -17.93 -26.35
N SER C 158 -18.77 -17.32 -27.50
CA SER C 158 -19.25 -18.04 -28.67
C SER C 158 -18.06 -18.76 -29.24
N GLY C 159 -18.28 -19.51 -30.31
CA GLY C 159 -17.17 -20.21 -30.98
C GLY C 159 -16.10 -19.34 -31.61
N PHE C 160 -16.35 -18.03 -31.70
CA PHE C 160 -15.36 -17.17 -32.31
C PHE C 160 -14.24 -16.94 -31.32
N GLU C 161 -14.55 -17.11 -30.02
CA GLU C 161 -13.56 -16.89 -28.97
C GLU C 161 -13.11 -18.17 -28.34
N ILE C 162 -14.08 -19.04 -28.04
CA ILE C 162 -13.69 -20.35 -27.48
C ILE C 162 -14.16 -21.47 -28.38
N ASP C 163 -13.22 -22.28 -28.84
CA ASP C 163 -13.54 -23.49 -29.53
C ASP C 163 -13.26 -24.71 -28.62
N LEU C 164 -14.04 -25.79 -28.77
CA LEU C 164 -13.83 -26.99 -27.96
C LEU C 164 -13.49 -28.14 -28.84
N LYS C 165 -12.70 -29.06 -28.34
CA LYS C 165 -12.47 -30.31 -29.04
C LYS C 165 -12.35 -31.47 -28.01
N THR C 166 -12.44 -32.73 -28.45
CA THR C 166 -12.23 -33.91 -27.62
C THR C 166 -11.13 -34.71 -28.23
N ASP C 167 -10.42 -35.49 -27.43
CA ASP C 167 -9.37 -36.33 -28.00
C ASP C 167 -9.95 -37.66 -28.52
N THR C 168 -11.17 -37.95 -28.07
CA THR C 168 -11.91 -39.15 -28.43
C THR C 168 -13.38 -38.85 -28.22
N ASP C 169 -14.26 -39.69 -28.74
CA ASP C 169 -15.67 -39.47 -28.56
C ASP C 169 -16.19 -40.40 -27.49
N GLN C 170 -15.35 -41.34 -27.08
CA GLN C 170 -15.70 -42.27 -26.01
CA GLN C 170 -15.70 -42.26 -26.02
C GLN C 170 -15.36 -41.63 -24.67
N VAL C 171 -16.40 -41.38 -23.87
CA VAL C 171 -16.24 -41.00 -22.44
C VAL C 171 -15.39 -42.04 -21.77
N ASP C 172 -14.42 -41.69 -20.94
CA ASP C 172 -13.56 -42.75 -20.34
C ASP C 172 -14.22 -43.44 -19.15
N LEU C 173 -14.34 -44.77 -19.24
CA LEU C 173 -15.09 -45.57 -18.24
C LEU C 173 -14.20 -46.54 -17.49
N SER C 174 -12.90 -46.41 -17.68
CA SER C 174 -11.99 -47.31 -16.96
C SER C 174 -11.94 -47.05 -15.44
N SER C 175 -12.69 -46.06 -14.94
CA SER C 175 -12.77 -45.88 -13.48
C SER C 175 -14.21 -45.88 -13.02
N TYR C 176 -15.11 -46.43 -13.83
CA TYR C 176 -16.51 -46.38 -13.42
C TYR C 176 -16.66 -47.30 -12.23
N TYR C 177 -17.44 -46.87 -11.24
CA TYR C 177 -17.56 -47.64 -10.04
C TYR C 177 -18.26 -49.02 -10.27
N ALA C 178 -17.47 -50.10 -10.15
CA ALA C 178 -17.95 -51.50 -10.40
C ALA C 178 -19.17 -51.85 -9.58
N SER C 179 -19.33 -51.25 -8.40
CA SER C 179 -20.56 -51.55 -7.62
C SER C 179 -21.62 -50.43 -7.55
N SER C 180 -21.59 -49.53 -8.54
CA SER C 180 -22.67 -48.51 -8.61
C SER C 180 -24.02 -49.19 -8.71
N LYS C 181 -25.09 -48.52 -8.25
CA LYS C 181 -26.47 -48.95 -8.55
C LYS C 181 -26.74 -49.05 -10.07
N TYR C 182 -25.87 -48.44 -10.88
CA TYR C 182 -26.15 -48.23 -12.31
C TYR C 182 -24.96 -48.70 -13.11
N GLU C 183 -25.17 -49.57 -14.08
CA GLU C 183 -24.10 -49.84 -15.01
C GLU C 183 -24.28 -49.03 -16.32
N ILE C 184 -23.22 -48.94 -17.11
CA ILE C 184 -23.23 -48.05 -18.25
C ILE C 184 -23.26 -48.86 -19.53
N LEU C 185 -24.21 -48.53 -20.38
CA LEU C 185 -24.40 -49.24 -21.61
C LEU C 185 -23.52 -48.55 -22.65
N SER C 186 -23.55 -47.23 -22.62
CA SER C 186 -22.68 -46.43 -23.46
C SER C 186 -22.53 -45.02 -22.89
N ALA C 187 -21.38 -44.41 -23.15
CA ALA C 187 -21.16 -43.02 -22.75
C ALA C 187 -20.30 -42.32 -23.78
N THR C 188 -20.79 -41.23 -24.33
CA THR C 188 -20.07 -40.58 -25.40
C THR C 188 -20.03 -39.08 -25.17
N GLN C 189 -19.02 -38.48 -25.79
CA GLN C 189 -18.75 -37.08 -25.60
C GLN C 189 -18.42 -36.51 -26.97
N THR C 190 -19.37 -35.75 -27.52
CA THR C 190 -19.27 -35.34 -28.91
C THR C 190 -19.35 -33.85 -29.13
N ARG C 191 -18.34 -33.30 -29.81
CA ARG C 191 -18.40 -31.92 -30.36
C ARG C 191 -19.59 -31.62 -31.29
N GLN C 192 -20.39 -30.63 -30.92
CA GLN C 192 -21.43 -30.16 -31.76
C GLN C 192 -21.12 -28.74 -32.06
N VAL C 193 -21.55 -28.30 -33.25
CA VAL C 193 -21.47 -26.92 -33.67
C VAL C 193 -22.91 -26.51 -33.88
N GLN C 194 -23.32 -25.37 -33.36
CA GLN C 194 -24.66 -24.89 -33.64
C GLN C 194 -24.72 -23.45 -34.14
N HIS C 195 -25.74 -23.19 -34.97
CA HIS C 195 -25.93 -21.91 -35.61
C HIS C 195 -27.36 -21.47 -35.34
N TYR C 196 -27.54 -20.28 -34.79
CA TYR C 196 -28.88 -19.80 -34.55
C TYR C 196 -29.32 -18.74 -35.58
N SER C 197 -30.63 -18.47 -35.61
CA SER C 197 -31.19 -17.48 -36.53
C SER C 197 -30.82 -16.08 -36.06
N CYS C 198 -31.11 -15.82 -34.77
CA CYS C 198 -30.77 -14.59 -34.05
C CYS C 198 -29.38 -14.00 -34.35
N CYS C 199 -28.48 -14.86 -34.85
CA CYS C 199 -27.06 -14.71 -34.62
C CYS C 199 -26.16 -15.26 -35.76
N PRO C 200 -25.09 -14.51 -36.11
CA PRO C 200 -24.12 -15.02 -37.09
C PRO C 200 -23.10 -16.04 -36.52
N GLU C 201 -22.73 -15.92 -35.24
CA GLU C 201 -21.59 -16.70 -34.65
C GLU C 201 -21.88 -18.19 -34.41
N PRO C 202 -20.87 -19.07 -34.61
CA PRO C 202 -20.97 -20.49 -34.23
C PRO C 202 -20.98 -20.75 -32.69
N TYR C 203 -21.73 -21.75 -32.26
CA TYR C 203 -21.81 -22.14 -30.85
C TYR C 203 -21.39 -23.57 -30.65
N ILE C 204 -20.26 -23.71 -29.93
CA ILE C 204 -19.60 -24.99 -29.63
C ILE C 204 -20.06 -25.49 -28.27
N ASP C 205 -20.31 -26.80 -28.19
CA ASP C 205 -20.56 -27.51 -26.96
C ASP C 205 -20.03 -28.94 -27.10
N VAL C 206 -19.89 -29.62 -25.96
CA VAL C 206 -19.57 -31.04 -25.98
C VAL C 206 -20.77 -31.69 -25.36
N ASN C 207 -21.34 -32.62 -26.13
CA ASN C 207 -22.57 -33.29 -25.77
C ASN C 207 -22.21 -34.57 -25.10
N LEU C 208 -22.56 -34.64 -23.81
CA LEU C 208 -22.34 -35.85 -23.01
C LEU C 208 -23.63 -36.68 -22.93
N VAL C 209 -23.56 -37.92 -23.46
CA VAL C 209 -24.79 -38.75 -23.60
C VAL C 209 -24.59 -40.07 -22.87
N VAL C 210 -25.54 -40.46 -22.02
CA VAL C 210 -25.33 -41.70 -21.24
C VAL C 210 -26.51 -42.64 -21.27
N LYS C 211 -26.25 -43.88 -21.68
CA LYS C 211 -27.26 -44.93 -21.55
C LYS C 211 -26.90 -45.73 -20.31
N PHE C 212 -27.82 -45.86 -19.38
CA PHE C 212 -27.50 -46.61 -18.17
C PHE C 212 -28.72 -47.46 -17.79
N ARG C 213 -28.51 -48.54 -17.05
CA ARG C 213 -29.64 -49.30 -16.40
C ARG C 213 -29.29 -49.70 -14.98
N GLU C 214 -30.29 -49.95 -14.14
CA GLU C 214 -30.04 -50.55 -12.83
C GLU C 214 -29.18 -51.79 -12.93
N ARG C 215 -28.16 -51.89 -12.09
CA ARG C 215 -27.42 -53.13 -11.87
C ARG C 215 -28.41 -54.24 -11.42
N ARG C 216 -28.27 -55.42 -12.00
CA ARG C 216 -29.17 -56.52 -11.66
C ARG C 216 -28.38 -57.81 -11.43
N LYS D 3 6.05 -10.83 36.70
CA LYS D 3 5.22 -11.96 36.20
C LYS D 3 4.67 -11.64 34.82
N ASP D 4 3.92 -10.54 34.76
CA ASP D 4 3.32 -10.00 33.52
C ASP D 4 4.40 -9.65 32.49
N ASP D 5 5.63 -9.47 32.97
CA ASP D 5 6.77 -9.14 32.13
C ASP D 5 7.39 -10.37 31.49
N ASP D 6 7.48 -11.47 32.22
CA ASP D 6 7.91 -12.74 31.63
C ASP D 6 6.98 -13.15 30.48
N LYS D 7 5.69 -12.94 30.73
CA LYS D 7 4.61 -13.37 29.84
C LYS D 7 4.63 -12.56 28.56
N LEU D 8 4.95 -11.27 28.67
CA LEU D 8 4.97 -10.37 27.51
C LEU D 8 6.14 -10.66 26.56
N HIS D 9 7.29 -11.07 27.12
CA HIS D 9 8.45 -11.37 26.28
C HIS D 9 8.20 -12.66 25.52
N SER D 10 7.66 -13.66 26.21
CA SER D 10 7.34 -14.94 25.57
C SER D 10 6.29 -14.77 24.45
N GLN D 11 5.34 -13.90 24.71
CA GLN D 11 4.35 -13.55 23.73
C GLN D 11 5.03 -12.80 22.61
N ALA D 12 6.05 -12.00 22.91
CA ALA D 12 6.59 -11.21 21.82
C ALA D 12 7.57 -12.06 21.03
N ASN D 13 8.12 -13.07 21.68
CA ASN D 13 8.94 -14.01 20.99
C ASN D 13 8.19 -14.83 19.98
N LEU D 14 6.96 -15.26 20.32
CA LEU D 14 6.06 -15.89 19.36
C LEU D 14 5.68 -14.96 18.20
N MET D 15 5.24 -13.74 18.48
CA MET D 15 4.97 -12.76 17.37
C MET D 15 6.12 -12.72 16.39
N ARG D 16 7.32 -12.60 16.95
CA ARG D 16 8.59 -12.51 16.23
C ARG D 16 8.82 -13.71 15.35
N LEU D 17 8.80 -14.89 15.98
CA LEU D 17 8.87 -16.16 15.20
C LEU D 17 7.84 -16.21 14.03
N LYS D 18 6.58 -15.91 14.32
CA LYS D 18 5.59 -16.00 13.27
C LYS D 18 5.97 -15.04 12.12
N SER D 19 6.07 -13.77 12.44
CA SER D 19 6.47 -12.78 11.48
C SER D 19 7.76 -13.15 10.73
N ASP D 20 8.79 -13.68 11.39
CA ASP D 20 9.96 -14.16 10.64
C ASP D 20 9.72 -15.33 9.66
N LEU D 21 8.89 -16.31 10.07
CA LEU D 21 8.60 -17.46 9.24
C LEU D 21 7.69 -17.08 8.08
N PHE D 22 6.69 -16.26 8.37
CA PHE D 22 5.65 -15.98 7.37
C PHE D 22 6.02 -14.79 6.47
N ASN D 23 7.34 -14.56 6.47
CA ASN D 23 8.07 -13.77 5.46
C ASN D 23 9.44 -14.33 5.11
N ARG D 24 10.18 -13.53 4.35
CA ARG D 24 11.58 -13.81 4.02
C ARG D 24 11.92 -15.35 3.96
N SER D 25 11.48 -16.04 2.91
CA SER D 25 10.98 -15.42 1.68
C SER D 25 9.57 -15.88 1.22
N PRO D 26 8.48 -15.41 1.89
CA PRO D 26 7.11 -15.99 1.90
C PRO D 26 6.81 -17.35 1.21
N MET D 27 5.64 -17.90 1.55
CA MET D 27 5.18 -19.25 1.21
C MET D 27 5.91 -20.09 0.16
N TYR D 28 6.53 -21.14 0.72
CA TYR D 28 7.17 -22.26 0.05
C TYR D 28 6.21 -22.79 -1.00
N PRO D 29 6.68 -22.91 -2.25
CA PRO D 29 5.84 -23.02 -3.43
C PRO D 29 5.29 -24.40 -3.64
N GLY D 30 5.58 -25.31 -2.72
CA GLY D 30 5.16 -26.69 -2.87
C GLY D 30 6.31 -27.56 -3.33
N PRO D 31 6.15 -28.90 -3.25
CA PRO D 31 7.25 -29.80 -3.65
C PRO D 31 7.49 -29.85 -5.17
N THR D 32 8.70 -30.26 -5.53
CA THR D 32 9.14 -30.44 -6.92
C THR D 32 9.86 -31.81 -7.12
N LYS D 33 10.33 -32.07 -8.33
CA LYS D 33 11.04 -33.28 -8.63
C LYS D 33 12.37 -33.25 -7.92
N ASP D 34 12.89 -32.04 -7.78
CA ASP D 34 14.18 -31.78 -7.13
C ASP D 34 14.08 -31.68 -5.62
N ASP D 35 12.92 -31.28 -5.10
CA ASP D 35 12.75 -31.27 -3.66
C ASP D 35 11.44 -31.95 -3.31
N PRO D 36 11.37 -33.29 -3.47
CA PRO D 36 10.12 -34.01 -3.22
C PRO D 36 9.78 -34.02 -1.74
N LEU D 37 8.57 -34.44 -1.43
CA LEU D 37 8.07 -34.35 -0.09
C LEU D 37 7.32 -35.62 0.26
N THR D 38 7.46 -36.06 1.49
CA THR D 38 6.80 -37.23 2.01
C THR D 38 5.76 -36.83 3.06
N VAL D 39 4.50 -37.18 2.83
CA VAL D 39 3.42 -36.90 3.75
C VAL D 39 3.04 -38.22 4.37
N THR D 40 3.02 -38.29 5.71
CA THR D 40 2.52 -39.44 6.40
C THR D 40 1.06 -39.16 6.66
N LEU D 41 0.20 -40.14 6.39
CA LEU D 41 -1.19 -40.08 6.80
C LEU D 41 -1.51 -41.24 7.72
N GLY D 42 -2.51 -41.02 8.55
CA GLY D 42 -3.07 -42.04 9.41
C GLY D 42 -4.51 -41.64 9.68
N PHE D 43 -5.42 -42.61 9.57
CA PHE D 43 -6.80 -42.40 9.91
C PHE D 43 -7.13 -42.80 11.30
N THR D 44 -8.08 -42.06 11.87
CA THR D 44 -8.67 -42.35 13.14
C THR D 44 -10.17 -42.27 12.87
N LEU D 45 -10.78 -43.45 12.72
CA LEU D 45 -12.15 -43.63 12.40
C LEU D 45 -13.01 -43.53 13.61
N GLN D 46 -13.99 -42.65 13.53
CA GLN D 46 -14.87 -42.41 14.63
C GLN D 46 -16.22 -43.04 14.46
N ASP D 47 -16.72 -43.13 13.24
CA ASP D 47 -18.09 -43.59 13.07
C ASP D 47 -18.39 -43.86 11.61
N ILE D 48 -19.13 -44.92 11.36
CA ILE D 48 -19.80 -44.99 10.07
C ILE D 48 -21.17 -44.47 10.39
N VAL D 49 -21.46 -43.31 9.85
CA VAL D 49 -22.69 -42.65 10.26
C VAL D 49 -23.90 -43.24 9.53
N LYS D 50 -23.69 -43.82 8.35
CA LYS D 50 -24.80 -44.12 7.48
C LYS D 50 -24.35 -44.85 6.26
N ALA D 51 -25.11 -45.86 5.91
CA ALA D 51 -24.90 -46.56 4.65
C ALA D 51 -26.22 -46.52 3.89
N ASP D 52 -26.20 -45.90 2.71
CA ASP D 52 -27.42 -45.75 1.90
C ASP D 52 -27.40 -46.79 0.78
N SER D 53 -28.19 -47.84 0.89
CA SER D 53 -28.10 -48.90 -0.15
C SER D 53 -28.93 -48.52 -1.38
N SER D 54 -29.76 -47.50 -1.24
CA SER D 54 -30.44 -47.01 -2.41
C SER D 54 -29.50 -46.19 -3.35
N THR D 55 -28.36 -45.72 -2.84
CA THR D 55 -27.43 -45.01 -3.74
C THR D 55 -26.03 -45.53 -3.71
N ASN D 56 -25.73 -46.51 -2.84
CA ASN D 56 -24.36 -46.97 -2.60
C ASN D 56 -23.37 -45.86 -2.23
N GLU D 57 -23.70 -45.15 -1.17
CA GLU D 57 -22.84 -44.15 -0.59
C GLU D 57 -22.82 -44.48 0.89
N VAL D 58 -21.63 -44.47 1.51
CA VAL D 58 -21.47 -44.58 2.98
C VAL D 58 -20.78 -43.33 3.50
N ASP D 59 -21.09 -42.97 4.73
CA ASP D 59 -20.64 -41.71 5.37
C ASP D 59 -19.81 -42.08 6.56
N LEU D 60 -18.55 -41.67 6.46
CA LEU D 60 -17.56 -41.81 7.54
C LEU D 60 -17.27 -40.46 8.19
N VAL D 61 -17.12 -40.50 9.50
CA VAL D 61 -16.48 -39.42 10.23
C VAL D 61 -15.15 -39.91 10.77
N TYR D 62 -14.06 -39.16 10.49
CA TYR D 62 -12.70 -39.49 10.94
C TYR D 62 -11.80 -38.26 11.19
N TYR D 63 -10.71 -38.47 11.94
CA TYR D 63 -9.56 -37.55 11.99
C TYR D 63 -8.60 -38.01 10.85
N GLU D 64 -8.22 -37.15 9.90
CA GLU D 64 -7.20 -37.48 8.92
C GLU D 64 -5.88 -36.80 9.28
N GLN D 65 -5.06 -37.53 10.03
CA GLN D 65 -3.82 -37.04 10.56
C GLN D 65 -2.77 -37.02 9.47
N GLN D 66 -2.16 -35.84 9.23
CA GLN D 66 -1.16 -35.56 8.15
C GLN D 66 0.13 -35.04 8.76
N ARG D 67 1.29 -35.51 8.27
CA ARG D 67 2.58 -35.05 8.80
C ARG D 67 3.55 -34.87 7.71
N TRP D 68 4.39 -33.84 7.86
CA TRP D 68 5.42 -33.54 6.90
C TRP D 68 6.42 -32.53 7.46
N LYS D 69 7.50 -32.30 6.71
CA LYS D 69 8.65 -31.61 7.25
C LYS D 69 9.21 -30.66 6.19
N LEU D 70 9.38 -29.41 6.59
CA LEU D 70 9.89 -28.37 5.70
C LEU D 70 11.11 -27.66 6.30
N ASN D 71 12.24 -27.66 5.59
CA ASN D 71 13.44 -26.94 6.07
C ASN D 71 13.07 -25.47 6.26
N SER D 72 12.30 -24.96 5.32
CA SER D 72 11.79 -23.60 5.32
C SER D 72 11.02 -23.18 6.56
N LEU D 73 10.61 -24.12 7.41
CA LEU D 73 9.92 -23.81 8.65
C LEU D 73 10.77 -24.12 9.89
N MET D 74 12.09 -24.24 9.72
CA MET D 74 12.98 -24.52 10.85
C MET D 74 13.30 -23.22 11.56
N TRP D 75 13.46 -23.28 12.88
CA TRP D 75 14.11 -22.22 13.61
C TRP D 75 14.88 -22.82 14.79
N ASP D 76 15.88 -22.05 15.24
CA ASP D 76 16.58 -22.26 16.50
C ASP D 76 15.74 -21.72 17.68
N PRO D 77 15.32 -22.60 18.59
CA PRO D 77 14.65 -22.23 19.84
C PRO D 77 15.40 -21.16 20.67
N ASN D 78 16.71 -21.22 20.64
CA ASN D 78 17.56 -20.27 21.35
C ASN D 78 17.34 -18.81 20.97
N GLU D 79 17.22 -18.50 19.69
CA GLU D 79 16.83 -17.15 19.23
C GLU D 79 15.36 -16.74 19.43
N TYR D 80 14.56 -17.59 20.05
CA TYR D 80 13.11 -17.37 20.19
C TYR D 80 12.60 -17.71 21.56
N GLY D 81 13.41 -17.37 22.56
CA GLY D 81 13.04 -17.55 23.96
C GLY D 81 12.55 -18.94 24.27
N ASN D 82 13.16 -19.96 23.66
CA ASN D 82 12.90 -21.38 23.95
C ASN D 82 11.60 -22.02 23.45
N ILE D 83 10.89 -21.30 22.59
CA ILE D 83 9.72 -21.82 21.90
C ILE D 83 10.11 -23.02 21.00
N THR D 84 9.55 -24.18 21.27
CA THR D 84 9.89 -25.37 20.48
C THR D 84 8.81 -25.70 19.46
N ASP D 85 7.63 -25.15 19.68
CA ASP D 85 6.59 -25.36 18.74
C ASP D 85 5.55 -24.28 18.87
N PHE D 86 4.66 -24.21 17.87
CA PHE D 86 3.57 -23.27 17.97
C PHE D 86 2.39 -23.61 17.08
N ARG D 87 1.24 -22.99 17.33
CA ARG D 87 0.01 -23.29 16.61
C ARG D 87 -0.34 -22.23 15.65
N THR D 88 -0.84 -22.59 14.47
CA THR D 88 -1.11 -21.57 13.51
C THR D 88 -2.16 -22.00 12.54
N SER D 89 -3.08 -21.11 12.25
CA SER D 89 -4.04 -21.42 11.22
C SER D 89 -3.39 -22.13 9.99
N ALA D 90 -3.96 -23.22 9.54
CA ALA D 90 -3.50 -23.89 8.31
C ALA D 90 -3.46 -23.00 7.04
N ALA D 91 -4.18 -21.89 7.04
CA ALA D 91 -4.14 -20.95 5.90
C ALA D 91 -2.83 -20.17 5.78
N ASP D 92 -2.03 -20.16 6.86
CA ASP D 92 -0.77 -19.44 6.94
C ASP D 92 0.36 -20.24 6.29
N ILE D 93 0.15 -21.54 6.14
CA ILE D 93 1.20 -22.41 5.63
C ILE D 93 0.68 -23.18 4.43
N TRP D 94 1.59 -23.82 3.74
CA TRP D 94 1.24 -24.73 2.68
C TRP D 94 0.78 -26.05 3.29
N THR D 95 -0.30 -26.60 2.75
CA THR D 95 -0.72 -27.92 3.15
C THR D 95 -0.88 -28.79 1.86
N PRO D 96 -0.68 -30.11 2.00
CA PRO D 96 -0.83 -31.00 0.84
C PRO D 96 -2.29 -31.14 0.40
N ASP D 97 -2.51 -31.34 -0.89
CA ASP D 97 -3.83 -31.47 -1.49
C ASP D 97 -4.33 -32.93 -1.48
N ILE D 98 -4.29 -33.61 -0.31
CA ILE D 98 -4.69 -35.01 -0.20
C ILE D 98 -6.19 -35.01 -0.31
N THR D 99 -6.69 -35.98 -1.09
CA THR D 99 -8.13 -36.01 -1.50
C THR D 99 -8.61 -37.48 -1.66
N ALA D 100 -9.81 -37.76 -1.19
CA ALA D 100 -10.45 -39.03 -1.46
C ALA D 100 -10.66 -39.11 -2.98
N TYR D 101 -10.39 -40.27 -3.60
CA TYR D 101 -10.50 -40.40 -5.05
C TYR D 101 -11.93 -40.75 -5.47
N SER D 102 -12.77 -41.15 -4.54
CA SER D 102 -14.07 -41.62 -4.92
C SER D 102 -15.12 -41.11 -3.99
N SER D 103 -15.02 -39.86 -3.55
CA SER D 103 -16.06 -39.30 -2.73
C SER D 103 -17.19 -38.94 -3.67
N THR D 104 -18.36 -38.59 -3.13
CA THR D 104 -19.51 -38.25 -3.91
C THR D 104 -20.20 -36.96 -3.45
N ARG D 105 -19.71 -36.38 -2.35
CA ARG D 105 -20.08 -35.05 -1.87
CA ARG D 105 -20.06 -35.03 -1.94
C ARG D 105 -18.81 -34.29 -1.47
N PRO D 106 -18.83 -32.96 -1.49
CA PRO D 106 -17.66 -32.31 -0.88
C PRO D 106 -17.58 -32.73 0.59
N VAL D 107 -16.34 -33.00 1.02
CA VAL D 107 -15.96 -33.25 2.38
C VAL D 107 -16.47 -32.15 3.28
N GLN D 108 -17.03 -32.51 4.41
CA GLN D 108 -17.36 -31.51 5.37
C GLN D 108 -16.38 -31.56 6.55
N VAL D 109 -15.88 -30.38 6.89
CA VAL D 109 -14.79 -30.18 7.82
C VAL D 109 -15.46 -30.03 9.15
N LEU D 110 -14.99 -30.72 10.19
CA LEU D 110 -15.72 -30.62 11.43
C LEU D 110 -14.84 -30.00 12.49
N SER D 111 -13.62 -29.67 12.16
CA SER D 111 -12.68 -29.19 13.14
C SER D 111 -12.11 -27.85 12.69
N PRO D 112 -11.60 -27.04 13.64
CA PRO D 112 -10.88 -25.80 13.31
C PRO D 112 -9.69 -26.23 12.49
N GLN D 113 -9.25 -25.42 11.54
CA GLN D 113 -8.22 -25.87 10.59
C GLN D 113 -6.94 -25.19 11.08
N ILE D 114 -6.28 -25.82 12.04
CA ILE D 114 -5.13 -25.22 12.64
C ILE D 114 -4.07 -26.29 12.74
N ALA D 115 -2.81 -25.92 12.57
CA ALA D 115 -1.75 -26.89 12.59
C ALA D 115 -0.78 -26.65 13.73
N VAL D 116 0.12 -27.59 13.93
CA VAL D 116 1.18 -27.45 14.92
C VAL D 116 2.50 -27.50 14.22
N VAL D 117 3.26 -26.43 14.30
CA VAL D 117 4.59 -26.47 13.70
C VAL D 117 5.65 -26.56 14.78
N THR D 118 6.50 -27.57 14.66
CA THR D 118 7.61 -27.83 15.55
C THR D 118 8.92 -27.29 14.91
N HIS D 119 9.90 -26.91 15.74
CA HIS D 119 11.08 -26.09 15.36
C HIS D 119 12.05 -26.70 14.35
N ASP D 120 11.97 -28.03 14.20
CA ASP D 120 12.70 -28.80 13.19
C ASP D 120 12.00 -28.73 11.89
N GLY D 121 10.91 -27.96 11.82
CA GLY D 121 10.25 -27.81 10.51
C GLY D 121 9.10 -28.80 10.29
N SER D 122 8.81 -29.65 11.28
CA SER D 122 7.75 -30.62 11.01
C SER D 122 6.38 -30.06 11.37
N VAL D 123 5.36 -30.53 10.66
CA VAL D 123 4.07 -29.99 10.74
C VAL D 123 3.10 -31.13 11.09
N MET D 124 2.21 -30.91 12.03
CA MET D 124 1.19 -31.90 12.26
C MET D 124 -0.15 -31.24 12.14
N PHE D 125 -0.99 -31.77 11.25
CA PHE D 125 -2.28 -31.15 10.90
C PHE D 125 -3.35 -32.24 10.94
N ILE D 126 -4.40 -32.01 11.72
CA ILE D 126 -5.39 -33.03 11.98
C ILE D 126 -6.82 -32.59 11.60
N PRO D 127 -7.13 -32.49 10.30
CA PRO D 127 -8.54 -32.20 10.07
C PRO D 127 -9.50 -33.38 10.37
N ALA D 128 -10.53 -33.11 11.18
CA ALA D 128 -11.66 -33.99 11.35
C ALA D 128 -12.56 -33.78 10.12
N GLN D 129 -13.14 -34.85 9.55
CA GLN D 129 -13.88 -34.81 8.28
C GLN D 129 -15.14 -35.73 8.32
N ARG D 130 -16.16 -35.35 7.55
CA ARG D 130 -17.19 -36.26 7.25
C ARG D 130 -17.16 -36.46 5.74
N LEU D 131 -17.02 -37.72 5.30
CA LEU D 131 -16.91 -38.04 3.89
C LEU D 131 -18.03 -39.00 3.39
N SER D 132 -18.65 -38.67 2.25
CA SER D 132 -19.52 -39.59 1.50
C SER D 132 -18.75 -40.10 0.31
N PHE D 133 -18.66 -41.42 0.19
CA PHE D 133 -17.80 -42.06 -0.82
C PHE D 133 -18.53 -43.26 -1.40
N MET D 134 -18.04 -43.78 -2.50
CA MET D 134 -18.83 -44.76 -3.20
C MET D 134 -18.72 -46.08 -2.45
N CYS D 135 -19.83 -46.65 -2.02
CA CYS D 135 -19.71 -47.87 -1.25
C CYS D 135 -20.99 -48.65 -1.28
N ASP D 136 -20.90 -49.91 -1.73
CA ASP D 136 -22.07 -50.81 -1.72
C ASP D 136 -22.08 -51.56 -0.42
N PRO D 137 -23.08 -51.28 0.40
CA PRO D 137 -23.10 -51.78 1.75
C PRO D 137 -23.80 -53.12 1.82
N THR D 138 -23.64 -53.95 0.80
CA THR D 138 -24.44 -55.16 0.71
C THR D 138 -23.78 -56.24 1.54
N GLY D 139 -24.62 -56.88 2.34
CA GLY D 139 -24.11 -57.89 3.23
C GLY D 139 -23.73 -57.25 4.54
N VAL D 140 -24.25 -56.06 4.81
CA VAL D 140 -23.93 -55.38 6.02
C VAL D 140 -24.75 -55.93 7.19
N ASP D 141 -25.85 -56.62 6.88
CA ASP D 141 -26.77 -57.06 7.89
C ASP D 141 -26.54 -58.55 8.05
N SER D 142 -25.38 -59.01 7.65
CA SER D 142 -25.01 -60.41 7.85
C SER D 142 -23.76 -60.39 8.69
N GLU D 143 -23.29 -61.57 9.09
CA GLU D 143 -22.16 -61.69 10.00
C GLU D 143 -20.87 -61.31 9.31
N GLU D 144 -20.79 -61.61 8.03
CA GLU D 144 -19.54 -61.38 7.30
C GLU D 144 -19.43 -59.90 6.87
N GLY D 145 -20.56 -59.21 6.83
CA GLY D 145 -20.57 -57.76 6.62
C GLY D 145 -20.14 -57.27 5.23
N ALA D 146 -20.05 -55.94 5.08
CA ALA D 146 -19.67 -55.37 3.81
C ALA D 146 -18.23 -54.88 3.82
N THR D 147 -17.62 -54.84 2.64
CA THR D 147 -16.30 -54.31 2.48
C THR D 147 -16.37 -53.09 1.56
N CYS D 148 -15.88 -51.95 2.03
CA CYS D 148 -15.74 -50.77 1.18
C CYS D 148 -14.35 -50.14 1.23
N ALA D 149 -14.00 -49.37 0.21
CA ALA D 149 -12.62 -48.96 0.07
C ALA D 149 -12.59 -47.62 -0.59
N VAL D 150 -11.68 -46.76 -0.14
CA VAL D 150 -11.49 -45.46 -0.77
C VAL D 150 -10.02 -45.08 -0.81
N LYS D 151 -9.53 -44.67 -1.97
CA LYS D 151 -8.17 -44.14 -2.08
C LYS D 151 -8.03 -42.67 -1.69
N PHE D 152 -6.98 -42.36 -0.93
CA PHE D 152 -6.56 -40.96 -0.74
C PHE D 152 -5.20 -40.76 -1.30
N GLY D 153 -5.03 -39.64 -1.98
CA GLY D 153 -3.72 -39.24 -2.52
C GLY D 153 -3.78 -37.81 -2.99
N SER D 154 -2.66 -37.30 -3.44
CA SER D 154 -2.55 -36.01 -4.04
C SER D 154 -3.40 -35.94 -5.30
N TRP D 155 -4.20 -34.91 -5.43
CA TRP D 155 -4.91 -34.72 -6.66
C TRP D 155 -3.97 -34.44 -7.87
N VAL D 156 -2.88 -33.68 -7.67
CA VAL D 156 -2.03 -33.18 -8.78
C VAL D 156 -0.52 -33.48 -8.72
N TYR D 157 -0.03 -34.08 -7.65
CA TYR D 157 1.38 -34.41 -7.66
C TYR D 157 1.56 -35.91 -7.80
N SER D 158 2.50 -36.30 -8.66
CA SER D 158 2.97 -37.67 -8.78
C SER D 158 3.85 -38.03 -7.58
N GLY D 159 4.24 -39.29 -7.51
CA GLY D 159 5.23 -39.76 -6.56
C GLY D 159 6.60 -39.08 -6.70
N PHE D 160 6.83 -38.36 -7.79
CA PHE D 160 8.12 -37.69 -7.96
C PHE D 160 8.17 -36.37 -7.20
N GLU D 161 7.04 -35.98 -6.62
CA GLU D 161 6.94 -34.73 -5.91
C GLU D 161 6.38 -34.95 -4.50
N ILE D 162 5.33 -35.78 -4.39
CA ILE D 162 4.76 -36.16 -3.11
C ILE D 162 4.68 -37.67 -3.00
N ASP D 163 5.46 -38.22 -2.10
CA ASP D 163 5.39 -39.62 -1.73
C ASP D 163 4.53 -39.67 -0.48
N LEU D 164 3.66 -40.66 -0.36
CA LEU D 164 2.94 -40.81 0.87
C LEU D 164 3.48 -41.97 1.64
N LYS D 165 3.44 -41.91 2.98
CA LYS D 165 3.51 -43.14 3.79
C LYS D 165 2.50 -43.24 4.91
N THR D 166 2.32 -44.43 5.44
CA THR D 166 1.61 -44.59 6.71
C THR D 166 2.58 -45.06 7.80
N ASP D 167 2.34 -44.75 9.05
CA ASP D 167 3.21 -45.31 10.07
C ASP D 167 2.87 -46.77 10.35
N THR D 168 1.64 -47.16 10.05
CA THR D 168 1.16 -48.52 10.30
C THR D 168 0.00 -48.81 9.33
N ASP D 169 -0.26 -50.05 9.02
CA ASP D 169 -1.35 -50.39 8.09
C ASP D 169 -2.65 -50.56 8.79
N GLN D 170 -2.65 -50.38 10.09
CA GLN D 170 -3.91 -50.43 10.84
C GLN D 170 -4.47 -49.06 11.09
N VAL D 171 -5.78 -48.94 10.95
CA VAL D 171 -6.47 -47.71 11.18
C VAL D 171 -6.65 -47.64 12.65
N ASP D 172 -6.68 -46.44 13.19
CA ASP D 172 -6.76 -46.28 14.62
C ASP D 172 -8.26 -46.19 14.97
N LEU D 173 -8.67 -47.17 15.78
CA LEU D 173 -10.03 -47.38 16.20
C LEU D 173 -10.31 -47.01 17.62
N SER D 174 -9.32 -46.43 18.30
CA SER D 174 -9.47 -46.08 19.74
C SER D 174 -10.57 -45.03 20.00
N SER D 175 -10.94 -44.31 18.96
CA SER D 175 -11.96 -43.29 19.03
C SER D 175 -13.34 -43.83 18.59
N TYR D 176 -13.37 -45.04 18.09
CA TYR D 176 -14.57 -45.53 17.46
C TYR D 176 -15.75 -45.59 18.43
N TYR D 177 -16.88 -45.05 17.96
CA TYR D 177 -18.08 -44.92 18.73
C TYR D 177 -18.76 -46.27 19.10
N ALA D 178 -18.71 -46.62 20.38
CA ALA D 178 -19.14 -47.98 20.81
C ALA D 178 -20.63 -48.27 20.56
N SER D 179 -21.42 -47.23 20.23
CA SER D 179 -22.84 -47.36 19.93
C SER D 179 -23.26 -46.94 18.52
N SER D 180 -22.30 -46.90 17.62
CA SER D 180 -22.64 -46.76 16.22
C SER D 180 -23.64 -47.85 15.80
N LYS D 181 -24.43 -47.58 14.75
CA LYS D 181 -25.20 -48.66 14.12
C LYS D 181 -24.30 -49.71 13.53
N TYR D 182 -23.03 -49.35 13.34
CA TYR D 182 -22.09 -50.21 12.66
C TYR D 182 -20.82 -50.49 13.42
N GLU D 183 -20.38 -51.73 13.30
CA GLU D 183 -19.30 -52.21 14.08
C GLU D 183 -18.21 -52.53 13.09
N ILE D 184 -16.95 -52.37 13.52
CA ILE D 184 -15.87 -52.53 12.65
C ILE D 184 -15.21 -53.90 12.87
N LEU D 185 -14.91 -54.54 11.77
CA LEU D 185 -14.47 -55.87 11.69
C LEU D 185 -13.03 -55.76 11.34
N SER D 186 -12.70 -55.01 10.28
CA SER D 186 -11.33 -54.57 10.06
C SER D 186 -11.27 -53.23 9.36
N ALA D 187 -10.11 -52.58 9.53
CA ALA D 187 -9.88 -51.26 9.00
C ALA D 187 -8.38 -51.08 8.79
N THR D 188 -8.00 -51.12 7.51
CA THR D 188 -6.64 -51.00 7.11
C THR D 188 -6.42 -49.79 6.24
N GLN D 189 -5.16 -49.40 6.20
CA GLN D 189 -4.77 -48.21 5.50
C GLN D 189 -3.43 -48.52 4.84
N THR D 190 -3.43 -48.73 3.54
CA THR D 190 -2.24 -49.23 2.90
C THR D 190 -1.79 -48.38 1.74
N ARG D 191 -0.51 -48.06 1.73
CA ARG D 191 0.15 -47.39 0.66
C ARG D 191 0.15 -48.28 -0.59
N GLN D 192 -0.15 -47.68 -1.74
CA GLN D 192 -0.05 -48.40 -3.03
C GLN D 192 0.64 -47.48 -3.99
N VAL D 193 1.39 -48.06 -4.90
CA VAL D 193 2.01 -47.39 -6.04
C VAL D 193 1.28 -47.83 -7.28
N GLN D 194 0.77 -46.87 -8.04
CA GLN D 194 0.07 -47.16 -9.28
C GLN D 194 0.95 -46.64 -10.39
N HIS D 195 0.99 -47.35 -11.49
CA HIS D 195 1.53 -46.78 -12.70
C HIS D 195 0.38 -46.73 -13.71
N TYR D 196 0.20 -45.60 -14.43
CA TYR D 196 -0.82 -45.63 -15.49
C TYR D 196 -0.23 -45.97 -16.88
N SER D 197 -1.01 -45.82 -17.94
CA SER D 197 -0.43 -46.04 -19.30
C SER D 197 -0.05 -44.77 -20.06
N CYS D 198 -0.63 -43.63 -19.68
CA CYS D 198 -0.20 -42.35 -20.24
C CYS D 198 1.29 -42.07 -19.95
N CYS D 199 1.68 -42.34 -18.71
CA CYS D 199 2.80 -41.65 -18.13
C CYS D 199 3.84 -42.62 -17.57
N PRO D 200 5.09 -42.14 -17.41
CA PRO D 200 6.16 -42.92 -16.76
C PRO D 200 6.38 -42.62 -15.27
N GLU D 201 5.55 -41.77 -14.66
CA GLU D 201 5.75 -41.40 -13.25
C GLU D 201 4.81 -42.17 -12.36
N PRO D 202 5.26 -42.54 -11.16
CA PRO D 202 4.36 -43.35 -10.36
C PRO D 202 3.37 -42.42 -9.64
N TYR D 203 2.20 -42.96 -9.30
CA TYR D 203 1.22 -42.26 -8.50
C TYR D 203 1.01 -43.03 -7.18
N ILE D 204 0.93 -42.31 -6.05
CA ILE D 204 0.87 -42.94 -4.73
C ILE D 204 -0.45 -42.65 -4.08
N ASP D 205 -1.00 -43.63 -3.36
CA ASP D 205 -2.22 -43.39 -2.63
C ASP D 205 -2.19 -44.22 -1.37
N VAL D 206 -3.02 -43.85 -0.41
CA VAL D 206 -3.26 -44.69 0.71
C VAL D 206 -4.68 -45.13 0.53
N ASN D 207 -4.85 -46.42 0.35
CA ASN D 207 -6.14 -47.01 0.16
C ASN D 207 -6.68 -47.43 1.51
N LEU D 208 -7.78 -46.80 1.90
CA LEU D 208 -8.47 -47.10 3.12
C LEU D 208 -9.60 -48.16 2.91
N VAL D 209 -9.46 -49.30 3.59
CA VAL D 209 -10.34 -50.46 3.42
C VAL D 209 -11.06 -50.75 4.74
N VAL D 210 -12.38 -50.70 4.71
CA VAL D 210 -13.11 -50.91 5.92
C VAL D 210 -14.15 -52.03 5.70
N LYS D 211 -14.10 -53.04 6.59
CA LYS D 211 -15.11 -54.09 6.68
C LYS D 211 -15.91 -53.86 7.93
N PHE D 212 -17.23 -53.82 7.75
CA PHE D 212 -18.14 -53.44 8.79
C PHE D 212 -19.45 -54.18 8.64
N ARG D 213 -20.28 -54.13 9.69
CA ARG D 213 -21.60 -54.75 9.71
C ARG D 213 -22.49 -54.07 10.73
N GLU D 214 -23.79 -54.37 10.73
CA GLU D 214 -24.70 -53.81 11.70
C GLU D 214 -24.44 -54.36 13.12
N ARG D 215 -24.54 -53.51 14.15
CA ARG D 215 -24.35 -53.94 15.55
CA ARG D 215 -24.32 -53.99 15.50
C ARG D 215 -25.51 -54.85 15.92
N ARG D 216 -25.27 -56.01 16.54
CA ARG D 216 -26.41 -56.76 17.13
C ARG D 216 -26.18 -57.11 18.62
N ASP E 5 -22.79 15.94 20.71
CA ASP E 5 -21.58 16.70 21.14
C ASP E 5 -20.75 16.00 22.24
N ASP E 6 -21.38 15.67 23.36
CA ASP E 6 -20.76 14.80 24.37
C ASP E 6 -20.90 13.38 23.85
N LYS E 7 -22.05 13.14 23.21
CA LYS E 7 -22.37 11.94 22.47
C LYS E 7 -21.35 11.69 21.34
N LEU E 8 -20.78 12.76 20.80
CA LEU E 8 -19.77 12.61 19.76
C LEU E 8 -18.35 12.40 20.33
N HIS E 9 -18.17 12.75 21.60
CA HIS E 9 -16.87 12.60 22.28
C HIS E 9 -16.69 11.16 22.78
N SER E 10 -17.80 10.50 23.09
CA SER E 10 -17.84 9.08 23.45
C SER E 10 -17.50 8.24 22.23
N GLN E 11 -18.21 8.44 21.12
CA GLN E 11 -17.90 7.75 19.88
C GLN E 11 -16.43 7.85 19.60
N ALA E 12 -15.87 9.03 19.88
CA ALA E 12 -14.53 9.32 19.45
C ALA E 12 -13.59 8.57 20.35
N ASN E 13 -13.92 8.54 21.64
CA ASN E 13 -13.15 7.81 22.61
C ASN E 13 -13.14 6.32 22.29
N LEU E 14 -14.26 5.79 21.84
CA LEU E 14 -14.37 4.37 21.59
C LEU E 14 -13.55 3.98 20.34
N MET E 15 -13.80 4.72 19.26
CA MET E 15 -12.99 4.63 18.03
C MET E 15 -11.48 4.63 18.32
N ARG E 16 -11.06 5.44 19.27
CA ARG E 16 -9.68 5.61 19.67
C ARG E 16 -9.23 4.40 20.46
N LEU E 17 -10.13 3.90 21.32
CA LEU E 17 -9.79 2.78 22.16
C LEU E 17 -9.57 1.57 21.25
N LYS E 18 -10.46 1.41 20.28
CA LYS E 18 -10.45 0.22 19.46
C LYS E 18 -9.22 0.25 18.59
N SER E 19 -8.89 1.45 18.12
CA SER E 19 -7.72 1.61 17.28
C SER E 19 -6.43 1.37 18.06
N ASP E 20 -6.38 1.86 19.27
CA ASP E 20 -5.21 1.57 20.06
C ASP E 20 -5.03 0.09 20.19
N LEU E 21 -6.09 -0.63 20.59
CA LEU E 21 -5.96 -2.06 20.88
C LEU E 21 -5.80 -2.91 19.64
N PHE E 22 -6.36 -2.49 18.52
CA PHE E 22 -6.38 -3.36 17.34
C PHE E 22 -5.40 -2.99 16.23
N ASN E 23 -5.24 -1.69 15.94
CA ASN E 23 -4.52 -1.22 14.74
C ASN E 23 -3.07 -1.00 15.01
N ARG E 24 -2.77 -0.65 16.25
CA ARG E 24 -1.43 -0.57 16.76
C ARG E 24 -1.11 -1.94 17.38
N PRO E 26 -0.96 -5.63 16.89
CA PRO E 26 -0.60 -6.99 16.53
C PRO E 26 -1.36 -8.05 17.35
N MET E 27 -2.22 -8.80 16.67
CA MET E 27 -3.15 -9.72 17.32
C MET E 27 -2.41 -10.76 18.17
N TYR E 28 -2.93 -10.97 19.38
CA TYR E 28 -2.50 -12.01 20.29
C TYR E 28 -2.28 -13.24 19.44
N PRO E 29 -1.10 -13.90 19.58
CA PRO E 29 -0.84 -15.12 18.80
C PRO E 29 -1.32 -16.36 19.54
N GLY E 30 -2.16 -16.24 20.54
CA GLY E 30 -2.66 -17.40 21.25
C GLY E 30 -1.74 -17.78 22.41
N PRO E 31 -2.20 -18.68 23.30
CA PRO E 31 -1.41 -19.05 24.47
C PRO E 31 -0.19 -19.91 24.20
N THR E 32 0.62 -20.06 25.23
CA THR E 32 1.87 -20.77 25.16
C THR E 32 2.01 -21.61 26.44
N LYS E 33 2.84 -22.65 26.46
CA LYS E 33 3.16 -23.32 27.75
C LYS E 33 3.63 -22.29 28.79
N ASP E 34 4.49 -21.39 28.36
CA ASP E 34 5.03 -20.33 29.25
C ASP E 34 4.02 -19.29 29.64
N ASP E 35 2.90 -19.27 28.93
CA ASP E 35 1.88 -18.26 29.16
C ASP E 35 0.50 -18.78 28.73
N PRO E 36 -0.09 -19.66 29.57
CA PRO E 36 -1.33 -20.42 29.38
C PRO E 36 -2.53 -19.56 29.60
N LEU E 37 -3.66 -19.93 29.00
CA LEU E 37 -4.89 -19.20 29.12
C LEU E 37 -5.96 -20.11 29.72
N THR E 38 -6.78 -19.59 30.63
CA THR E 38 -7.90 -20.35 31.15
C THR E 38 -9.18 -19.79 30.53
N VAL E 39 -9.99 -20.71 29.96
CA VAL E 39 -11.22 -20.39 29.25
C VAL E 39 -12.29 -21.02 30.08
N THR E 40 -13.32 -20.25 30.41
CA THR E 40 -14.49 -20.75 31.11
C THR E 40 -15.63 -21.07 30.12
N LEU E 41 -16.24 -22.25 30.24
CA LEU E 41 -17.32 -22.69 29.35
C LEU E 41 -18.58 -22.91 30.12
N GLY E 42 -19.71 -22.72 29.46
CA GLY E 42 -21.00 -22.93 30.08
C GLY E 42 -22.01 -23.15 28.99
N PHE E 43 -22.89 -24.12 29.18
CA PHE E 43 -23.92 -24.32 28.16
C PHE E 43 -25.23 -23.94 28.72
N THR E 44 -26.13 -23.51 27.85
CA THR E 44 -27.50 -23.15 28.17
C THR E 44 -28.25 -23.95 27.12
N LEU E 45 -28.83 -25.07 27.52
CA LEU E 45 -29.45 -25.96 26.57
C LEU E 45 -30.79 -25.42 26.20
N GLN E 46 -31.00 -25.12 24.93
CA GLN E 46 -32.34 -24.66 24.56
C GLN E 46 -33.19 -25.80 24.07
N ASP E 47 -32.63 -26.71 23.27
CA ASP E 47 -33.50 -27.66 22.66
C ASP E 47 -32.78 -28.90 22.14
N ILE E 48 -33.46 -30.03 22.20
CA ILE E 48 -33.03 -31.22 21.52
C ILE E 48 -34.08 -31.27 20.47
N VAL E 49 -33.65 -31.15 19.21
CA VAL E 49 -34.55 -30.85 18.15
C VAL E 49 -34.94 -32.17 17.54
N LYS E 50 -34.04 -33.14 17.63
CA LYS E 50 -34.11 -34.28 16.78
C LYS E 50 -33.23 -35.38 17.31
N ALA E 51 -33.83 -36.56 17.47
CA ALA E 51 -33.12 -37.82 17.83
C ALA E 51 -33.24 -38.83 16.70
N ASP E 52 -32.13 -39.15 16.03
CA ASP E 52 -32.20 -40.04 14.85
C ASP E 52 -31.67 -41.43 15.18
N SER E 53 -32.60 -42.34 15.50
CA SER E 53 -32.24 -43.73 15.85
C SER E 53 -31.82 -44.57 14.68
N SER E 54 -31.98 -44.07 13.47
CA SER E 54 -31.45 -44.87 12.38
C SER E 54 -29.98 -44.55 12.00
N THR E 55 -29.38 -43.51 12.61
CA THR E 55 -27.97 -43.14 12.37
C THR E 55 -27.28 -42.86 13.68
N ASN E 56 -28.05 -42.73 14.74
CA ASN E 56 -27.54 -42.42 16.07
C ASN E 56 -26.86 -41.03 16.06
N GLU E 57 -27.68 -40.03 15.72
CA GLU E 57 -27.29 -38.66 15.71
C GLU E 57 -28.32 -37.92 16.49
N VAL E 58 -27.90 -37.00 17.35
CA VAL E 58 -28.85 -36.14 18.02
C VAL E 58 -28.51 -34.65 17.79
N ASP E 59 -29.52 -33.81 17.56
CA ASP E 59 -29.28 -32.43 17.20
C ASP E 59 -29.63 -31.59 18.36
N LEU E 60 -28.67 -30.77 18.82
CA LEU E 60 -28.90 -29.89 19.97
C LEU E 60 -28.79 -28.43 19.54
N VAL E 61 -29.56 -27.58 20.19
CA VAL E 61 -29.39 -26.16 20.08
C VAL E 61 -29.17 -25.66 21.50
N TYR E 62 -28.09 -24.88 21.63
CA TYR E 62 -27.63 -24.35 22.94
C TYR E 62 -26.89 -22.98 22.75
N TYR E 63 -26.79 -22.18 23.81
CA TYR E 63 -25.84 -21.08 23.81
C TYR E 63 -24.55 -21.61 24.45
N GLU E 64 -23.41 -21.26 23.88
CA GLU E 64 -22.13 -21.65 24.42
C GLU E 64 -21.31 -20.42 24.88
N GLN E 65 -21.34 -20.19 26.19
CA GLN E 65 -20.63 -19.09 26.77
C GLN E 65 -19.16 -19.40 26.87
N GLN E 66 -18.33 -18.51 26.35
CA GLN E 66 -16.91 -18.60 26.52
C GLN E 66 -16.38 -17.34 27.17
N ARG E 67 -15.45 -17.49 28.07
CA ARG E 67 -14.96 -16.33 28.84
C ARG E 67 -13.44 -16.45 28.98
N TRP E 68 -12.70 -15.37 28.78
CA TRP E 68 -11.24 -15.41 28.99
C TRP E 68 -10.73 -13.97 29.14
N LYS E 69 -9.43 -13.81 29.31
CA LYS E 69 -8.88 -12.58 29.83
C LYS E 69 -7.49 -12.44 29.26
N LEU E 70 -7.27 -11.33 28.54
CA LEU E 70 -5.94 -11.08 28.00
C LEU E 70 -5.37 -9.74 28.50
N ASN E 71 -4.18 -9.78 29.08
CA ASN E 71 -3.52 -8.54 29.46
C ASN E 71 -3.50 -7.51 28.35
N SER E 72 -3.28 -7.96 27.12
CA SER E 72 -3.16 -7.09 25.96
C SER E 72 -4.52 -6.54 25.47
N LEU E 73 -5.57 -6.88 26.20
CA LEU E 73 -6.88 -6.35 25.93
C LEU E 73 -7.25 -5.34 27.03
N MET E 74 -6.35 -5.14 27.98
CA MET E 74 -6.62 -4.19 29.08
C MET E 74 -6.37 -2.75 28.67
N TRP E 75 -7.23 -1.88 29.18
CA TRP E 75 -6.96 -0.44 29.19
C TRP E 75 -7.36 0.16 30.52
N ASP E 76 -6.86 1.38 30.78
CA ASP E 76 -7.35 2.22 31.88
C ASP E 76 -8.49 3.08 31.32
N PRO E 77 -9.72 2.88 31.82
CA PRO E 77 -10.88 3.64 31.34
C PRO E 77 -10.74 5.18 31.41
N ASN E 78 -10.00 5.68 32.40
CA ASN E 78 -9.85 7.13 32.62
C ASN E 78 -9.24 7.84 31.41
N GLU E 79 -8.37 7.14 30.70
CA GLU E 79 -7.82 7.66 29.42
C GLU E 79 -8.72 7.45 28.20
N TYR E 80 -9.96 7.02 28.41
CA TYR E 80 -10.88 6.77 27.31
C TYR E 80 -12.27 7.11 27.71
N GLY E 81 -12.40 8.24 28.39
CA GLY E 81 -13.69 8.82 28.75
C GLY E 81 -14.56 7.87 29.51
N ASN E 82 -13.94 7.09 30.39
CA ASN E 82 -14.67 6.19 31.28
C ASN E 82 -15.29 4.97 30.67
N ILE E 83 -14.93 4.66 29.41
CA ILE E 83 -15.43 3.43 28.78
C ILE E 83 -14.96 2.20 29.58
N THR E 84 -15.91 1.41 30.07
CA THR E 84 -15.58 0.23 30.89
C THR E 84 -15.57 -1.10 30.12
N ASP E 85 -16.24 -1.13 28.96
CA ASP E 85 -16.26 -2.27 28.02
C ASP E 85 -16.83 -1.81 26.66
N PHE E 86 -16.80 -2.72 25.68
CA PHE E 86 -17.36 -2.51 24.34
C PHE E 86 -17.59 -3.82 23.61
N ARG E 87 -18.42 -3.72 22.57
CA ARG E 87 -18.81 -4.84 21.77
C ARG E 87 -18.02 -4.69 20.47
N THR E 88 -17.49 -5.79 19.96
CA THR E 88 -16.80 -5.77 18.69
C THR E 88 -16.92 -7.12 17.99
N SER E 89 -16.87 -7.09 16.66
CA SER E 89 -16.91 -8.33 15.87
C SER E 89 -15.86 -9.28 16.44
N ALA E 90 -16.21 -10.55 16.53
CA ALA E 90 -15.28 -11.59 17.00
C ALA E 90 -14.05 -11.73 16.11
N ALA E 91 -14.15 -11.30 14.86
CA ALA E 91 -13.01 -11.31 13.97
C ALA E 91 -11.84 -10.43 14.44
N ASP E 92 -12.08 -9.45 15.32
CA ASP E 92 -11.09 -8.47 15.63
C ASP E 92 -10.15 -8.99 16.69
N ILE E 93 -10.54 -10.09 17.28
CA ILE E 93 -9.77 -10.63 18.37
C ILE E 93 -9.56 -12.11 18.15
N TRP E 94 -8.68 -12.63 18.93
CA TRP E 94 -8.44 -13.99 18.96
C TRP E 94 -9.56 -14.61 19.76
N THR E 95 -9.99 -15.79 19.34
CA THR E 95 -11.01 -16.57 20.08
C THR E 95 -10.54 -18.03 20.09
N PRO E 96 -10.97 -18.77 21.10
CA PRO E 96 -10.49 -20.13 21.27
C PRO E 96 -11.13 -21.09 20.31
N ASP E 97 -10.33 -22.06 19.86
CA ASP E 97 -10.76 -23.04 18.92
C ASP E 97 -11.54 -24.18 19.61
N ILE E 98 -12.43 -23.84 20.54
CA ILE E 98 -13.29 -24.83 21.22
C ILE E 98 -14.20 -25.60 20.25
N THR E 99 -14.25 -26.91 20.38
CA THR E 99 -14.95 -27.76 19.45
C THR E 99 -15.55 -28.94 20.18
N ALA E 100 -16.55 -29.54 19.57
CA ALA E 100 -17.12 -30.78 20.01
C ALA E 100 -16.30 -31.89 19.37
N TYR E 101 -16.00 -32.92 20.16
CA TYR E 101 -15.09 -33.92 19.77
C TYR E 101 -15.74 -35.07 19.00
N SER E 102 -17.07 -35.18 19.10
CA SER E 102 -17.80 -36.22 18.40
C SER E 102 -19.02 -35.67 17.62
N SER E 103 -18.88 -34.53 16.94
CA SER E 103 -19.92 -34.06 16.02
C SER E 103 -19.89 -34.93 14.73
N THR E 104 -20.98 -34.90 13.95
CA THR E 104 -21.06 -35.66 12.69
C THR E 104 -21.50 -34.77 11.57
N ARG E 105 -21.67 -33.48 11.84
CA ARG E 105 -21.89 -32.43 10.83
C ARG E 105 -21.17 -31.16 11.32
N PRO E 106 -20.76 -30.26 10.40
CA PRO E 106 -20.26 -28.98 10.89
C PRO E 106 -21.31 -28.35 11.75
N VAL E 107 -20.85 -27.71 12.84
CA VAL E 107 -21.72 -26.87 13.69
C VAL E 107 -22.26 -25.69 12.88
N GLN E 108 -23.45 -25.30 13.23
CA GLN E 108 -24.13 -24.27 12.51
C GLN E 108 -24.32 -23.18 13.50
N VAL E 109 -23.70 -22.05 13.22
CA VAL E 109 -23.66 -20.92 14.12
C VAL E 109 -24.97 -20.14 13.94
N LEU E 110 -25.59 -19.79 15.04
CA LEU E 110 -26.94 -19.28 14.88
C LEU E 110 -27.00 -17.84 15.28
N SER E 111 -25.92 -17.32 15.86
CA SER E 111 -25.93 -15.99 16.41
C SER E 111 -24.78 -15.21 15.80
N PRO E 112 -24.85 -13.89 15.84
CA PRO E 112 -23.80 -13.03 15.24
C PRO E 112 -22.48 -13.17 15.98
N GLN E 113 -21.39 -13.09 15.26
CA GLN E 113 -20.11 -13.27 15.86
C GLN E 113 -19.59 -11.93 16.43
N ILE E 114 -20.12 -11.59 17.60
CA ILE E 114 -19.75 -10.40 18.33
C ILE E 114 -19.46 -10.78 19.76
N ALA E 115 -18.51 -10.08 20.36
CA ALA E 115 -17.99 -10.41 21.67
C ALA E 115 -17.98 -9.12 22.52
N VAL E 116 -18.07 -9.23 23.83
CA VAL E 116 -17.89 -8.10 24.69
C VAL E 116 -16.51 -8.17 25.34
N VAL E 117 -15.77 -7.07 25.18
CA VAL E 117 -14.46 -6.85 25.80
C VAL E 117 -14.56 -5.81 26.93
N THR E 118 -14.01 -6.16 28.09
CA THR E 118 -14.04 -5.38 29.34
C THR E 118 -12.62 -4.93 29.65
N HIS E 119 -12.50 -3.88 30.46
CA HIS E 119 -11.28 -3.10 30.54
C HIS E 119 -10.16 -3.81 31.31
N ASP E 120 -10.54 -4.81 32.08
CA ASP E 120 -9.57 -5.78 32.60
C ASP E 120 -9.09 -6.83 31.56
N GLY E 121 -9.40 -6.66 30.28
CA GLY E 121 -8.89 -7.62 29.34
C GLY E 121 -9.77 -8.87 29.23
N SER E 122 -10.80 -8.96 30.04
CA SER E 122 -11.71 -10.09 29.92
C SER E 122 -12.68 -10.00 28.73
N VAL E 123 -13.00 -11.16 28.17
CA VAL E 123 -13.80 -11.22 26.97
C VAL E 123 -14.86 -12.24 27.26
N MET E 124 -16.05 -12.01 26.74
CA MET E 124 -17.14 -12.95 26.85
C MET E 124 -17.73 -13.08 25.46
N PHE E 125 -17.89 -14.32 25.01
CA PHE E 125 -18.36 -14.61 23.67
C PHE E 125 -19.35 -15.75 23.79
N ILE E 126 -20.55 -15.55 23.27
CA ILE E 126 -21.61 -16.52 23.47
C ILE E 126 -22.33 -16.94 22.19
N PRO E 127 -21.68 -17.75 21.38
CA PRO E 127 -22.29 -18.28 20.18
C PRO E 127 -23.41 -19.28 20.42
N ALA E 128 -24.51 -19.10 19.72
CA ALA E 128 -25.60 -20.03 19.71
C ALA E 128 -25.29 -21.10 18.66
N GLN E 129 -25.60 -22.34 18.94
CA GLN E 129 -25.15 -23.36 18.01
C GLN E 129 -26.23 -24.38 17.80
N ARG E 130 -26.23 -24.98 16.62
CA ARG E 130 -26.78 -26.29 16.43
C ARG E 130 -25.68 -27.27 16.10
N LEU E 131 -25.70 -28.37 16.85
CA LEU E 131 -24.71 -29.41 16.72
C LEU E 131 -25.37 -30.79 16.51
N SER E 132 -24.94 -31.53 15.47
CA SER E 132 -25.21 -32.96 15.44
C SER E 132 -24.06 -33.74 16.01
N PHE E 133 -24.34 -34.60 16.98
CA PHE E 133 -23.26 -35.40 17.52
C PHE E 133 -23.68 -36.87 17.64
N MET E 134 -22.71 -37.76 17.90
CA MET E 134 -23.00 -39.20 17.98
C MET E 134 -23.74 -39.57 19.27
N CYS E 135 -24.91 -40.17 19.13
CA CYS E 135 -25.81 -40.40 20.26
C CYS E 135 -26.81 -41.48 19.93
N ASP E 136 -26.83 -42.54 20.75
CA ASP E 136 -27.80 -43.61 20.63
C ASP E 136 -29.00 -43.22 21.48
N PRO E 137 -30.12 -42.93 20.84
CA PRO E 137 -31.30 -42.48 21.57
C PRO E 137 -32.08 -43.63 22.17
N THR E 138 -31.58 -44.87 22.05
CA THR E 138 -32.30 -46.03 22.67
C THR E 138 -32.76 -45.65 24.08
N GLY E 139 -34.01 -46.01 24.42
CA GLY E 139 -34.53 -45.81 25.75
C GLY E 139 -35.29 -44.52 25.84
N VAL E 140 -35.26 -43.73 24.78
CA VAL E 140 -35.86 -42.40 24.84
C VAL E 140 -37.40 -42.45 25.04
N ASP E 141 -38.01 -43.51 24.55
CA ASP E 141 -39.44 -43.72 24.67
C ASP E 141 -39.81 -44.43 25.99
N SER E 142 -39.12 -44.09 27.07
CA SER E 142 -39.20 -44.82 28.34
C SER E 142 -39.05 -43.92 29.59
N GLU E 143 -39.62 -44.34 30.70
CA GLU E 143 -39.61 -43.54 31.93
C GLU E 143 -38.19 -42.97 32.20
N GLU E 144 -37.21 -43.83 32.00
CA GLU E 144 -35.82 -43.52 32.27
C GLU E 144 -35.04 -42.80 31.14
N GLY E 145 -35.58 -42.83 29.93
CA GLY E 145 -35.02 -42.06 28.85
C GLY E 145 -33.64 -42.47 28.43
N ALA E 146 -33.02 -41.65 27.57
CA ALA E 146 -31.70 -41.96 27.01
C ALA E 146 -30.62 -41.06 27.63
N THR E 147 -29.39 -41.54 27.65
CA THR E 147 -28.30 -40.72 28.10
C THR E 147 -27.30 -40.42 26.99
N CYS E 148 -27.06 -39.15 26.69
CA CYS E 148 -26.03 -38.90 25.71
C CYS E 148 -24.93 -38.00 26.21
N ALA E 149 -23.76 -38.08 25.61
CA ALA E 149 -22.61 -37.33 26.09
C ALA E 149 -21.73 -36.88 24.91
N VAL E 150 -21.16 -35.69 25.04
CA VAL E 150 -20.19 -35.21 24.06
C VAL E 150 -19.19 -34.29 24.81
N LYS E 151 -17.93 -34.30 24.35
CA LYS E 151 -16.89 -33.50 24.95
C LYS E 151 -16.45 -32.32 24.14
N PHE E 152 -16.12 -31.23 24.85
CA PHE E 152 -15.69 -30.00 24.24
C PHE E 152 -14.32 -29.58 24.79
N GLY E 153 -13.48 -29.05 23.91
CA GLY E 153 -12.18 -28.57 24.32
C GLY E 153 -11.53 -27.93 23.12
N SER E 154 -10.35 -27.37 23.32
CA SER E 154 -9.53 -26.92 22.22
C SER E 154 -9.21 -28.07 21.25
N TRP E 155 -9.13 -27.78 19.95
CA TRP E 155 -8.79 -28.82 18.96
C TRP E 155 -7.31 -29.05 18.84
N VAL E 156 -6.50 -27.98 18.99
CA VAL E 156 -5.07 -28.04 18.77
C VAL E 156 -4.18 -27.69 19.91
N TYR E 157 -4.73 -27.16 21.02
CA TYR E 157 -4.00 -26.88 22.25
C TYR E 157 -4.23 -27.94 23.35
N SER E 158 -3.14 -28.46 23.92
CA SER E 158 -3.25 -29.27 25.10
C SER E 158 -3.46 -28.39 26.32
N GLY E 159 -3.64 -29.02 27.47
CA GLY E 159 -3.89 -28.37 28.72
C GLY E 159 -2.70 -27.61 29.29
N PHE E 160 -1.51 -27.71 28.64
CA PHE E 160 -0.36 -26.83 28.93
C PHE E 160 -0.57 -25.44 28.32
N GLU E 161 -1.50 -25.32 27.36
CA GLU E 161 -1.71 -24.05 26.70
C GLU E 161 -3.09 -23.45 27.01
N ILE E 162 -4.11 -24.31 27.00
CA ILE E 162 -5.43 -23.89 27.40
C ILE E 162 -5.92 -24.82 28.48
N ASP E 163 -6.35 -24.25 29.58
CA ASP E 163 -7.00 -24.96 30.64
C ASP E 163 -8.44 -24.50 30.55
N LEU E 164 -9.35 -25.40 30.82
CA LEU E 164 -10.76 -25.06 30.83
C LEU E 164 -11.29 -25.15 32.22
N LYS E 165 -12.50 -24.61 32.37
CA LYS E 165 -13.10 -24.36 33.64
C LYS E 165 -14.61 -24.15 33.40
N THR E 166 -15.40 -24.45 34.42
CA THR E 166 -16.81 -24.23 34.37
C THR E 166 -17.13 -23.49 35.64
N ASP E 167 -18.30 -22.85 35.72
CA ASP E 167 -18.68 -22.05 36.90
C ASP E 167 -19.50 -22.91 37.86
N THR E 168 -20.15 -23.91 37.25
CA THR E 168 -21.08 -24.81 37.88
C THR E 168 -21.06 -26.02 37.01
N ASP E 169 -21.39 -27.18 37.57
CA ASP E 169 -21.40 -28.40 36.76
C ASP E 169 -22.81 -28.76 36.29
N GLN E 170 -23.73 -27.84 36.55
CA GLN E 170 -25.11 -27.89 36.13
C GLN E 170 -25.26 -27.08 34.86
N VAL E 171 -25.87 -27.69 33.84
CA VAL E 171 -26.19 -27.00 32.61
C VAL E 171 -27.35 -26.09 32.93
N ASP E 172 -27.33 -24.89 32.39
CA ASP E 172 -28.43 -23.99 32.62
C ASP E 172 -29.57 -24.37 31.69
N LEU E 173 -30.70 -24.67 32.31
CA LEU E 173 -31.84 -25.33 31.71
C LEU E 173 -33.01 -24.37 31.79
N SER E 174 -32.75 -23.16 32.30
CA SER E 174 -33.81 -22.17 32.50
C SER E 174 -34.38 -21.57 31.20
N SER E 175 -33.72 -21.76 30.06
CA SER E 175 -34.37 -21.44 28.79
C SER E 175 -34.63 -22.69 27.99
N TYR E 176 -34.66 -23.84 28.65
CA TYR E 176 -34.96 -25.00 27.83
C TYR E 176 -36.40 -24.88 27.32
N TYR E 177 -36.59 -25.28 26.07
CA TYR E 177 -37.79 -24.98 25.36
C TYR E 177 -38.86 -25.91 25.85
N ALA E 178 -39.89 -25.33 26.47
CA ALA E 178 -40.94 -26.10 27.14
C ALA E 178 -41.82 -26.97 26.26
N SER E 179 -41.87 -26.72 24.98
CA SER E 179 -42.63 -27.62 24.09
C SER E 179 -41.75 -28.38 23.15
N SER E 180 -40.49 -28.59 23.55
CA SER E 180 -39.61 -29.55 22.84
C SER E 180 -40.27 -30.94 22.77
N LYS E 181 -39.97 -31.71 21.73
CA LYS E 181 -40.30 -33.14 21.69
C LYS E 181 -39.67 -33.88 22.85
N TYR E 182 -38.65 -33.29 23.48
CA TYR E 182 -37.90 -33.98 24.51
C TYR E 182 -37.77 -33.20 25.78
N GLU E 183 -38.10 -33.81 26.90
CA GLU E 183 -37.86 -33.14 28.18
C GLU E 183 -36.51 -33.57 28.74
N ILE E 184 -35.99 -32.81 29.67
CA ILE E 184 -34.67 -33.08 30.19
C ILE E 184 -34.76 -33.62 31.61
N LEU E 185 -34.17 -34.76 31.82
CA LEU E 185 -34.13 -35.34 33.14
C LEU E 185 -32.99 -34.74 33.88
N SER E 186 -31.83 -34.69 33.21
CA SER E 186 -30.67 -33.99 33.74
C SER E 186 -29.71 -33.59 32.61
N ALA E 187 -28.82 -32.67 32.96
CA ALA E 187 -27.85 -32.11 32.06
C ALA E 187 -26.66 -31.53 32.85
N THR E 188 -25.46 -32.10 32.62
CA THR E 188 -24.30 -31.73 33.45
C THR E 188 -23.11 -31.45 32.57
N GLN E 189 -22.27 -30.50 32.96
CA GLN E 189 -21.10 -30.10 32.19
C GLN E 189 -19.87 -30.21 33.13
N THR E 190 -19.00 -31.18 32.88
CA THR E 190 -17.95 -31.48 33.88
C THR E 190 -16.54 -31.32 33.29
N ARG E 191 -15.69 -30.53 33.95
CA ARG E 191 -14.31 -30.45 33.56
C ARG E 191 -13.70 -31.80 33.75
N GLN E 192 -12.88 -32.23 32.81
CA GLN E 192 -12.14 -33.48 32.95
C GLN E 192 -10.70 -33.31 32.48
N VAL E 193 -9.77 -34.01 33.14
CA VAL E 193 -8.37 -34.06 32.72
C VAL E 193 -8.09 -35.47 32.35
N GLN E 194 -7.39 -35.62 31.21
CA GLN E 194 -7.29 -36.88 30.53
C GLN E 194 -5.84 -37.03 30.08
N HIS E 195 -5.40 -38.28 30.08
CA HIS E 195 -4.11 -38.64 29.56
C HIS E 195 -4.34 -39.80 28.54
N TYR E 196 -3.89 -39.58 27.31
CA TYR E 196 -4.05 -40.53 26.26
C TYR E 196 -2.74 -41.18 25.94
N SER E 197 -2.76 -42.48 25.61
CA SER E 197 -1.53 -43.18 25.32
C SER E 197 -0.82 -42.58 24.10
N CYS E 198 -1.54 -41.94 23.17
CA CYS E 198 -0.85 -41.46 21.96
C CYS E 198 0.00 -40.28 22.33
N CYS E 199 -0.41 -39.56 23.35
CA CYS E 199 -0.05 -38.18 23.42
C CYS E 199 0.26 -37.80 24.85
N PRO E 200 1.52 -37.44 25.12
CA PRO E 200 1.94 -37.34 26.52
C PRO E 200 1.47 -36.07 27.27
N GLU E 201 1.14 -35.00 26.53
CA GLU E 201 0.51 -33.79 27.12
C GLU E 201 -0.84 -34.10 27.79
N PRO E 202 -1.17 -33.38 28.89
CA PRO E 202 -2.52 -33.45 29.47
C PRO E 202 -3.56 -32.83 28.53
N TYR E 203 -4.77 -33.41 28.52
CA TYR E 203 -5.89 -32.95 27.71
C TYR E 203 -7.07 -32.53 28.58
N ILE E 204 -7.56 -31.29 28.42
CA ILE E 204 -8.71 -30.87 29.19
C ILE E 204 -9.97 -30.76 28.27
N ASP E 205 -11.09 -31.24 28.79
CA ASP E 205 -12.37 -31.12 28.10
C ASP E 205 -13.44 -30.86 29.12
N VAL E 206 -14.61 -30.46 28.62
CA VAL E 206 -15.80 -30.35 29.42
C VAL E 206 -16.78 -31.37 28.81
N ASN E 207 -17.25 -32.29 29.65
CA ASN E 207 -18.13 -33.35 29.24
C ASN E 207 -19.54 -32.91 29.39
N LEU E 208 -20.26 -32.81 28.28
CA LEU E 208 -21.67 -32.51 28.33
C LEU E 208 -22.44 -33.83 28.36
N VAL E 209 -23.11 -34.10 29.49
CA VAL E 209 -23.96 -35.31 29.63
C VAL E 209 -25.43 -34.94 29.76
N VAL E 210 -26.28 -35.46 28.89
CA VAL E 210 -27.72 -35.09 28.84
C VAL E 210 -28.64 -36.34 28.91
N LYS E 211 -29.45 -36.42 29.96
CA LYS E 211 -30.48 -37.48 30.03
C LYS E 211 -31.80 -36.84 29.66
N PHE E 212 -32.48 -37.52 28.75
CA PHE E 212 -33.66 -36.96 28.14
C PHE E 212 -34.66 -38.04 27.74
N ARG E 213 -35.94 -37.68 27.68
CA ARG E 213 -36.99 -38.54 27.13
C ARG E 213 -38.05 -37.76 26.32
N GLU E 214 -38.67 -38.48 25.39
CA GLU E 214 -39.84 -38.06 24.67
C GLU E 214 -40.84 -37.48 25.65
N ARG E 215 -41.28 -36.25 25.44
CA ARG E 215 -42.36 -35.68 26.25
C ARG E 215 -43.68 -36.50 26.21
N ARG E 216 -44.51 -36.31 27.24
CA ARG E 216 -45.84 -36.96 27.32
C ARG E 216 -46.93 -35.97 27.72
N HIS F 9 -15.25 23.71 10.59
CA HIS F 9 -16.54 23.90 9.83
C HIS F 9 -16.33 24.52 8.46
N SER F 10 -15.76 25.73 8.42
CA SER F 10 -15.19 26.26 7.18
C SER F 10 -13.85 25.54 7.00
N GLN F 11 -13.22 25.18 8.13
CA GLN F 11 -12.09 24.24 8.16
C GLN F 11 -12.42 22.96 7.40
N ALA F 12 -13.04 22.02 8.10
CA ALA F 12 -13.61 20.84 7.47
C ALA F 12 -14.06 21.10 6.01
N ASN F 13 -14.73 22.23 5.75
CA ASN F 13 -15.03 22.60 4.36
C ASN F 13 -13.83 22.90 3.47
N LEU F 14 -12.76 23.45 4.04
CA LEU F 14 -11.49 23.65 3.33
C LEU F 14 -10.78 22.29 3.08
N MET F 15 -10.54 21.55 4.17
CA MET F 15 -10.01 20.18 4.15
C MET F 15 -10.73 19.37 3.11
N ARG F 16 -12.05 19.50 3.09
CA ARG F 16 -12.89 18.82 2.12
C ARG F 16 -12.74 19.32 0.69
N LEU F 17 -12.32 20.57 0.52
CA LEU F 17 -12.24 21.12 -0.85
C LEU F 17 -10.97 20.61 -1.51
N LYS F 18 -9.91 20.69 -0.74
CA LYS F 18 -8.59 20.34 -1.21
C LYS F 18 -8.60 18.85 -1.54
N SER F 19 -8.80 18.01 -0.53
CA SER F 19 -9.09 16.60 -0.77
C SER F 19 -9.84 16.38 -2.06
N ASP F 20 -10.92 17.11 -2.28
CA ASP F 20 -11.69 16.91 -3.52
C ASP F 20 -10.95 17.32 -4.80
N LEU F 21 -10.04 18.27 -4.71
CA LEU F 21 -9.35 18.73 -5.92
C LEU F 21 -8.03 17.99 -6.14
N PHE F 22 -7.34 17.70 -5.04
CA PHE F 22 -5.99 17.19 -5.08
C PHE F 22 -5.86 15.68 -4.90
N ASN F 23 -6.94 15.02 -4.45
CA ASN F 23 -6.96 13.56 -4.32
C ASN F 23 -7.94 12.92 -5.30
N ARG F 24 -8.31 13.72 -6.31
CA ARG F 24 -9.01 13.31 -7.54
C ARG F 24 -8.98 14.46 -8.61
N SER F 25 -8.18 14.27 -9.65
CA SER F 25 -7.51 12.99 -9.89
C SER F 25 -6.01 13.03 -9.52
N PRO F 26 -5.20 12.18 -10.18
CA PRO F 26 -3.84 12.65 -10.48
C PRO F 26 -3.85 13.99 -11.26
N MET F 27 -2.82 14.80 -11.02
CA MET F 27 -2.65 16.19 -11.51
C MET F 27 -2.94 16.46 -13.01
N TYR F 28 -3.39 17.69 -13.30
CA TYR F 28 -3.53 18.19 -14.68
C TYR F 28 -2.18 18.06 -15.39
N PRO F 29 -2.18 17.55 -16.64
CA PRO F 29 -0.96 17.12 -17.32
C PRO F 29 -0.27 18.24 -18.06
N GLY F 30 -0.66 19.49 -17.78
CA GLY F 30 -0.24 20.64 -18.56
C GLY F 30 -1.08 20.87 -19.81
N PRO F 31 -0.77 21.96 -20.54
CA PRO F 31 -1.51 22.40 -21.70
C PRO F 31 -1.02 21.75 -22.96
N THR F 32 -1.86 21.83 -23.99
CA THR F 32 -1.64 21.19 -25.29
C THR F 32 -2.13 22.07 -26.44
N LYS F 33 -1.80 21.65 -27.67
CA LYS F 33 -2.30 22.28 -28.89
C LYS F 33 -3.81 22.25 -28.99
N ASP F 34 -4.44 21.43 -28.15
CA ASP F 34 -5.90 21.32 -28.07
C ASP F 34 -6.48 21.82 -26.73
N ASP F 35 -5.62 22.19 -25.77
CA ASP F 35 -6.08 22.80 -24.50
C ASP F 35 -5.11 23.92 -24.12
N PRO F 36 -5.04 24.96 -24.97
CA PRO F 36 -3.96 25.91 -24.75
C PRO F 36 -4.22 26.77 -23.53
N LEU F 37 -3.15 27.28 -22.93
CA LEU F 37 -3.19 28.04 -21.71
C LEU F 37 -2.50 29.41 -21.85
N THR F 38 -3.24 30.45 -21.49
CA THR F 38 -2.71 31.81 -21.35
C THR F 38 -2.18 32.04 -19.95
N VAL F 39 -0.96 32.56 -19.85
CA VAL F 39 -0.39 32.92 -18.56
C VAL F 39 0.02 34.38 -18.57
N THR F 40 -0.33 35.10 -17.50
CA THR F 40 0.02 36.48 -17.33
C THR F 40 1.20 36.65 -16.37
N LEU F 41 2.23 37.35 -16.83
CA LEU F 41 3.30 37.78 -15.92
C LEU F 41 3.39 39.30 -15.87
N GLY F 42 3.96 39.81 -14.77
CA GLY F 42 4.20 41.21 -14.54
C GLY F 42 5.29 41.31 -13.49
N PHE F 43 6.26 42.20 -13.67
CA PHE F 43 7.39 42.26 -12.75
C PHE F 43 7.28 43.43 -11.85
N THR F 44 7.91 43.31 -10.70
CA THR F 44 7.84 44.28 -9.70
C THR F 44 9.24 44.29 -9.17
N LEU F 45 10.07 45.10 -9.83
CA LEU F 45 11.49 45.19 -9.53
C LEU F 45 11.74 45.80 -8.16
N GLN F 46 12.56 45.12 -7.37
CA GLN F 46 12.78 45.55 -6.01
C GLN F 46 14.08 46.31 -5.93
N ASP F 47 15.16 45.68 -6.39
CA ASP F 47 16.53 46.23 -6.25
C ASP F 47 17.44 45.71 -7.38
N ILE F 48 18.58 46.37 -7.52
CA ILE F 48 19.72 45.95 -8.31
C ILE F 48 20.85 45.89 -7.29
N VAL F 49 21.39 44.72 -7.07
CA VAL F 49 22.26 44.46 -5.93
C VAL F 49 23.74 44.56 -6.29
N LYS F 50 24.03 44.28 -7.57
CA LYS F 50 25.40 44.08 -8.05
C LYS F 50 25.40 44.28 -9.56
N ALA F 51 26.48 44.87 -10.07
CA ALA F 51 26.67 45.04 -11.51
C ALA F 51 28.12 44.75 -11.79
N ASP F 52 28.44 43.49 -12.10
CA ASP F 52 29.84 43.09 -12.21
C ASP F 52 30.34 43.37 -13.62
N SER F 53 31.22 44.36 -13.69
CA SER F 53 31.78 44.86 -14.94
C SER F 53 32.84 43.88 -15.40
N SER F 54 33.60 43.37 -14.42
CA SER F 54 34.59 42.32 -14.64
C SER F 54 34.03 41.03 -15.28
N THR F 55 32.77 40.67 -15.03
CA THR F 55 32.19 39.42 -15.64
C THR F 55 31.05 39.66 -16.61
N ASN F 56 30.58 40.90 -16.70
CA ASN F 56 29.32 41.23 -17.35
C ASN F 56 28.13 40.43 -16.78
N GLU F 57 28.06 40.34 -15.46
CA GLU F 57 26.86 39.80 -14.83
C GLU F 57 26.18 40.89 -14.02
N VAL F 58 24.84 40.92 -14.02
CA VAL F 58 24.12 41.78 -13.07
C VAL F 58 23.03 41.04 -12.28
N ASP F 59 23.05 41.18 -10.94
CA ASP F 59 22.06 40.57 -10.00
C ASP F 59 20.81 41.44 -9.66
N LEU F 60 19.65 41.11 -10.25
CA LEU F 60 18.35 41.68 -9.89
C LEU F 60 17.66 40.99 -8.70
N VAL F 61 16.61 41.64 -8.17
CA VAL F 61 15.60 41.07 -7.24
C VAL F 61 14.21 41.55 -7.67
N TYR F 62 13.27 40.63 -7.92
CA TYR F 62 11.93 41.06 -8.34
C TYR F 62 10.74 40.23 -7.78
N TYR F 63 9.54 40.50 -8.28
CA TYR F 63 8.33 39.81 -7.94
C TYR F 63 7.71 39.48 -9.30
N GLU F 64 7.63 38.21 -9.59
CA GLU F 64 7.02 37.86 -10.82
C GLU F 64 5.55 37.35 -10.63
N GLN F 65 4.59 38.19 -11.00
CA GLN F 65 3.19 37.80 -10.91
C GLN F 65 2.90 36.79 -12.03
N GLN F 66 2.55 35.58 -11.61
CA GLN F 66 2.11 34.58 -12.56
C GLN F 66 0.63 34.38 -12.29
N ARG F 67 -0.15 34.08 -13.33
CA ARG F 67 -1.59 34.09 -13.31
C ARG F 67 -2.16 33.28 -14.50
N TRP F 68 -2.92 32.23 -14.18
CA TRP F 68 -3.54 31.38 -15.20
C TRP F 68 -4.88 30.83 -14.69
N LYS F 69 -5.69 30.28 -15.56
CA LYS F 69 -6.94 29.75 -15.10
C LYS F 69 -7.33 28.42 -15.76
N LEU F 70 -7.60 27.44 -14.89
CA LEU F 70 -7.93 26.06 -15.29
C LEU F 70 -9.34 25.65 -14.90
N ASN F 71 -10.09 25.11 -15.84
CA ASN F 71 -11.43 24.65 -15.54
C ASN F 71 -11.42 23.52 -14.52
N SER F 72 -10.49 22.59 -14.72
CA SER F 72 -10.16 21.54 -13.75
C SER F 72 -9.92 22.07 -12.32
N LEU F 73 -10.07 23.37 -12.09
CA LEU F 73 -9.89 23.90 -10.73
C LEU F 73 -11.09 24.69 -10.23
N MET F 74 -12.20 24.56 -10.92
CA MET F 74 -13.42 25.28 -10.55
C MET F 74 -14.16 24.55 -9.45
N TRP F 75 -14.84 25.30 -8.60
CA TRP F 75 -15.71 24.75 -7.57
C TRP F 75 -16.79 25.74 -7.18
N ASP F 76 -18.01 25.21 -7.03
CA ASP F 76 -19.18 25.99 -6.62
C ASP F 76 -19.15 26.21 -5.12
N PRO F 77 -18.77 27.42 -4.68
CA PRO F 77 -18.47 27.74 -3.26
C PRO F 77 -19.63 27.46 -2.31
N ASN F 78 -20.82 27.27 -2.91
CA ASN F 78 -22.05 26.89 -2.18
C ASN F 78 -21.95 25.49 -1.55
N GLU F 79 -21.32 24.57 -2.29
CA GLU F 79 -21.04 23.22 -1.79
C GLU F 79 -19.90 23.17 -0.77
N TYR F 80 -19.23 24.30 -0.56
CA TYR F 80 -18.06 24.30 0.28
C TYR F 80 -18.14 25.47 1.24
N GLY F 81 -19.38 25.82 1.54
CA GLY F 81 -19.70 26.76 2.62
C GLY F 81 -19.13 28.14 2.39
N ASN F 82 -19.48 28.74 1.24
CA ASN F 82 -19.08 30.13 0.90
C ASN F 82 -17.53 30.34 1.01
N ILE F 83 -16.78 29.34 0.51
CA ILE F 83 -15.34 29.47 0.31
C ILE F 83 -15.16 29.72 -1.18
N THR F 84 -14.53 30.84 -1.50
CA THR F 84 -14.40 31.30 -2.88
C THR F 84 -12.96 31.19 -3.37
N ASP F 85 -12.05 31.21 -2.40
CA ASP F 85 -10.63 31.18 -2.65
C ASP F 85 -9.87 30.54 -1.45
N PHE F 86 -8.60 30.15 -1.71
CA PHE F 86 -7.68 29.57 -0.71
C PHE F 86 -6.24 29.47 -1.16
N ARG F 87 -5.40 29.22 -0.17
CA ARG F 87 -3.98 29.23 -0.29
C ARG F 87 -3.40 27.83 -0.11
N THR F 88 -2.73 27.33 -1.13
CA THR F 88 -2.03 26.04 -1.01
C THR F 88 -0.63 26.02 -1.63
N SER F 89 0.28 25.26 -1.01
CA SER F 89 1.58 24.93 -1.61
C SER F 89 1.52 24.75 -3.12
N ALA F 90 2.52 25.32 -3.79
CA ALA F 90 2.70 25.23 -5.23
C ALA F 90 2.95 23.79 -5.77
N ALA F 91 3.60 22.97 -4.94
CA ALA F 91 3.84 21.57 -5.30
C ALA F 91 2.53 20.79 -5.43
N ASP F 92 1.45 21.27 -4.78
CA ASP F 92 0.16 20.62 -5.02
C ASP F 92 -0.41 20.95 -6.37
N ILE F 93 0.20 21.87 -7.14
CA ILE F 93 -0.41 22.25 -8.45
C ILE F 93 0.53 22.30 -9.65
N TRP F 94 -0.04 22.34 -10.87
CA TRP F 94 0.74 22.49 -12.11
C TRP F 94 1.11 23.94 -12.38
N THR F 95 2.36 24.29 -12.17
CA THR F 95 2.83 25.65 -12.47
C THR F 95 3.64 25.68 -13.74
N PRO F 96 3.65 26.83 -14.46
CA PRO F 96 4.37 26.87 -15.73
C PRO F 96 5.87 26.98 -15.52
N ASP F 97 6.60 26.68 -16.59
CA ASP F 97 8.07 26.55 -16.55
C ASP F 97 8.80 27.84 -16.99
N ILE F 98 8.38 28.96 -16.38
CA ILE F 98 8.79 30.30 -16.79
C ILE F 98 10.23 30.55 -16.38
N THR F 99 11.08 30.74 -17.38
CA THR F 99 12.53 30.79 -17.13
C THR F 99 13.18 32.04 -17.73
N ALA F 100 14.14 32.60 -17.02
CA ALA F 100 15.06 33.58 -17.64
C ALA F 100 15.82 32.94 -18.80
N TYR F 101 15.71 33.48 -20.01
CA TYR F 101 16.52 32.94 -21.11
C TYR F 101 18.03 33.21 -21.01
N SER F 102 18.46 34.03 -20.05
CA SER F 102 19.87 34.52 -20.04
C SER F 102 20.58 34.55 -18.71
N SER F 103 20.05 33.82 -17.75
CA SER F 103 20.70 33.68 -16.45
C SER F 103 22.16 33.19 -16.52
N THR F 104 22.95 33.42 -15.48
CA THR F 104 24.30 32.93 -15.45
C THR F 104 24.61 32.27 -14.11
N ARG F 105 23.56 32.16 -13.30
CA ARG F 105 23.51 31.34 -12.10
C ARG F 105 22.06 30.85 -12.02
N PRO F 106 21.80 29.77 -11.24
CA PRO F 106 20.41 29.39 -10.98
C PRO F 106 19.76 30.45 -10.09
N VAL F 107 18.54 30.79 -10.47
CA VAL F 107 17.61 31.64 -9.74
C VAL F 107 17.53 31.19 -8.30
N GLN F 108 17.78 32.10 -7.38
CA GLN F 108 17.50 31.83 -5.99
C GLN F 108 16.05 32.27 -5.68
N VAL F 109 15.24 31.38 -5.09
CA VAL F 109 13.86 31.74 -4.65
C VAL F 109 13.92 32.39 -3.24
N LEU F 110 13.18 33.48 -3.05
CA LEU F 110 13.19 34.17 -1.75
C LEU F 110 11.82 34.17 -1.06
N SER F 111 10.77 33.80 -1.77
CA SER F 111 9.49 33.64 -1.12
C SER F 111 9.09 32.15 -0.95
N PRO F 112 8.22 31.86 0.05
CA PRO F 112 7.39 30.68 0.15
C PRO F 112 6.70 30.20 -1.13
N GLN F 113 6.74 28.89 -1.36
CA GLN F 113 6.24 28.34 -2.62
C GLN F 113 4.76 27.90 -2.55
N ILE F 114 3.88 28.92 -2.58
CA ILE F 114 2.49 28.81 -2.19
C ILE F 114 1.73 29.71 -3.10
N ALA F 115 0.70 29.19 -3.75
CA ALA F 115 -0.18 30.03 -4.54
C ALA F 115 -1.50 30.29 -3.82
N VAL F 116 -2.45 30.86 -4.57
CA VAL F 116 -3.77 31.28 -4.15
C VAL F 116 -4.63 30.91 -5.32
N VAL F 117 -5.72 30.23 -5.03
CA VAL F 117 -6.51 29.60 -6.04
C VAL F 117 -7.90 30.11 -5.79
N THR F 118 -8.73 30.14 -6.83
CA THR F 118 -9.94 30.90 -6.78
C THR F 118 -10.98 30.16 -7.58
N HIS F 119 -12.17 30.08 -6.98
CA HIS F 119 -13.21 29.19 -7.40
C HIS F 119 -13.49 29.15 -8.90
N ASP F 120 -12.97 30.13 -9.65
CA ASP F 120 -13.23 30.11 -11.13
C ASP F 120 -12.24 29.27 -11.94
N GLY F 121 -11.22 28.77 -11.23
CA GLY F 121 -10.11 28.04 -11.86
C GLY F 121 -8.83 28.86 -11.88
N SER F 122 -8.95 30.09 -11.37
CA SER F 122 -7.88 31.08 -11.43
C SER F 122 -6.90 30.83 -10.31
N VAL F 123 -5.61 30.94 -10.65
CA VAL F 123 -4.51 30.79 -9.72
C VAL F 123 -3.71 32.04 -9.90
N MET F 124 -3.03 32.44 -8.83
CA MET F 124 -2.11 33.52 -8.88
C MET F 124 -0.98 33.16 -7.97
N PHE F 125 0.21 33.14 -8.55
CA PHE F 125 1.42 32.73 -7.90
C PHE F 125 2.47 33.87 -8.13
N ILE F 126 3.20 34.22 -7.08
CA ILE F 126 4.03 35.42 -7.05
C ILE F 126 5.34 35.16 -6.31
N PRO F 127 6.34 34.59 -7.01
CA PRO F 127 7.64 34.29 -6.47
C PRO F 127 8.62 35.44 -6.54
N ALA F 128 9.49 35.47 -5.55
CA ALA F 128 10.50 36.48 -5.39
C ALA F 128 11.85 35.82 -5.64
N GLN F 129 12.55 36.28 -6.69
CA GLN F 129 13.82 35.66 -7.12
C GLN F 129 15.02 36.64 -7.22
N ARG F 130 16.22 36.21 -6.80
CA ARG F 130 17.49 36.90 -7.13
C ARG F 130 18.22 36.25 -8.33
N LEU F 131 18.25 36.95 -9.45
CA LEU F 131 18.72 36.42 -10.71
C LEU F 131 20.00 37.08 -11.21
N SER F 132 21.10 36.34 -11.29
CA SER F 132 22.28 36.81 -12.04
C SER F 132 22.00 36.62 -13.51
N PHE F 133 22.13 37.68 -14.30
CA PHE F 133 21.99 37.58 -15.76
C PHE F 133 23.04 38.34 -16.62
N MET F 134 23.02 38.06 -17.92
CA MET F 134 24.00 38.60 -18.81
C MET F 134 23.66 40.06 -19.12
N CYS F 135 24.52 40.93 -18.60
CA CYS F 135 24.29 42.37 -18.62
C CYS F 135 25.61 43.10 -18.72
N ASP F 136 25.75 43.94 -19.73
CA ASP F 136 26.95 44.78 -19.80
C ASP F 136 26.64 46.09 -19.13
N PRO F 137 27.36 46.39 -18.04
CA PRO F 137 27.17 47.55 -17.19
C PRO F 137 28.05 48.76 -17.64
N THR F 138 28.42 48.76 -18.93
CA THR F 138 29.10 49.90 -19.55
C THR F 138 28.09 51.03 -19.71
N GLY F 139 28.51 52.22 -19.29
CA GLY F 139 27.65 53.41 -19.22
C GLY F 139 26.84 53.47 -17.94
N VAL F 140 27.32 52.84 -16.88
CA VAL F 140 26.57 52.85 -15.62
C VAL F 140 26.90 54.09 -14.76
N ASP F 141 28.18 54.43 -14.64
CA ASP F 141 28.63 55.65 -13.96
C ASP F 141 28.34 56.96 -14.72
N SER F 142 27.97 56.86 -16.00
CA SER F 142 27.56 58.01 -16.81
C SER F 142 26.19 58.52 -16.38
N GLU F 143 25.26 58.63 -17.33
CA GLU F 143 24.00 59.33 -17.07
C GLU F 143 23.02 59.13 -18.22
N GLU F 144 23.54 58.68 -19.36
CA GLU F 144 22.71 58.00 -20.34
C GLU F 144 22.41 56.61 -19.74
N GLY F 145 23.31 56.17 -18.84
CA GLY F 145 23.17 54.92 -18.11
C GLY F 145 23.43 53.66 -18.91
N ALA F 146 23.42 52.52 -18.20
CA ALA F 146 23.52 51.18 -18.83
C ALA F 146 22.14 50.63 -19.23
N THR F 147 22.12 49.70 -20.17
CA THR F 147 20.86 49.21 -20.77
C THR F 147 20.87 47.67 -20.97
N CYS F 148 20.13 46.99 -20.11
CA CYS F 148 20.12 45.51 -20.08
C CYS F 148 18.74 44.90 -20.24
N ALA F 149 18.69 43.76 -20.90
CA ALA F 149 17.43 43.15 -21.28
C ALA F 149 17.53 41.67 -21.00
N VAL F 150 16.39 41.03 -20.79
CA VAL F 150 16.35 39.57 -20.53
C VAL F 150 14.98 39.03 -20.79
N LYS F 151 14.93 37.94 -21.55
CA LYS F 151 13.70 37.37 -22.02
C LYS F 151 13.20 36.29 -21.05
N PHE F 152 11.91 36.35 -20.71
CA PHE F 152 11.27 35.26 -19.91
C PHE F 152 10.25 34.55 -20.74
N GLY F 153 10.25 33.22 -20.62
CA GLY F 153 9.28 32.41 -21.32
C GLY F 153 9.28 30.99 -20.82
N SER F 154 8.38 30.23 -21.42
CA SER F 154 8.30 28.81 -21.21
C SER F 154 9.56 28.19 -21.76
N TRP F 155 10.14 27.30 -20.99
CA TRP F 155 11.28 26.57 -21.51
C TRP F 155 10.87 25.62 -22.65
N VAL F 156 9.75 24.92 -22.50
CA VAL F 156 9.45 23.80 -23.40
C VAL F 156 8.16 23.93 -24.19
N TYR F 157 7.31 24.89 -23.85
CA TYR F 157 6.06 25.00 -24.62
C TYR F 157 6.11 26.03 -25.76
N SER F 158 5.53 25.69 -26.89
CA SER F 158 5.44 26.68 -27.94
C SER F 158 4.33 27.66 -27.56
N GLY F 159 3.87 28.46 -28.52
CA GLY F 159 2.85 29.47 -28.30
C GLY F 159 1.53 28.76 -28.41
N PHE F 160 1.56 27.67 -29.18
CA PHE F 160 0.43 26.78 -29.40
C PHE F 160 0.00 26.10 -28.08
N GLU F 161 0.84 26.23 -27.05
CA GLU F 161 0.50 25.63 -25.78
C GLU F 161 0.53 26.63 -24.68
N ILE F 162 1.52 27.49 -24.67
CA ILE F 162 1.48 28.58 -23.72
C ILE F 162 1.50 29.92 -24.45
N ASP F 163 0.53 30.78 -24.12
CA ASP F 163 0.46 32.12 -24.65
C ASP F 163 0.85 32.93 -23.45
N LEU F 164 1.80 33.83 -23.60
CA LEU F 164 2.07 34.77 -22.51
C LEU F 164 1.40 36.05 -22.89
N LYS F 165 0.98 36.83 -21.89
CA LYS F 165 0.50 38.21 -22.10
C LYS F 165 0.89 39.01 -20.86
N THR F 166 0.80 40.35 -20.93
CA THR F 166 1.10 41.25 -19.78
C THR F 166 -0.11 42.10 -19.39
N ASP F 167 -0.05 42.67 -18.19
CA ASP F 167 -1.04 43.64 -17.73
C ASP F 167 -0.73 45.01 -18.34
N THR F 168 0.44 45.51 -17.93
CA THR F 168 1.07 46.74 -18.39
C THR F 168 2.45 46.43 -19.02
N ASP F 169 3.00 47.38 -19.77
CA ASP F 169 4.38 47.24 -20.22
C ASP F 169 5.31 47.96 -19.32
N GLN F 170 4.73 48.58 -18.31
CA GLN F 170 5.52 49.27 -17.33
C GLN F 170 5.71 48.29 -16.23
N VAL F 171 6.92 47.77 -16.16
CA VAL F 171 7.36 47.13 -14.98
C VAL F 171 6.90 48.07 -13.85
N ASP F 172 6.36 47.48 -12.79
CA ASP F 172 5.97 48.20 -11.59
C ASP F 172 7.19 48.56 -10.78
N LEU F 173 7.33 49.86 -10.56
CA LEU F 173 8.41 50.39 -9.77
C LEU F 173 7.99 50.89 -8.38
N SER F 174 6.69 51.10 -8.21
CA SER F 174 6.12 51.45 -6.90
C SER F 174 6.56 50.61 -5.66
N SER F 175 7.65 49.86 -5.77
CA SER F 175 8.18 49.09 -4.64
C SER F 175 9.71 49.01 -4.66
N TYR F 176 10.28 49.50 -5.78
CA TYR F 176 11.75 49.70 -5.96
C TYR F 176 12.49 50.35 -4.79
N TYR F 177 13.44 49.64 -4.20
CA TYR F 177 14.20 50.12 -3.03
C TYR F 177 14.78 51.49 -3.30
N ALA F 178 14.82 52.32 -2.25
CA ALA F 178 15.20 53.72 -2.39
C ALA F 178 16.71 53.89 -2.31
N SER F 179 17.32 53.38 -1.24
CA SER F 179 18.77 53.48 -1.07
C SER F 179 19.49 52.48 -1.94
N SER F 180 18.87 52.15 -3.06
CA SER F 180 19.43 51.26 -4.08
C SER F 180 20.63 51.94 -4.77
N LYS F 181 21.79 51.30 -4.63
CA LYS F 181 23.03 51.78 -5.27
C LYS F 181 22.92 52.07 -6.76
N TYR F 182 21.78 51.76 -7.35
CA TYR F 182 21.54 52.10 -8.73
C TYR F 182 20.13 52.62 -8.79
N GLU F 183 19.78 53.38 -9.83
CA GLU F 183 18.43 53.90 -9.92
C GLU F 183 17.86 53.72 -11.29
N ILE F 184 16.55 53.58 -11.34
CA ILE F 184 15.91 53.09 -12.54
C ILE F 184 15.57 54.27 -13.40
N LEU F 185 16.14 54.31 -14.58
CA LEU F 185 15.77 55.34 -15.54
C LEU F 185 14.49 54.94 -16.21
N SER F 186 14.41 53.69 -16.68
CA SER F 186 13.13 53.09 -17.06
C SER F 186 13.14 51.55 -17.08
N ALA F 187 11.99 50.95 -16.74
CA ALA F 187 11.82 49.48 -16.65
C ALA F 187 10.64 49.03 -17.48
N THR F 188 10.90 48.24 -18.51
CA THR F 188 9.81 47.82 -19.38
C THR F 188 9.71 46.29 -19.53
N GLN F 189 8.47 45.83 -19.75
CA GLN F 189 8.11 44.41 -19.88
C GLN F 189 7.23 44.13 -21.12
N THR F 190 7.84 43.54 -22.14
CA THR F 190 7.22 43.51 -23.45
C THR F 190 7.02 42.09 -23.97
N ARG F 191 5.80 41.80 -24.38
CA ARG F 191 5.53 40.51 -24.96
C ARG F 191 6.14 40.50 -26.34
N GLN F 192 6.83 39.40 -26.67
CA GLN F 192 7.34 39.19 -28.04
C GLN F 192 7.00 37.82 -28.59
N VAL F 193 6.85 37.78 -29.91
CA VAL F 193 6.54 36.56 -30.64
C VAL F 193 7.71 36.18 -31.59
N GLN F 194 8.42 35.10 -31.21
CA GLN F 194 9.62 34.61 -31.87
C GLN F 194 9.30 33.57 -32.91
N HIS F 195 9.80 33.77 -34.12
CA HIS F 195 9.66 32.76 -35.15
C HIS F 195 11.01 32.18 -35.45
N TYR F 196 11.13 30.86 -35.33
CA TYR F 196 12.40 30.24 -35.66
C TYR F 196 12.29 29.62 -37.04
N SER F 197 13.40 29.70 -37.76
CA SER F 197 13.49 29.30 -39.15
C SER F 197 13.35 27.79 -39.30
N CYS F 198 13.88 27.05 -38.33
CA CYS F 198 13.68 25.62 -38.23
C CYS F 198 12.20 25.27 -38.10
N CYS F 199 11.54 26.03 -37.24
CA CYS F 199 10.35 25.52 -36.59
C CYS F 199 9.10 26.33 -36.92
N PRO F 200 8.00 25.64 -37.27
CA PRO F 200 6.78 26.32 -37.74
C PRO F 200 5.96 26.93 -36.60
N GLU F 201 6.40 26.72 -35.37
CA GLU F 201 5.58 27.01 -34.21
C GLU F 201 6.16 28.19 -33.44
N PRO F 202 5.33 29.20 -33.16
CA PRO F 202 5.75 30.43 -32.54
C PRO F 202 6.17 30.23 -31.11
N TYR F 203 7.19 30.96 -30.67
CA TYR F 203 7.58 31.08 -29.26
C TYR F 203 7.33 32.48 -28.70
N ILE F 204 6.76 32.53 -27.50
CA ILE F 204 6.40 33.79 -26.87
C ILE F 204 7.32 33.98 -25.70
N ASP F 205 7.77 35.21 -25.51
CA ASP F 205 8.40 35.57 -24.27
C ASP F 205 7.95 36.97 -23.87
N VAL F 206 8.43 37.38 -22.70
CA VAL F 206 8.28 38.70 -22.22
C VAL F 206 9.70 39.18 -21.93
N ASN F 207 10.11 40.14 -22.78
CA ASN F 207 11.39 40.79 -22.73
C ASN F 207 11.36 41.92 -21.73
N LEU F 208 12.29 41.86 -20.79
CA LEU F 208 12.34 42.79 -19.70
C LEU F 208 13.56 43.66 -19.91
N VAL F 209 13.32 44.91 -20.34
CA VAL F 209 14.42 45.85 -20.64
C VAL F 209 14.58 46.93 -19.54
N VAL F 210 15.74 47.00 -18.91
CA VAL F 210 15.94 47.99 -17.87
C VAL F 210 17.07 48.99 -18.19
N LYS F 211 16.81 50.28 -17.91
CA LYS F 211 17.83 51.33 -18.02
C LYS F 211 18.09 51.85 -16.61
N PHE F 212 19.36 51.95 -16.25
CA PHE F 212 19.72 52.22 -14.87
C PHE F 212 21.13 52.79 -14.76
N ARG F 213 21.44 53.46 -13.64
CA ARG F 213 22.75 54.09 -13.43
C ARG F 213 23.01 54.33 -11.95
N GLU F 214 24.27 54.63 -11.60
CA GLU F 214 24.65 54.88 -10.19
C GLU F 214 23.92 56.10 -9.64
N ARG F 215 24.17 56.44 -8.37
CA ARG F 215 23.59 57.65 -7.78
C ARG F 215 24.53 58.35 -6.76
N LYS G 3 10.44 -0.70 37.10
CA LYS G 3 10.81 0.76 37.12
C LYS G 3 11.15 1.33 35.73
N ASP G 4 11.71 0.47 34.87
CA ASP G 4 12.04 0.81 33.49
C ASP G 4 10.76 0.83 32.65
N ASP G 5 9.80 -0.01 33.05
CA ASP G 5 8.45 -0.06 32.49
C ASP G 5 7.72 1.28 32.58
N ASP G 6 7.97 2.01 33.66
CA ASP G 6 7.39 3.35 33.86
C ASP G 6 7.76 4.28 32.70
N LYS G 7 9.01 4.18 32.26
CA LYS G 7 9.52 4.98 31.14
C LYS G 7 8.99 4.45 29.80
N LEU G 8 8.89 3.13 29.67
CA LEU G 8 8.22 2.52 28.51
C LEU G 8 6.78 3.02 28.31
N HIS G 9 6.03 3.23 29.39
CA HIS G 9 4.65 3.73 29.29
C HIS G 9 4.56 5.19 28.89
N SER G 10 5.53 6.00 29.33
CA SER G 10 5.60 7.42 28.93
C SER G 10 5.91 7.57 27.45
N GLN G 11 6.92 6.84 26.97
CA GLN G 11 7.14 6.65 25.53
C GLN G 11 5.82 6.29 24.80
N ALA G 12 5.19 5.21 25.24
CA ALA G 12 4.01 4.70 24.53
C ALA G 12 2.91 5.74 24.55
N ASN G 13 2.77 6.42 25.69
CA ASN G 13 1.88 7.58 25.77
C ASN G 13 2.20 8.64 24.70
N LEU G 14 3.47 9.00 24.54
CA LEU G 14 3.84 9.98 23.51
C LEU G 14 3.56 9.54 22.05
N MET G 15 4.09 8.37 21.67
CA MET G 15 3.86 7.84 20.33
C MET G 15 2.37 7.83 20.09
N ARG G 16 1.63 7.53 21.16
CA ARG G 16 0.20 7.42 21.02
C ARG G 16 -0.43 8.79 20.74
N LEU G 17 0.07 9.83 21.40
CA LEU G 17 -0.46 11.19 21.21
C LEU G 17 -0.11 11.71 19.82
N LYS G 18 1.17 11.55 19.46
CA LYS G 18 1.64 11.92 18.10
C LYS G 18 0.82 11.21 17.06
N SER G 19 0.63 9.90 17.25
CA SER G 19 -0.13 9.15 16.26
C SER G 19 -1.55 9.66 16.20
N ASP G 20 -2.20 9.89 17.34
CA ASP G 20 -3.56 10.44 17.26
C ASP G 20 -3.55 11.84 16.62
N LEU G 21 -2.59 12.67 17.02
CA LEU G 21 -2.48 14.04 16.46
C LEU G 21 -2.21 14.12 14.96
N PHE G 22 -1.33 13.27 14.44
CA PHE G 22 -0.86 13.41 13.05
C PHE G 22 -1.50 12.44 12.03
N ASN G 23 -1.08 11.18 12.03
CA ASN G 23 -1.66 10.22 11.08
C ASN G 23 -3.15 9.98 11.33
N ARG G 24 -3.53 9.88 12.59
CA ARG G 24 -4.93 9.56 12.89
C ARG G 24 -5.90 10.77 12.91
N SER G 25 -5.54 11.84 12.16
CA SER G 25 -6.45 12.98 11.82
C SER G 25 -5.76 14.06 10.97
N TYR G 28 -3.77 20.05 8.89
CA TYR G 28 -4.42 21.37 9.01
C TYR G 28 -4.10 22.25 7.80
N PRO G 29 -5.12 22.89 7.22
CA PRO G 29 -5.09 23.56 5.94
C PRO G 29 -4.71 25.05 5.92
N GLY G 30 -4.29 25.63 7.04
CA GLY G 30 -4.12 27.09 7.09
C GLY G 30 -5.47 27.81 7.18
N PRO G 31 -5.46 29.06 7.66
CA PRO G 31 -6.67 29.82 8.05
C PRO G 31 -7.64 30.23 6.93
N THR G 32 -8.91 30.48 7.29
CA THR G 32 -9.84 31.21 6.40
C THR G 32 -10.21 32.64 6.83
N LYS G 33 -11.01 33.25 5.98
CA LYS G 33 -11.71 34.50 6.22
C LYS G 33 -12.62 34.29 7.44
N ASP G 34 -13.28 33.14 7.49
CA ASP G 34 -14.20 32.78 8.56
C ASP G 34 -13.45 32.38 9.82
N ASP G 35 -12.31 31.74 9.66
CA ASP G 35 -11.51 31.34 10.80
C ASP G 35 -10.10 31.90 10.66
N PRO G 36 -9.89 33.18 11.01
CA PRO G 36 -8.53 33.71 11.01
C PRO G 36 -7.70 33.13 12.15
N LEU G 37 -6.42 33.52 12.23
CA LEU G 37 -5.56 33.13 13.34
C LEU G 37 -4.50 34.19 13.51
N THR G 38 -3.76 34.10 14.62
CA THR G 38 -2.95 35.19 15.13
C THR G 38 -1.55 34.75 15.54
N VAL G 39 -0.61 35.00 14.63
CA VAL G 39 0.79 34.64 14.82
C VAL G 39 1.51 35.80 15.47
N THR G 40 2.43 35.48 16.38
CA THR G 40 3.09 36.50 17.14
C THR G 40 4.60 36.39 17.03
N LEU G 41 5.28 37.50 16.66
CA LEU G 41 6.75 37.48 16.43
C LEU G 41 7.69 38.03 17.52
N GLY G 42 8.96 37.61 17.49
CA GLY G 42 9.89 37.89 18.57
C GLY G 42 11.34 37.78 18.12
N PHE G 43 11.84 38.85 17.49
CA PHE G 43 13.21 38.88 17.02
C PHE G 43 14.17 39.00 18.18
N THR G 44 15.38 38.53 17.98
CA THR G 44 16.35 38.47 19.06
C THR G 44 17.71 38.62 18.41
N LEU G 45 17.96 39.83 17.92
CA LEU G 45 19.18 40.15 17.16
C LEU G 45 20.43 39.58 17.84
N GLN G 46 21.14 38.71 17.13
CA GLN G 46 22.38 38.15 17.67
C GLN G 46 23.64 38.83 17.13
N ASP G 47 23.50 39.48 15.99
CA ASP G 47 24.66 40.08 15.36
C ASP G 47 24.36 40.69 14.03
N ILE G 48 25.15 41.72 13.70
CA ILE G 48 25.40 42.04 12.31
C ILE G 48 26.78 41.51 11.97
N VAL G 49 26.83 40.77 10.87
CA VAL G 49 28.09 40.21 10.44
C VAL G 49 28.67 41.02 9.29
N LYS G 50 27.81 41.59 8.44
CA LYS G 50 28.26 42.12 7.17
C LYS G 50 27.62 43.43 6.80
N ALA G 51 28.43 44.48 6.88
CA ALA G 51 28.13 45.70 6.18
C ALA G 51 28.81 45.59 4.82
N ASP G 52 28.04 45.79 3.76
CA ASP G 52 28.57 45.68 2.44
C ASP G 52 28.23 46.95 1.69
N SER G 53 29.18 47.88 1.79
CA SER G 53 28.97 49.19 1.20
C SER G 53 29.16 49.16 -0.31
N SER G 54 29.77 48.12 -0.86
CA SER G 54 29.88 48.01 -2.33
C SER G 54 28.56 47.55 -3.02
N THR G 55 27.61 47.05 -2.22
CA THR G 55 26.35 46.56 -2.79
C THR G 55 25.06 46.81 -1.99
N ASN G 56 25.14 47.49 -0.84
CA ASN G 56 23.94 47.87 -0.07
C ASN G 56 23.07 46.66 0.39
N GLU G 57 23.71 45.73 1.10
CA GLU G 57 23.00 44.67 1.78
C GLU G 57 23.65 44.52 3.14
N VAL G 58 22.80 44.38 4.14
CA VAL G 58 23.30 44.04 5.47
C VAL G 58 22.86 42.59 5.77
N ASP G 59 23.74 41.87 6.45
CA ASP G 59 23.42 40.53 6.87
C ASP G 59 23.21 40.54 8.40
N LEU G 60 21.98 40.24 8.83
CA LEU G 60 21.63 39.97 10.25
C LEU G 60 21.62 38.51 10.62
N VAL G 61 21.98 38.21 11.85
CA VAL G 61 21.84 36.84 12.37
C VAL G 61 20.93 36.85 13.62
N TYR G 62 19.63 36.62 13.43
CA TYR G 62 18.64 36.58 14.51
C TYR G 62 17.88 35.25 14.78
N TYR G 63 17.08 35.27 15.85
CA TYR G 63 16.17 34.22 16.24
C TYR G 63 14.80 34.79 15.99
N GLU G 64 14.00 34.14 15.17
CA GLU G 64 12.63 34.51 15.13
C GLU G 64 11.92 33.69 16.16
N GLN G 65 11.16 34.31 17.05
CA GLN G 65 10.18 33.57 17.84
C GLN G 65 8.89 33.62 17.04
N GLN G 66 8.27 32.46 16.89
CA GLN G 66 6.94 32.39 16.32
C GLN G 66 6.11 31.60 17.31
N ARG G 67 4.83 31.94 17.37
CA ARG G 67 3.92 31.42 18.37
C ARG G 67 2.53 31.53 17.74
N TRP G 68 1.76 30.43 17.84
CA TRP G 68 0.38 30.40 17.36
C TRP G 68 -0.34 29.24 18.04
N LYS G 69 -1.65 29.24 17.90
CA LYS G 69 -2.49 28.28 18.60
C LYS G 69 -3.48 27.66 17.63
N LEU G 70 -3.57 26.33 17.69
CA LEU G 70 -4.50 25.60 16.85
C LEU G 70 -5.47 24.76 17.67
N ASN G 71 -6.77 24.94 17.44
CA ASN G 71 -7.76 24.07 18.09
C ASN G 71 -7.47 22.61 17.73
N SER G 72 -7.42 22.34 16.43
CA SER G 72 -7.00 21.02 15.89
C SER G 72 -5.67 20.45 16.41
N LEU G 73 -4.95 21.14 17.30
CA LEU G 73 -3.83 20.51 17.97
C LEU G 73 -4.01 20.36 19.47
N MET G 74 -5.23 20.59 19.98
CA MET G 74 -5.50 20.44 21.43
C MET G 74 -5.76 18.97 21.80
N TRP G 75 -5.31 18.58 23.00
CA TRP G 75 -5.64 17.31 23.60
C TRP G 75 -5.82 17.43 25.10
N ASP G 76 -6.47 16.42 25.72
CA ASP G 76 -6.61 16.30 27.18
C ASP G 76 -5.48 15.41 27.79
N PRO G 77 -4.56 16.00 28.56
CA PRO G 77 -3.42 15.26 29.12
C PRO G 77 -3.73 14.02 29.93
N ASN G 78 -4.90 13.96 30.57
CA ASN G 78 -5.26 12.80 31.41
C ASN G 78 -5.55 11.56 30.50
N GLU G 79 -6.04 11.81 29.27
CA GLU G 79 -6.15 10.83 28.17
C GLU G 79 -4.80 10.35 27.53
N TYR G 80 -3.69 10.88 28.04
CA TYR G 80 -2.38 10.62 27.49
C TYR G 80 -1.34 10.71 28.56
N GLY G 81 -1.62 10.11 29.69
CA GLY G 81 -0.60 9.93 30.75
C GLY G 81 0.07 11.17 31.35
N ASN G 82 -0.63 12.31 31.37
CA ASN G 82 -0.08 13.54 31.95
C ASN G 82 0.92 14.20 31.04
N ILE G 83 0.77 14.05 29.72
CA ILE G 83 1.71 14.73 28.87
C ILE G 83 1.13 16.08 28.47
N THR G 84 1.85 17.13 28.84
CA THR G 84 1.36 18.48 28.54
C THR G 84 1.84 19.15 27.24
N ASP G 85 2.99 18.73 26.74
CA ASP G 85 3.62 19.34 25.58
C ASP G 85 4.72 18.43 25.07
N PHE G 86 5.11 18.60 23.81
CA PHE G 86 6.13 17.74 23.24
C PHE G 86 6.95 18.38 22.09
N ARG G 87 8.15 17.86 21.94
CA ARG G 87 9.05 18.22 20.87
C ARG G 87 8.81 17.31 19.67
N THR G 88 8.42 17.90 18.56
CA THR G 88 8.43 17.21 17.26
C THR G 88 8.98 18.10 16.12
N SER G 89 9.56 17.47 15.06
CA SER G 89 9.92 18.13 13.80
C SER G 89 8.83 19.05 13.26
N ALA G 90 9.23 20.13 12.59
CA ALA G 90 8.29 21.17 12.18
C ALA G 90 7.58 20.87 10.88
N ALA G 91 8.07 19.84 10.20
CA ALA G 91 7.45 19.31 8.99
C ALA G 91 6.21 18.48 9.37
N ASP G 92 6.18 17.97 10.60
CA ASP G 92 4.94 17.39 11.15
C ASP G 92 3.75 18.34 11.27
N ILE G 93 3.99 19.66 11.32
CA ILE G 93 2.88 20.66 11.47
C ILE G 93 2.86 21.73 10.40
N TRP G 94 1.74 22.41 10.28
CA TRP G 94 1.68 23.63 9.48
C TRP G 94 2.44 24.81 10.16
N THR G 95 3.41 25.39 9.48
CA THR G 95 4.18 26.54 9.97
C THR G 95 3.76 27.73 9.15
N PRO G 96 3.60 28.91 9.80
CA PRO G 96 3.17 30.10 9.05
C PRO G 96 4.28 30.57 8.13
N ASP G 97 3.91 31.16 7.00
CA ASP G 97 4.90 31.64 6.00
C ASP G 97 5.43 33.05 6.25
N ILE G 98 6.39 33.14 7.16
CA ILE G 98 6.94 34.42 7.56
C ILE G 98 8.21 34.75 6.76
N THR G 99 8.03 35.58 5.71
CA THR G 99 9.12 36.03 4.85
C THR G 99 9.56 37.50 5.08
N ALA G 100 10.88 37.72 5.10
CA ALA G 100 11.43 39.08 4.93
C ALA G 100 10.96 39.55 3.58
N TYR G 101 10.50 40.80 3.48
CA TYR G 101 9.92 41.30 2.22
C TYR G 101 10.94 41.87 1.28
N SER G 102 12.17 41.98 1.75
CA SER G 102 13.21 42.60 0.95
C SER G 102 14.59 42.03 1.31
N SER G 103 14.63 40.72 1.58
CA SER G 103 15.91 40.02 1.59
C SER G 103 16.45 39.97 0.16
N THR G 104 17.75 39.74 0.06
CA THR G 104 18.43 39.75 -1.24
C THR G 104 19.06 38.42 -1.61
N ARG G 105 19.26 37.56 -0.60
CA ARG G 105 19.69 36.18 -0.75
C ARG G 105 18.68 35.34 0.06
N PRO G 106 18.43 34.07 -0.33
CA PRO G 106 17.51 33.36 0.55
C PRO G 106 18.14 33.11 1.91
N VAL G 107 17.27 33.01 2.92
CA VAL G 107 17.66 32.88 4.33
C VAL G 107 18.44 31.61 4.59
N GLN G 108 19.53 31.70 5.33
CA GLN G 108 20.21 30.49 5.72
C GLN G 108 19.75 30.15 7.11
N VAL G 109 19.33 28.88 7.31
CA VAL G 109 18.81 28.38 8.58
C VAL G 109 19.96 27.79 9.38
N LEU G 110 20.05 28.07 10.67
CA LEU G 110 21.25 27.70 11.44
C LEU G 110 20.86 26.80 12.59
N SER G 111 19.55 26.61 12.72
CA SER G 111 18.99 25.80 13.78
C SER G 111 18.15 24.61 13.30
N PRO G 112 18.21 23.48 14.06
CA PRO G 112 17.31 22.34 13.99
C PRO G 112 15.88 22.78 13.77
N GLN G 113 15.23 22.20 12.76
CA GLN G 113 13.84 22.49 12.42
C GLN G 113 12.82 21.76 13.31
N ILE G 114 13.03 21.81 14.63
CA ILE G 114 12.09 21.23 15.58
C ILE G 114 11.18 22.30 16.18
N ALA G 115 9.94 21.95 16.51
CA ALA G 115 9.06 22.87 17.26
C ALA G 115 8.52 22.31 18.60
N VAL G 116 7.64 23.10 19.24
CA VAL G 116 7.08 22.77 20.55
C VAL G 116 5.61 23.07 20.60
N VAL G 117 4.86 22.04 20.97
CA VAL G 117 3.41 22.00 20.90
C VAL G 117 2.92 21.70 22.33
N THR G 118 1.92 22.47 22.75
CA THR G 118 1.46 22.44 24.13
C THR G 118 0.02 21.96 24.04
N HIS G 119 -0.44 21.29 25.10
CA HIS G 119 -1.74 20.59 25.05
C HIS G 119 -2.95 21.38 24.60
N ASP G 120 -2.85 22.71 24.59
CA ASP G 120 -3.95 23.55 24.18
C ASP G 120 -3.85 23.97 22.71
N GLY G 121 -2.86 23.42 22.01
CA GLY G 121 -2.67 23.70 20.59
C GLY G 121 -1.77 24.89 20.34
N SER G 122 -0.77 25.07 21.22
CA SER G 122 0.08 26.24 21.10
C SER G 122 1.49 25.86 20.67
N VAL G 123 1.90 26.50 19.59
CA VAL G 123 3.17 26.18 18.94
C VAL G 123 4.20 27.26 19.26
N MET G 124 5.41 26.84 19.61
CA MET G 124 6.51 27.77 19.77
C MET G 124 7.66 27.42 18.83
N PHE G 125 7.79 28.17 17.74
CA PHE G 125 8.80 27.86 16.74
C PHE G 125 9.86 28.96 16.60
N ILE G 126 11.11 28.61 16.92
CA ILE G 126 12.23 29.54 16.96
C ILE G 126 13.44 29.18 16.03
N PRO G 127 13.24 29.36 14.71
CA PRO G 127 14.33 29.24 13.73
C PRO G 127 15.41 30.31 13.90
N ALA G 128 16.65 29.89 14.11
CA ALA G 128 17.81 30.76 13.91
C ALA G 128 18.00 31.02 12.40
N GLN G 129 18.21 32.28 12.04
CA GLN G 129 18.36 32.69 10.65
C GLN G 129 19.62 33.55 10.37
N ARG G 130 20.02 33.59 9.09
CA ARG G 130 20.94 34.61 8.58
C ARG G 130 20.23 35.37 7.45
N LEU G 131 20.10 36.69 7.63
CA LEU G 131 19.35 37.45 6.65
C LEU G 131 20.16 38.56 5.97
N SER G 132 20.22 38.43 4.65
CA SER G 132 20.77 39.42 3.77
C SER G 132 19.63 40.19 3.14
N PHE G 133 19.48 41.46 3.58
CA PHE G 133 18.43 42.35 3.06
C PHE G 133 18.92 43.74 2.57
N MET G 134 18.06 44.38 1.79
CA MET G 134 18.31 45.65 1.15
C MET G 134 18.54 46.73 2.20
N CYS G 135 19.80 47.11 2.39
CA CYS G 135 20.18 48.16 3.36
C CYS G 135 21.33 49.10 2.94
N ASP G 136 21.07 50.42 2.87
CA ASP G 136 22.16 51.44 2.74
C ASP G 136 22.99 51.58 4.04
N PRO G 137 24.23 51.06 4.08
CA PRO G 137 24.96 50.94 5.36
C PRO G 137 25.77 52.16 5.83
N THR G 138 26.08 53.06 4.89
CA THR G 138 26.92 54.24 5.12
C THR G 138 26.51 55.05 6.37
N GLY G 139 27.52 55.61 7.05
CA GLY G 139 27.34 56.39 8.28
C GLY G 139 27.93 55.67 9.46
N VAL G 140 27.85 54.34 9.40
CA VAL G 140 28.39 53.38 10.38
C VAL G 140 29.66 53.73 11.15
N ASP G 141 30.53 54.56 10.55
CA ASP G 141 31.78 55.03 11.20
C ASP G 141 31.64 56.47 11.73
N SER G 142 30.79 56.63 12.75
CA SER G 142 30.45 57.96 13.27
C SER G 142 30.11 57.89 14.77
N GLU G 143 28.92 58.39 15.11
CA GLU G 143 28.34 58.20 16.42
C GLU G 143 26.86 57.76 16.26
N GLU G 144 26.17 58.33 15.27
CA GLU G 144 24.72 58.11 15.05
C GLU G 144 24.31 57.08 13.94
N GLY G 145 25.30 56.38 13.37
CA GLY G 145 25.09 55.26 12.41
C GLY G 145 24.02 55.29 11.31
N ALA G 146 23.54 54.10 10.90
CA ALA G 146 22.61 54.00 9.77
C ALA G 146 21.21 53.43 10.10
N THR G 147 20.30 53.60 9.14
CA THR G 147 18.84 53.40 9.33
C THR G 147 18.20 52.50 8.24
N CYS G 148 18.07 51.20 8.53
CA CYS G 148 17.51 50.22 7.59
C CYS G 148 16.29 49.44 8.06
N ALA G 149 15.25 49.46 7.21
CA ALA G 149 13.95 48.81 7.46
C ALA G 149 13.65 47.59 6.57
N VAL G 150 13.26 46.47 7.22
CA VAL G 150 12.79 45.24 6.56
C VAL G 150 11.43 44.80 7.15
N LYS G 151 10.47 44.54 6.26
CA LYS G 151 9.13 44.11 6.67
C LYS G 151 8.90 42.57 6.61
N PHE G 152 8.24 42.04 7.65
CA PHE G 152 7.96 40.59 7.75
C PHE G 152 6.48 40.27 7.67
N GLY G 153 6.07 39.57 6.63
CA GLY G 153 4.69 39.18 6.51
C GLY G 153 4.48 37.77 5.98
N SER G 154 3.29 37.27 6.19
CA SER G 154 2.77 36.19 5.38
C SER G 154 3.00 36.59 3.94
N TRP G 155 3.59 35.71 3.15
CA TRP G 155 3.70 35.99 1.74
C TRP G 155 2.35 36.05 1.08
N VAL G 156 1.46 35.12 1.42
CA VAL G 156 0.23 34.97 0.63
C VAL G 156 -1.10 35.20 1.37
N TYR G 157 -1.04 35.36 2.68
CA TYR G 157 -2.28 35.60 3.38
C TYR G 157 -2.49 37.09 3.68
N SER G 158 -3.65 37.63 3.28
CA SER G 158 -4.04 38.97 3.73
C SER G 158 -4.11 39.13 5.27
N GLY G 159 -4.98 40.02 5.73
CA GLY G 159 -5.11 40.33 7.17
C GLY G 159 -6.42 39.73 7.61
N PHE G 160 -7.28 39.52 6.62
CA PHE G 160 -8.46 38.69 6.74
C PHE G 160 -8.16 37.24 7.19
N GLU G 161 -6.91 36.79 7.01
CA GLU G 161 -6.53 35.37 7.27
C GLU G 161 -5.40 35.21 8.27
N ILE G 162 -4.34 36.01 8.16
CA ILE G 162 -3.34 36.04 9.24
C ILE G 162 -3.16 37.46 9.74
N ASP G 163 -3.29 37.62 11.05
CA ASP G 163 -2.96 38.86 11.69
C ASP G 163 -1.68 38.59 12.49
N LEU G 164 -1.04 39.68 12.89
CA LEU G 164 0.29 39.65 13.50
C LEU G 164 0.29 40.42 14.82
N LYS G 165 1.32 40.19 15.63
CA LYS G 165 1.57 41.03 16.78
C LYS G 165 2.93 40.76 17.42
N THR G 166 3.53 41.83 17.95
CA THR G 166 4.79 41.76 18.68
C THR G 166 4.47 41.56 20.14
N ASP G 167 5.39 41.04 20.95
CA ASP G 167 5.11 41.10 22.39
C ASP G 167 5.43 42.49 22.93
N THR G 168 6.70 42.71 23.29
CA THR G 168 7.26 44.04 23.38
C THR G 168 7.22 44.68 21.97
N ASP G 169 7.76 45.90 21.83
CA ASP G 169 8.16 46.43 20.53
C ASP G 169 9.66 46.57 20.58
N GLN G 170 10.24 45.94 21.60
CA GLN G 170 11.68 45.92 21.83
C GLN G 170 12.35 44.65 21.31
N VAL G 171 12.71 44.70 20.02
CA VAL G 171 13.66 43.77 19.46
C VAL G 171 14.65 43.44 20.56
N ASP G 172 14.66 42.18 20.95
CA ASP G 172 15.47 41.78 22.07
C ASP G 172 16.94 41.86 21.71
N LEU G 173 17.75 42.39 22.62
CA LEU G 173 19.20 42.48 22.41
C LEU G 173 19.99 41.94 23.58
N SER G 174 19.33 41.16 24.43
CA SER G 174 20.01 40.52 25.56
C SER G 174 21.14 39.61 25.12
N SER G 175 21.13 39.24 23.84
CA SER G 175 22.10 38.28 23.27
C SER G 175 23.22 38.83 22.37
N TYR G 176 23.00 40.01 21.77
CA TYR G 176 23.96 40.60 20.83
C TYR G 176 25.41 40.31 21.17
N TYR G 177 26.22 40.12 20.13
CA TYR G 177 27.61 39.68 20.31
C TYR G 177 28.50 40.76 21.01
N ALA G 178 29.55 40.32 21.75
CA ALA G 178 30.37 41.15 22.67
C ALA G 178 31.57 41.81 22.01
N SER G 179 32.56 41.00 21.63
CA SER G 179 33.67 41.51 20.84
C SER G 179 33.23 41.55 19.37
N SER G 180 32.04 42.11 19.13
CA SER G 180 31.44 42.18 17.79
C SER G 180 32.02 43.28 16.93
N LYS G 181 31.91 43.12 15.62
CA LYS G 181 32.29 44.23 14.74
C LYS G 181 31.18 45.27 14.57
N TYR G 182 30.20 45.28 15.48
CA TYR G 182 29.21 46.36 15.53
C TYR G 182 28.60 46.55 16.93
N GLU G 183 27.75 47.57 17.01
CA GLU G 183 27.04 47.92 18.21
C GLU G 183 25.70 48.50 17.79
N ILE G 184 24.72 48.38 18.69
CA ILE G 184 23.35 48.72 18.38
C ILE G 184 22.87 49.96 19.15
N LEU G 185 22.06 50.79 18.46
CA LEU G 185 21.42 51.95 19.06
C LEU G 185 19.92 51.67 19.24
N SER G 186 19.17 51.76 18.13
CA SER G 186 17.76 51.41 18.08
C SER G 186 17.56 49.95 17.62
N ALA G 187 16.40 49.38 17.95
CA ALA G 187 16.03 47.98 17.66
C ALA G 187 14.53 47.79 17.92
N THR G 188 13.72 48.05 16.89
CA THR G 188 12.25 48.09 17.04
C THR G 188 11.44 47.20 16.05
N GLN G 189 10.19 46.87 16.45
CA GLN G 189 9.36 45.91 15.74
C GLN G 189 7.88 46.26 15.83
N THR G 190 7.25 46.62 14.72
CA THR G 190 5.92 47.21 14.83
C THR G 190 4.82 46.76 13.88
N ARG G 191 3.80 46.11 14.44
CA ARG G 191 2.59 45.78 13.70
C ARG G 191 2.19 47.00 12.82
N GLN G 192 1.98 46.80 11.52
CA GLN G 192 1.48 47.88 10.65
C GLN G 192 0.38 47.41 9.73
N VAL G 193 -0.44 48.35 9.29
CA VAL G 193 -1.63 48.05 8.49
C VAL G 193 -1.61 48.77 7.12
N GLN G 194 -1.11 48.08 6.09
CA GLN G 194 -1.03 48.68 4.74
C GLN G 194 -2.39 48.73 4.02
N HIS G 195 -2.63 49.80 3.27
CA HIS G 195 -3.82 49.90 2.39
C HIS G 195 -3.44 50.19 0.95
N TYR G 196 -4.21 49.63 0.02
CA TYR G 196 -4.09 49.96 -1.42
C TYR G 196 -5.47 49.94 -2.09
N SER G 197 -5.78 51.01 -2.83
CA SER G 197 -7.02 51.09 -3.64
C SER G 197 -7.02 49.99 -4.72
N CYS G 198 -5.83 49.47 -4.97
CA CYS G 198 -5.60 48.18 -5.60
C CYS G 198 -6.60 47.09 -5.17
N CYS G 199 -6.59 46.80 -3.87
CA CYS G 199 -7.13 45.56 -3.33
C CYS G 199 -7.59 45.85 -1.89
N PRO G 200 -8.92 45.71 -1.63
CA PRO G 200 -9.56 46.16 -0.38
C PRO G 200 -9.37 45.21 0.80
N GLU G 201 -8.13 44.98 1.20
CA GLU G 201 -7.82 44.07 2.28
C GLU G 201 -6.73 44.71 3.08
N PRO G 202 -6.78 44.59 4.41
CA PRO G 202 -5.61 44.92 5.21
C PRO G 202 -4.50 43.95 4.88
N TYR G 203 -3.26 44.36 5.08
CA TYR G 203 -2.12 43.49 4.93
C TYR G 203 -1.15 43.84 6.05
N ILE G 204 -0.83 42.88 6.89
CA ILE G 204 -0.06 43.18 8.09
C ILE G 204 1.40 42.86 7.91
N ASP G 205 2.24 43.35 8.81
CA ASP G 205 3.66 43.04 8.82
C ASP G 205 4.24 43.58 10.10
N VAL G 206 5.38 43.05 10.51
CA VAL G 206 6.22 43.63 11.57
C VAL G 206 7.40 44.26 10.85
N ASN G 207 7.41 45.59 10.83
CA ASN G 207 8.60 46.34 10.40
C ASN G 207 9.72 46.12 11.40
N LEU G 208 10.90 45.84 10.88
CA LEU G 208 12.04 45.68 11.73
C LEU G 208 12.95 46.83 11.35
N VAL G 209 13.46 47.54 12.36
CA VAL G 209 14.30 48.71 12.14
C VAL G 209 15.52 48.65 13.04
N VAL G 210 16.68 48.55 12.42
CA VAL G 210 17.90 48.67 13.19
C VAL G 210 18.69 49.89 12.78
N LYS G 211 19.06 50.65 13.81
CA LYS G 211 20.07 51.71 13.77
C LYS G 211 21.34 51.23 14.48
N PHE G 212 22.46 51.35 13.76
CA PHE G 212 23.72 50.73 14.17
C PHE G 212 24.91 51.56 13.68
N ARG G 213 26.05 51.37 14.33
CA ARG G 213 27.31 52.01 13.98
C ARG G 213 28.45 51.03 14.27
N GLU G 214 29.60 51.22 13.60
CA GLU G 214 30.86 50.50 13.91
C GLU G 214 31.20 50.49 15.42
N ARG G 215 32.19 49.69 15.83
CA ARG G 215 32.65 49.74 17.23
C ARG G 215 34.14 50.00 17.39
N ASP H 4 30.94 -20.30 3.17
CA ASP H 4 30.18 -19.58 2.10
C ASP H 4 28.73 -19.40 2.50
N ASP H 5 28.14 -20.41 3.11
CA ASP H 5 26.77 -20.32 3.63
C ASP H 5 26.71 -19.51 4.98
N ASP H 6 27.77 -19.62 5.76
CA ASP H 6 27.91 -18.89 7.03
C ASP H 6 27.77 -17.37 6.88
N LYS H 7 28.37 -16.81 5.83
CA LYS H 7 28.14 -15.40 5.49
C LYS H 7 26.64 -15.13 5.37
N LEU H 8 25.94 -16.01 4.64
CA LEU H 8 24.52 -15.80 4.36
C LEU H 8 23.70 -15.65 5.64
N HIS H 9 23.93 -16.56 6.60
CA HIS H 9 23.18 -16.56 7.86
C HIS H 9 23.44 -15.31 8.71
N SER H 10 24.71 -14.91 8.81
CA SER H 10 25.04 -13.73 9.63
C SER H 10 24.43 -12.45 9.04
N GLN H 11 24.34 -12.38 7.72
CA GLN H 11 23.59 -11.30 7.06
C GLN H 11 22.10 -11.29 7.38
N ALA H 12 21.50 -12.48 7.43
CA ALA H 12 20.08 -12.63 7.74
C ALA H 12 19.83 -12.23 9.21
N ASN H 13 20.78 -12.60 10.06
CA ASN H 13 20.77 -12.19 11.45
C ASN H 13 20.75 -10.67 11.62
N LEU H 14 21.57 -9.96 10.84
CA LEU H 14 21.60 -8.50 10.92
C LEU H 14 20.33 -7.86 10.37
N MET H 15 19.91 -8.31 9.19
CA MET H 15 18.69 -7.82 8.59
C MET H 15 17.55 -7.95 9.54
N ARG H 16 17.54 -9.05 10.26
CA ARG H 16 16.44 -9.40 11.13
C ARG H 16 16.45 -8.51 12.39
N LEU H 17 17.65 -8.32 12.94
CA LEU H 17 17.81 -7.41 14.07
C LEU H 17 17.29 -6.06 13.70
N LYS H 18 17.57 -5.61 12.49
CA LYS H 18 17.35 -4.20 12.16
C LYS H 18 15.88 -4.10 11.99
N SER H 19 15.35 -5.03 11.24
CA SER H 19 13.92 -5.14 11.06
C SER H 19 13.20 -5.18 12.40
N ASP H 20 13.74 -5.89 13.39
CA ASP H 20 13.09 -5.98 14.69
C ASP H 20 13.15 -4.65 15.43
N LEU H 21 14.31 -3.98 15.42
CA LEU H 21 14.43 -2.69 16.12
C LEU H 21 13.69 -1.59 15.35
N PHE H 22 13.74 -1.64 14.02
CA PHE H 22 13.19 -0.55 13.25
C PHE H 22 11.75 -0.74 12.78
N ASN H 23 11.49 -1.69 11.87
CA ASN H 23 10.13 -1.89 11.31
C ASN H 23 9.10 -2.31 12.34
N ARG H 24 9.39 -3.36 13.10
CA ARG H 24 8.61 -3.69 14.28
C ARG H 24 8.94 -2.57 15.26
N SER H 25 7.90 -1.99 15.88
CA SER H 25 8.07 -0.90 16.88
C SER H 25 7.73 0.47 16.29
N MET H 27 10.51 3.48 16.54
CA MET H 27 9.46 4.13 17.33
C MET H 27 9.99 4.95 18.55
N TYR H 28 10.92 5.86 18.34
CA TYR H 28 11.42 6.62 19.51
C TYR H 28 11.17 8.12 19.36
N PRO H 29 10.32 8.65 20.25
CA PRO H 29 9.61 9.89 20.11
C PRO H 29 10.38 11.10 20.61
N GLY H 30 11.58 10.87 21.13
CA GLY H 30 12.36 11.88 21.80
C GLY H 30 12.55 11.54 23.26
N PRO H 31 13.17 12.46 24.05
CA PRO H 31 13.09 12.34 25.49
C PRO H 31 11.98 13.20 26.04
N THR H 32 11.66 12.95 27.31
CA THR H 32 10.64 13.67 28.05
C THR H 32 11.09 13.89 29.48
N LYS H 33 10.40 14.79 30.19
CA LYS H 33 10.54 14.88 31.64
C LYS H 33 10.67 13.49 32.27
N ASP H 34 9.74 12.59 31.97
CA ASP H 34 9.71 11.25 32.59
C ASP H 34 10.81 10.33 32.12
N ASP H 35 11.16 10.42 30.83
CA ASP H 35 12.22 9.59 30.24
C ASP H 35 13.36 10.48 29.68
N PRO H 36 14.10 11.18 30.57
CA PRO H 36 15.26 12.01 30.26
C PRO H 36 16.50 11.25 29.81
N LEU H 37 17.30 11.94 29.01
CA LEU H 37 18.42 11.33 28.31
C LEU H 37 19.69 12.12 28.55
N THR H 38 20.79 11.40 28.65
CA THR H 38 22.10 12.00 28.84
C THR H 38 23.08 11.76 27.69
N VAL H 39 23.41 12.83 26.98
CA VAL H 39 24.30 12.80 25.83
C VAL H 39 25.74 13.22 26.18
N THR H 40 26.69 12.29 26.21
CA THR H 40 28.11 12.66 26.33
C THR H 40 28.73 13.33 25.07
N LEU H 41 29.63 14.31 25.29
CA LEU H 41 30.39 14.91 24.17
C LEU H 41 31.93 14.83 24.35
N GLY H 42 32.66 15.00 23.23
CA GLY H 42 34.13 14.86 23.22
C GLY H 42 34.76 15.33 21.92
N PHE H 43 35.13 16.61 21.85
CA PHE H 43 35.59 17.22 20.59
C PHE H 43 37.01 16.85 20.29
N THR H 44 37.26 16.58 19.02
CA THR H 44 38.59 16.50 18.48
C THR H 44 38.74 17.74 17.59
N LEU H 45 39.78 18.54 17.86
CA LEU H 45 40.02 19.71 17.04
C LEU H 45 41.07 19.36 16.03
N GLN H 46 40.82 19.79 14.79
CA GLN H 46 41.67 19.43 13.67
C GLN H 46 42.47 20.60 13.10
N ASP H 47 41.79 21.74 13.00
CA ASP H 47 42.28 22.85 12.27
C ASP H 47 41.39 24.05 12.52
N ILE H 48 41.98 25.23 12.41
CA ILE H 48 41.24 26.46 12.21
C ILE H 48 41.66 26.88 10.82
N VAL H 49 40.74 27.40 10.04
CA VAL H 49 40.99 27.54 8.63
C VAL H 49 41.05 28.98 8.16
N LYS H 50 40.00 29.74 8.44
CA LYS H 50 39.89 31.13 8.05
C LYS H 50 39.56 31.85 9.36
N ALA H 51 39.69 33.17 9.36
CA ALA H 51 39.61 34.03 10.54
C ALA H 51 39.53 35.40 9.96
N ASP H 52 38.35 36.00 10.03
CA ASP H 52 38.03 37.18 9.25
C ASP H 52 37.76 38.32 10.20
N SER H 53 38.76 39.21 10.35
CA SER H 53 38.63 40.38 11.21
C SER H 53 37.65 41.43 10.67
N SER H 54 37.21 41.27 9.43
CA SER H 54 36.25 42.19 8.81
C SER H 54 34.79 41.88 9.16
N THR H 55 34.57 40.73 9.80
CA THR H 55 33.22 40.23 10.13
C THR H 55 33.24 39.59 11.50
N ASN H 56 34.46 39.17 11.88
CA ASN H 56 34.74 38.46 13.13
C ASN H 56 34.08 37.09 13.20
N GLU H 57 33.97 36.48 12.02
CA GLU H 57 33.61 35.09 11.88
C GLU H 57 34.88 34.28 11.89
N VAL H 58 34.88 33.18 12.63
CA VAL H 58 35.95 32.17 12.57
C VAL H 58 35.44 30.77 12.14
N ASP H 59 36.30 30.02 11.44
CA ASP H 59 35.98 28.80 10.73
C ASP H 59 36.71 27.63 11.34
N LEU H 60 35.95 26.58 11.68
CA LEU H 60 36.43 25.47 12.50
C LEU H 60 36.15 24.08 11.91
N VAL H 61 37.01 23.10 12.25
CA VAL H 61 36.92 21.71 11.79
C VAL H 61 37.30 20.74 12.91
N TYR H 62 36.34 19.87 13.25
CA TYR H 62 36.47 18.84 14.29
C TYR H 62 35.52 17.65 14.05
N TYR H 63 35.85 16.52 14.69
CA TYR H 63 34.90 15.49 14.97
C TYR H 63 34.14 15.84 16.27
N GLU H 64 32.84 16.09 16.17
CA GLU H 64 32.03 16.24 17.36
C GLU H 64 31.36 14.91 17.76
N GLN H 65 31.99 14.17 18.66
CA GLN H 65 31.48 12.89 19.12
C GLN H 65 30.20 13.03 19.94
N GLN H 66 29.19 12.18 19.65
CA GLN H 66 27.94 12.06 20.42
C GLN H 66 27.71 10.56 20.83
N ARG H 67 27.75 10.30 22.14
CA ARG H 67 27.47 8.99 22.74
C ARG H 67 26.17 9.13 23.52
N TRP H 68 25.25 8.16 23.41
CA TRP H 68 24.04 8.13 24.27
C TRP H 68 23.52 6.72 24.36
N LYS H 69 22.27 6.56 24.83
CA LYS H 69 21.78 5.23 25.12
C LYS H 69 20.28 5.17 25.35
N LEU H 70 19.57 4.45 24.48
CA LEU H 70 18.13 4.25 24.60
C LEU H 70 17.80 2.78 24.94
N ASN H 71 16.80 2.56 25.81
CA ASN H 71 16.51 1.17 26.16
C ASN H 71 15.81 0.50 25.01
N SER H 72 15.06 1.29 24.25
CA SER H 72 14.42 0.81 23.05
C SER H 72 15.35 0.24 21.94
N LEU H 73 16.69 0.25 22.16
CA LEU H 73 17.66 -0.26 21.15
C LEU H 73 18.54 -1.37 21.62
N MET H 74 18.35 -1.82 22.85
CA MET H 74 19.10 -3.02 23.21
C MET H 74 18.43 -4.28 22.66
N TRP H 75 19.19 -5.36 22.65
CA TRP H 75 18.78 -6.62 22.15
C TRP H 75 19.74 -7.63 22.77
N ASP H 76 19.40 -8.90 22.72
CA ASP H 76 20.28 -9.92 23.25
C ASP H 76 20.96 -10.60 22.09
N PRO H 77 22.32 -10.50 22.02
CA PRO H 77 23.14 -11.08 20.98
C PRO H 77 22.88 -12.56 20.72
N ASN H 78 22.23 -13.23 21.66
CA ASN H 78 22.02 -14.67 21.56
C ASN H 78 20.80 -14.96 20.70
N GLU H 79 19.94 -13.97 20.56
CA GLU H 79 18.79 -14.08 19.65
C GLU H 79 19.15 -13.69 18.24
N TYR H 80 20.41 -13.30 18.01
CA TYR H 80 20.80 -12.79 16.69
C TYR H 80 22.20 -13.14 16.27
N GLY H 81 22.56 -14.41 16.51
CA GLY H 81 23.81 -14.95 16.02
C GLY H 81 24.99 -14.19 16.56
N ASN H 82 24.85 -13.71 17.81
CA ASN H 82 25.94 -13.09 18.56
C ASN H 82 26.38 -11.70 18.08
N ILE H 83 25.54 -11.02 17.34
CA ILE H 83 25.88 -9.68 16.86
C ILE H 83 25.92 -8.78 18.09
N THR H 84 27.08 -8.17 18.32
CA THR H 84 27.27 -7.30 19.48
C THR H 84 27.02 -5.82 19.20
N ASP H 85 27.22 -5.42 17.95
CA ASP H 85 26.75 -4.11 17.45
C ASP H 85 26.72 -4.06 15.91
N PHE H 86 26.16 -2.98 15.37
CA PHE H 86 26.10 -2.76 13.92
C PHE H 86 26.19 -1.29 13.55
N ARG H 87 26.13 -1.01 12.24
CA ARG H 87 26.17 0.36 11.67
C ARG H 87 24.87 0.64 10.98
N THR H 88 24.40 1.88 10.97
CA THR H 88 23.13 2.20 10.32
C THR H 88 22.86 3.68 10.05
N SER H 89 22.35 3.96 8.88
CA SER H 89 22.07 5.33 8.51
C SER H 89 21.49 6.16 9.68
N ALA H 90 22.14 7.26 10.01
CA ALA H 90 21.65 8.10 11.11
C ALA H 90 20.18 8.44 11.02
N ALA H 91 19.60 8.38 9.83
CA ALA H 91 18.15 8.58 9.61
C ALA H 91 17.29 7.41 10.14
N ASP H 92 17.90 6.29 10.48
CA ASP H 92 17.10 5.16 10.97
C ASP H 92 16.70 5.34 12.42
N ILE H 93 17.45 6.18 13.15
CA ILE H 93 17.30 6.33 14.60
C ILE H 93 17.09 7.79 15.00
N TRP H 94 16.66 8.04 16.24
CA TRP H 94 16.56 9.41 16.72
C TRP H 94 17.97 9.94 16.99
N THR H 95 18.19 11.20 16.64
CA THR H 95 19.47 11.89 16.96
C THR H 95 19.26 13.18 17.75
N PRO H 96 20.17 13.46 18.67
CA PRO H 96 20.00 14.66 19.49
C PRO H 96 20.28 15.93 18.70
N ASP H 97 19.42 16.93 18.85
CA ASP H 97 19.48 18.19 18.12
C ASP H 97 20.54 19.19 18.67
N ILE H 98 21.77 18.71 18.89
CA ILE H 98 22.89 19.51 19.42
C ILE H 98 23.46 20.60 18.49
N THR H 99 23.21 21.86 18.82
CA THR H 99 23.55 22.99 17.95
C THR H 99 24.45 24.02 18.63
N ALA H 100 25.37 24.59 17.86
CA ALA H 100 26.14 25.77 18.27
C ALA H 100 25.24 27.00 18.27
N TYR H 101 25.21 27.74 19.39
CA TYR H 101 24.28 28.90 19.48
C TYR H 101 24.84 30.12 18.78
N SER H 102 26.16 30.19 18.64
CA SER H 102 26.78 31.44 18.15
C SER H 102 27.34 31.28 16.73
N SER H 103 26.55 30.70 15.84
CA SER H 103 27.08 30.34 14.53
C SER H 103 26.65 31.41 13.53
N THR H 104 27.34 31.50 12.40
CA THR H 104 27.06 32.54 11.43
C THR H 104 26.61 32.07 10.07
N ARG H 105 26.73 30.77 9.85
CA ARG H 105 26.18 30.12 8.66
C ARG H 105 26.01 28.61 8.93
N PRO H 106 25.06 27.98 8.20
CA PRO H 106 24.72 26.58 8.43
C PRO H 106 25.96 25.70 8.46
N VAL H 107 26.02 24.82 9.46
CA VAL H 107 27.16 23.96 9.62
C VAL H 107 27.29 23.05 8.37
N GLN H 108 28.47 22.52 8.18
CA GLN H 108 28.78 21.91 6.94
C GLN H 108 29.29 20.57 7.32
N VAL H 109 28.49 19.57 6.95
CA VAL H 109 28.73 18.22 7.39
C VAL H 109 29.77 17.68 6.46
N LEU H 110 30.79 17.03 6.99
CA LEU H 110 31.87 16.60 6.12
C LEU H 110 32.01 15.10 6.13
N SER H 111 31.25 14.43 6.98
CA SER H 111 31.31 12.96 7.03
C SER H 111 29.93 12.31 6.77
N PRO H 112 29.91 11.00 6.46
CA PRO H 112 28.62 10.37 6.19
C PRO H 112 27.75 10.19 7.46
N GLN H 113 26.44 10.35 7.30
CA GLN H 113 25.54 10.31 8.46
C GLN H 113 25.21 8.86 8.80
N ILE H 114 26.07 8.25 9.61
CA ILE H 114 25.96 6.85 9.99
C ILE H 114 26.47 6.70 11.40
N ALA H 115 25.72 5.94 12.22
CA ALA H 115 26.03 5.79 13.64
C ALA H 115 26.35 4.34 13.97
N VAL H 116 27.02 4.10 15.09
CA VAL H 116 27.22 2.73 15.50
C VAL H 116 26.24 2.46 16.63
N VAL H 117 25.52 1.33 16.56
CA VAL H 117 24.59 0.92 17.63
C VAL H 117 25.16 -0.29 18.28
N THR H 118 25.29 -0.22 19.60
CA THR H 118 25.85 -1.34 20.37
C THR H 118 24.69 -1.98 21.09
N HIS H 119 24.91 -3.19 21.59
CA HIS H 119 23.80 -4.04 22.01
C HIS H 119 23.10 -3.66 23.32
N ASP H 120 23.61 -2.64 24.02
CA ASP H 120 23.05 -2.22 25.30
C ASP H 120 22.17 -0.99 25.16
N GLY H 121 21.91 -0.59 23.92
CA GLY H 121 21.11 0.57 23.66
C GLY H 121 21.97 1.79 23.35
N SER H 122 23.31 1.67 23.41
CA SER H 122 24.24 2.81 23.12
C SER H 122 24.63 3.04 21.67
N VAL H 123 24.16 4.17 21.15
CA VAL H 123 24.60 4.80 19.92
C VAL H 123 25.90 5.66 20.03
N MET H 124 26.69 5.66 18.96
CA MET H 124 27.83 6.53 18.83
C MET H 124 27.83 7.16 17.46
N PHE H 125 27.60 8.45 17.46
CA PHE H 125 27.49 9.23 16.25
C PHE H 125 28.54 10.38 16.24
N ILE H 126 29.23 10.58 15.12
CA ILE H 126 30.41 11.43 15.10
C ILE H 126 30.54 12.25 13.84
N PRO H 127 29.63 13.21 13.65
CA PRO H 127 29.90 13.99 12.48
C PRO H 127 31.21 14.81 12.57
N ALA H 128 31.96 14.84 11.47
CA ALA H 128 32.96 15.86 11.24
C ALA H 128 32.17 17.05 10.76
N GLN H 129 32.50 18.25 11.26
CA GLN H 129 31.79 19.44 10.84
C GLN H 129 32.74 20.61 10.55
N ARG H 130 32.25 21.59 9.80
CA ARG H 130 32.96 22.86 9.65
C ARG H 130 32.07 23.99 10.10
N LEU H 131 32.53 24.65 11.16
CA LEU H 131 31.76 25.63 11.90
C LEU H 131 32.17 27.05 11.59
N SER H 132 31.19 27.84 11.13
CA SER H 132 31.37 29.28 10.96
C SER H 132 30.64 30.05 12.11
N PHE H 133 31.45 30.67 12.99
CA PHE H 133 30.96 31.25 14.26
C PHE H 133 31.69 32.52 14.71
N MET H 134 30.95 33.39 15.41
CA MET H 134 31.47 34.63 16.00
C MET H 134 32.70 34.53 16.88
N CYS H 135 33.75 35.19 16.41
CA CYS H 135 35.04 35.19 17.07
C CYS H 135 35.81 36.34 16.46
N ASP H 136 36.25 37.21 17.34
CA ASP H 136 37.08 38.37 17.03
C ASP H 136 38.49 37.93 17.40
N PRO H 137 39.36 37.85 16.39
CA PRO H 137 40.73 37.34 16.56
C PRO H 137 41.79 38.43 16.82
N THR H 138 41.33 39.63 17.22
CA THR H 138 42.20 40.72 17.75
C THR H 138 43.21 40.08 18.69
N GLY H 139 44.47 40.13 18.30
CA GLY H 139 45.53 39.56 19.13
C GLY H 139 46.05 38.21 18.66
N VAL H 140 45.51 37.72 17.56
CA VAL H 140 46.00 36.47 17.01
C VAL H 140 47.50 36.51 16.62
N ASP H 141 47.97 37.67 16.15
CA ASP H 141 49.40 37.93 15.87
C ASP H 141 50.27 37.84 17.12
N SER H 142 49.69 38.23 18.24
CA SER H 142 50.43 38.40 19.50
C SER H 142 50.83 37.08 20.18
N GLU H 143 51.95 37.14 20.89
CA GLU H 143 52.39 36.14 21.86
C GLU H 143 51.25 35.75 22.79
N GLU H 144 50.32 36.69 23.02
CA GLU H 144 49.08 36.41 23.75
C GLU H 144 48.19 35.44 22.98
N GLY H 145 47.68 35.89 21.82
CA GLY H 145 46.76 35.13 20.96
C GLY H 145 45.36 35.71 20.94
N ALA H 146 44.41 34.95 20.40
CA ALA H 146 43.00 35.34 20.44
C ALA H 146 42.19 34.53 21.48
N THR H 147 40.98 35.01 21.80
CA THR H 147 40.11 34.26 22.73
C THR H 147 38.64 34.20 22.34
N CYS H 148 38.23 33.00 21.92
CA CYS H 148 36.88 32.77 21.46
C CYS H 148 36.26 31.56 22.11
N ALA H 149 34.96 31.67 22.35
CA ALA H 149 34.23 30.58 22.95
C ALA H 149 33.03 30.23 22.09
N VAL H 150 32.64 28.97 22.13
CA VAL H 150 31.41 28.54 21.45
C VAL H 150 30.59 27.48 22.25
N LYS H 151 29.31 27.80 22.41
CA LYS H 151 28.32 27.01 23.18
C LYS H 151 27.50 26.01 22.32
N PHE H 152 27.68 24.73 22.63
CA PHE H 152 27.00 23.64 21.94
C PHE H 152 25.94 23.04 22.83
N GLY H 153 24.67 23.10 22.38
CA GLY H 153 23.60 22.38 23.08
C GLY H 153 22.29 22.18 22.34
N SER H 154 21.37 21.42 22.96
CA SER H 154 20.08 21.14 22.39
C SER H 154 19.41 22.41 21.98
N TRP H 155 18.92 22.49 20.76
CA TRP H 155 18.02 23.58 20.45
C TRP H 155 16.84 23.38 21.37
N VAL H 156 15.77 22.75 20.92
CA VAL H 156 14.43 22.76 21.59
C VAL H 156 14.24 22.11 23.00
N TYR H 157 15.19 21.30 23.46
CA TYR H 157 15.04 20.60 24.73
C TYR H 157 15.66 21.28 25.94
N SER H 158 14.83 21.61 26.93
CA SER H 158 15.30 21.97 28.28
C SER H 158 16.25 20.91 28.85
N GLY H 159 16.93 21.21 29.95
CA GLY H 159 17.85 20.26 30.57
C GLY H 159 17.08 19.21 31.34
N PHE H 160 15.77 19.29 31.29
CA PHE H 160 14.94 18.30 31.93
C PHE H 160 14.50 17.18 30.99
N GLU H 161 14.61 17.44 29.69
CA GLU H 161 14.48 16.39 28.70
C GLU H 161 15.86 15.79 28.37
N ILE H 162 16.85 16.63 28.08
CA ILE H 162 18.26 16.16 27.86
C ILE H 162 19.27 16.82 28.80
N ASP H 163 20.23 16.06 29.29
CA ASP H 163 21.34 16.56 30.09
C ASP H 163 22.62 16.24 29.34
N LEU H 164 23.49 17.23 29.13
CA LEU H 164 24.76 16.98 28.45
C LEU H 164 25.90 16.70 29.46
N LYS H 165 26.95 16.03 29.01
CA LYS H 165 28.06 15.63 29.90
C LYS H 165 29.37 15.49 29.08
N THR H 166 30.53 15.49 29.75
CA THR H 166 31.79 15.26 29.05
C THR H 166 32.63 14.26 29.80
N ASP H 167 33.46 13.51 29.08
CA ASP H 167 34.39 12.56 29.69
C ASP H 167 35.51 13.26 30.46
N THR H 168 36.34 14.01 29.73
CA THR H 168 37.29 14.94 30.31
C THR H 168 37.03 16.34 29.74
N ASP H 169 37.72 17.35 30.24
CA ASP H 169 37.43 18.74 29.83
C ASP H 169 38.53 19.34 28.93
N GLN H 170 39.62 18.59 28.78
CA GLN H 170 40.61 18.84 27.72
C GLN H 170 40.16 18.22 26.41
N VAL H 171 39.89 19.08 25.43
CA VAL H 171 39.64 18.68 24.05
C VAL H 171 40.76 17.78 23.50
N ASP H 172 40.47 16.95 22.51
CA ASP H 172 41.57 16.21 21.91
C ASP H 172 42.22 16.92 20.72
N LEU H 173 43.49 17.23 20.92
CA LEU H 173 44.31 17.96 19.96
C LEU H 173 45.37 17.06 19.41
N SER H 174 45.14 15.76 19.52
CA SER H 174 46.09 14.78 19.03
C SER H 174 45.86 14.49 17.55
N SER H 175 44.88 15.17 16.95
CA SER H 175 44.64 15.12 15.50
C SER H 175 44.57 16.52 14.94
N TYR H 176 45.21 17.47 15.62
CA TYR H 176 45.33 18.83 15.09
C TYR H 176 46.38 18.86 13.96
N TYR H 177 46.07 19.60 12.89
CA TYR H 177 46.93 19.70 11.70
C TYR H 177 48.12 20.61 12.04
N ALA H 178 49.30 19.99 12.13
CA ALA H 178 50.54 20.72 12.45
C ALA H 178 50.69 22.06 11.70
N SER H 179 50.37 22.05 10.40
CA SER H 179 50.63 23.21 9.55
C SER H 179 49.43 24.09 9.37
N SER H 180 48.55 24.14 10.35
CA SER H 180 47.48 25.12 10.30
C SER H 180 48.10 26.51 10.23
N LYS H 181 47.43 27.45 9.62
CA LYS H 181 47.88 28.81 9.69
C LYS H 181 47.77 29.36 11.13
N TYR H 182 47.20 28.57 12.05
CA TYR H 182 47.13 28.92 13.48
C TYR H 182 47.53 27.77 14.38
N GLU H 183 48.06 28.08 15.56
CA GLU H 183 48.50 27.02 16.51
C GLU H 183 47.68 27.06 17.80
N ILE H 184 47.84 26.05 18.63
CA ILE H 184 46.90 25.82 19.74
C ILE H 184 47.54 25.96 21.11
N LEU H 185 47.11 26.98 21.87
CA LEU H 185 47.53 27.08 23.27
C LEU H 185 46.45 26.46 24.17
N SER H 186 45.27 27.06 24.13
CA SER H 186 44.18 26.56 24.96
C SER H 186 43.01 26.00 24.13
N ALA H 187 42.62 24.76 24.42
CA ALA H 187 41.29 24.25 24.00
C ALA H 187 40.58 23.48 25.13
N THR H 188 39.42 23.98 25.56
CA THR H 188 38.68 23.31 26.62
C THR H 188 37.21 23.17 26.32
N GLN H 189 36.66 22.08 26.82
CA GLN H 189 35.25 21.77 26.64
C GLN H 189 34.56 21.60 28.01
N THR H 190 33.62 22.49 28.26
CA THR H 190 33.19 22.71 29.63
C THR H 190 31.66 22.73 29.71
N ARG H 191 31.17 21.78 30.49
CA ARG H 191 29.76 21.65 30.78
C ARG H 191 29.32 22.87 31.53
N GLN H 192 28.20 23.46 31.12
CA GLN H 192 27.66 24.62 31.79
C GLN H 192 26.19 24.51 32.03
N VAL H 193 25.83 24.27 33.28
CA VAL H 193 24.46 24.48 33.72
C VAL H 193 24.15 25.98 33.80
N GLN H 194 23.11 26.43 33.09
CA GLN H 194 22.73 27.86 33.15
C GLN H 194 21.22 28.22 33.15
N HIS H 195 20.71 28.48 34.36
CA HIS H 195 19.31 28.86 34.61
C HIS H 195 18.97 30.27 34.12
N TYR H 196 17.85 30.39 33.41
CA TYR H 196 17.29 31.68 33.09
C TYR H 196 16.22 31.90 34.16
N SER H 197 15.75 33.13 34.30
CA SER H 197 14.81 33.47 35.36
C SER H 197 13.33 33.25 34.96
N CYS H 198 13.07 33.41 33.66
CA CYS H 198 11.76 33.19 33.01
C CYS H 198 11.13 31.79 33.26
N CYS H 199 11.99 30.82 33.59
CA CYS H 199 11.74 29.41 33.36
C CYS H 199 12.57 28.59 34.35
N PRO H 200 11.96 27.56 34.98
CA PRO H 200 12.55 26.81 36.11
C PRO H 200 13.54 25.68 35.79
N GLU H 201 13.35 25.06 34.64
CA GLU H 201 14.24 24.00 34.17
C GLU H 201 15.51 24.68 33.67
N PRO H 202 16.69 24.08 33.94
CA PRO H 202 17.91 24.44 33.26
C PRO H 202 17.78 24.64 31.73
N TYR H 203 18.88 25.03 31.12
CA TYR H 203 19.11 24.83 29.71
C TYR H 203 20.57 24.62 29.83
N ILE H 204 21.01 23.39 29.61
CA ILE H 204 22.43 23.09 29.73
C ILE H 204 23.11 23.33 28.37
N ASP H 205 24.42 23.41 28.37
CA ASP H 205 25.16 23.59 27.14
C ASP H 205 26.58 23.12 27.30
N VAL H 206 27.34 23.15 26.21
CA VAL H 206 28.77 23.02 26.29
C VAL H 206 29.50 24.11 25.49
N ASN H 207 30.41 24.76 26.22
CA ASN H 207 31.11 25.97 25.82
C ASN H 207 32.48 25.50 25.39
N LEU H 208 32.77 25.73 24.11
CA LEU H 208 34.06 25.36 23.59
C LEU H 208 34.96 26.59 23.68
N VAL H 209 36.12 26.41 24.31
CA VAL H 209 37.01 27.52 24.66
C VAL H 209 38.32 27.52 23.85
N VAL H 210 38.49 28.47 22.92
CA VAL H 210 39.79 28.55 22.17
C VAL H 210 40.77 29.72 22.22
N LYS H 211 42.05 29.33 22.39
CA LYS H 211 43.23 30.21 22.36
C LYS H 211 44.31 29.75 21.36
N PHE H 212 44.44 30.59 20.35
CA PHE H 212 45.26 30.32 19.19
C PHE H 212 45.87 31.63 18.71
N ARG H 213 46.99 31.50 18.03
CA ARG H 213 47.74 32.61 17.47
C ARG H 213 48.27 32.15 16.11
N GLU H 214 48.75 33.10 15.31
CA GLU H 214 49.34 32.77 14.02
C GLU H 214 50.51 31.81 14.18
N ARG H 215 50.73 30.96 13.19
CA ARG H 215 51.80 30.00 13.30
C ARG H 215 53.11 30.75 13.10
N ARG H 216 53.94 30.71 14.14
CA ARG H 216 55.21 31.41 14.14
C ARG H 216 56.21 30.68 13.24
N ASP I 5 12.03 -5.81 -30.91
CA ASP I 5 12.44 -7.09 -31.55
C ASP I 5 12.98 -8.13 -30.50
N ASP I 6 14.23 -8.58 -30.66
CA ASP I 6 14.92 -9.31 -29.58
C ASP I 6 15.30 -8.28 -28.53
N LYS I 7 15.28 -7.02 -28.97
CA LYS I 7 15.62 -5.87 -28.18
C LYS I 7 14.67 -5.74 -27.01
N LEU I 8 13.40 -6.03 -27.25
CA LEU I 8 12.48 -6.11 -26.13
C LEU I 8 12.91 -7.22 -25.17
N HIS I 9 13.33 -8.37 -25.69
CA HIS I 9 13.64 -9.52 -24.83
C HIS I 9 14.77 -9.27 -23.85
N SER I 10 15.91 -8.79 -24.37
CA SER I 10 17.11 -8.48 -23.57
C SER I 10 16.81 -7.37 -22.57
N GLN I 11 15.99 -6.42 -23.03
CA GLN I 11 15.50 -5.33 -22.22
C GLN I 11 14.70 -5.95 -21.09
N ALA I 12 13.79 -6.87 -21.44
CA ALA I 12 13.02 -7.64 -20.47
C ALA I 12 13.92 -8.51 -19.61
N ASN I 13 14.94 -9.07 -20.20
CA ASN I 13 15.89 -9.81 -19.39
C ASN I 13 16.57 -8.97 -18.32
N LEU I 14 17.04 -7.78 -18.70
CA LEU I 14 17.67 -6.83 -17.76
C LEU I 14 16.67 -6.41 -16.69
N MET I 15 15.46 -6.04 -17.08
CA MET I 15 14.43 -5.74 -16.06
C MET I 15 14.18 -6.90 -15.09
N ARG I 16 14.22 -8.15 -15.56
CA ARG I 16 14.06 -9.30 -14.65
C ARG I 16 15.19 -9.33 -13.64
N LEU I 17 16.40 -9.09 -14.14
CA LEU I 17 17.56 -9.19 -13.29
C LEU I 17 17.57 -8.16 -12.17
N LYS I 18 17.40 -6.89 -12.56
CA LYS I 18 17.37 -5.80 -11.61
C LYS I 18 16.31 -6.13 -10.55
N SER I 19 15.12 -6.47 -11.03
CA SER I 19 14.03 -6.86 -10.12
C SER I 19 14.36 -8.02 -9.18
N ASP I 20 15.00 -9.07 -9.66
CA ASP I 20 15.30 -10.15 -8.74
C ASP I 20 16.33 -9.72 -7.77
N LEU I 21 17.26 -8.86 -8.17
CA LEU I 21 18.31 -8.43 -7.26
C LEU I 21 17.87 -7.42 -6.21
N PHE I 22 16.99 -6.49 -6.57
CA PHE I 22 16.75 -5.36 -5.72
C PHE I 22 15.64 -5.53 -4.74
N ASN I 23 14.56 -6.14 -5.19
CA ASN I 23 13.58 -6.76 -4.29
C ASN I 23 14.27 -8.04 -3.76
N ARG I 24 13.55 -9.11 -3.44
CA ARG I 24 14.20 -10.32 -2.92
C ARG I 24 15.76 -10.18 -2.76
N SER I 25 16.32 -10.03 -1.55
CA SER I 25 15.64 -9.93 -0.25
C SER I 25 15.92 -8.55 0.42
N PRO I 26 15.56 -7.45 -0.28
CA PRO I 26 16.03 -6.09 -0.10
C PRO I 26 17.28 -5.76 0.72
N MET I 27 18.33 -5.36 -0.02
CA MET I 27 19.41 -4.45 0.46
C MET I 27 20.38 -4.99 1.51
N TYR I 28 21.57 -5.33 1.02
CA TYR I 28 22.76 -5.61 1.83
C TYR I 28 22.78 -4.77 3.08
N PRO I 29 22.83 -5.42 4.25
CA PRO I 29 22.85 -4.66 5.48
C PRO I 29 24.20 -3.95 5.68
N GLY I 30 25.16 -4.23 4.80
CA GLY I 30 26.56 -3.80 5.00
C GLY I 30 27.34 -4.97 5.56
N PRO I 31 28.67 -4.81 5.68
CA PRO I 31 29.54 -5.91 6.10
C PRO I 31 29.65 -6.06 7.60
N THR I 32 30.11 -7.22 8.05
CA THR I 32 30.17 -7.54 9.49
C THR I 32 31.45 -8.32 9.84
N LYS I 33 31.72 -8.46 11.14
CA LYS I 33 32.91 -9.18 11.65
C LYS I 33 32.92 -10.58 11.03
N ASP I 34 31.73 -11.15 10.91
CA ASP I 34 31.57 -12.45 10.26
C ASP I 34 31.63 -12.33 8.74
N ASP I 35 31.07 -11.26 8.18
CA ASP I 35 30.99 -11.09 6.72
C ASP I 35 31.77 -9.86 6.22
N PRO I 36 33.13 -9.89 6.38
CA PRO I 36 34.02 -8.77 6.04
C PRO I 36 34.17 -8.55 4.51
N LEU I 37 34.38 -7.29 4.14
CA LEU I 37 34.44 -6.89 2.74
C LEU I 37 35.77 -6.16 2.45
N THR I 38 36.43 -6.51 1.36
CA THR I 38 37.56 -5.72 0.93
C THR I 38 37.23 -4.76 -0.19
N VAL I 39 37.34 -3.48 0.10
CA VAL I 39 37.12 -2.47 -0.91
C VAL I 39 38.50 -2.04 -1.48
N THR I 40 38.63 -2.11 -2.79
CA THR I 40 39.84 -1.69 -3.45
C THR I 40 39.74 -0.25 -3.97
N LEU I 41 40.72 0.56 -3.60
CA LEU I 41 40.77 1.97 -4.03
C LEU I 41 41.92 2.31 -4.96
N GLY I 42 41.62 3.18 -5.94
CA GLY I 42 42.63 3.85 -6.77
C GLY I 42 42.25 5.29 -7.07
N PHE I 43 43.22 6.16 -7.21
CA PHE I 43 42.93 7.51 -7.59
C PHE I 43 43.50 7.80 -8.96
N THR I 44 42.81 8.68 -9.66
CA THR I 44 43.27 9.29 -10.90
C THR I 44 43.18 10.79 -10.63
N LEU I 45 44.32 11.48 -10.61
CA LEU I 45 44.33 12.87 -10.21
C LEU I 45 44.27 13.71 -11.46
N GLN I 46 43.29 14.58 -11.54
CA GLN I 46 43.08 15.34 -12.75
C GLN I 46 43.74 16.73 -12.70
N ASP I 47 43.88 17.28 -11.50
CA ASP I 47 44.16 18.67 -11.38
C ASP I 47 44.28 19.10 -9.95
N ILE I 48 45.38 19.79 -9.66
CA ILE I 48 45.41 20.69 -8.52
C ILE I 48 44.97 22.05 -8.99
N VAL I 49 43.82 22.49 -8.51
CA VAL I 49 43.15 23.65 -9.09
C VAL I 49 43.60 24.94 -8.37
N LYS I 50 43.61 24.88 -7.05
CA LYS I 50 43.90 26.01 -6.17
C LYS I 50 44.70 25.55 -4.96
N ALA I 51 45.41 26.50 -4.35
CA ALA I 51 46.21 26.22 -3.17
C ALA I 51 46.30 27.50 -2.36
N ASP I 52 45.36 27.68 -1.45
CA ASP I 52 45.20 28.91 -0.70
C ASP I 52 46.16 28.98 0.47
N SER I 53 47.23 29.76 0.29
CA SER I 53 48.32 29.89 1.27
C SER I 53 47.91 30.62 2.56
N SER I 54 46.93 31.51 2.45
CA SER I 54 46.33 32.15 3.61
C SER I 54 45.63 31.17 4.58
N THR I 55 45.13 30.03 4.07
CA THR I 55 44.29 29.14 4.92
C THR I 55 44.85 27.75 5.02
N ASN I 56 45.82 27.47 4.17
CA ASN I 56 46.35 26.12 3.97
C ASN I 56 45.27 25.11 3.54
N GLU I 57 44.52 25.50 2.50
CA GLU I 57 43.61 24.60 1.81
C GLU I 57 43.93 24.39 0.31
N VAL I 58 44.46 23.23 -0.08
CA VAL I 58 44.56 22.85 -1.52
C VAL I 58 43.27 22.19 -2.08
N ASP I 59 42.99 22.43 -3.37
CA ASP I 59 41.83 21.89 -4.09
C ASP I 59 42.12 20.89 -5.25
N LEU I 60 41.84 19.63 -4.97
CA LEU I 60 42.09 18.54 -5.87
C LEU I 60 40.84 18.21 -6.70
N VAL I 61 41.07 17.79 -7.94
CA VAL I 61 40.02 17.16 -8.69
C VAL I 61 40.58 15.82 -9.08
N TYR I 62 39.87 14.74 -8.78
CA TYR I 62 40.36 13.42 -9.09
C TYR I 62 39.17 12.50 -9.29
N TYR I 63 39.39 11.32 -9.88
CA TYR I 63 38.44 10.23 -9.82
C TYR I 63 38.94 9.29 -8.78
N GLU I 64 37.99 8.71 -8.06
CA GLU I 64 38.30 7.73 -7.07
C GLU I 64 37.68 6.42 -7.49
N GLN I 65 38.49 5.49 -7.93
CA GLN I 65 37.98 4.21 -8.31
C GLN I 65 37.68 3.38 -7.05
N GLN I 66 36.50 2.75 -6.98
CA GLN I 66 36.11 1.83 -5.88
C GLN I 66 35.67 0.49 -6.41
N ARG I 67 36.06 -0.58 -5.74
CA ARG I 67 35.70 -1.90 -6.19
C ARG I 67 35.48 -2.79 -5.02
N TRP I 68 34.33 -3.48 -5.05
CA TRP I 68 34.11 -4.57 -4.10
C TRP I 68 33.28 -5.69 -4.72
N LYS I 69 33.06 -6.75 -3.95
CA LYS I 69 32.38 -7.91 -4.44
C LYS I 69 31.47 -8.47 -3.33
N LEU I 70 30.18 -8.55 -3.65
CA LEU I 70 29.15 -9.12 -2.75
C LEU I 70 28.51 -10.31 -3.42
N ASN I 71 28.33 -11.38 -2.65
CA ASN I 71 27.69 -12.64 -3.15
C ASN I 71 26.22 -12.45 -3.49
N SER I 72 25.58 -11.55 -2.76
CA SER I 72 24.15 -11.28 -2.97
C SER I 72 23.85 -10.53 -4.27
N LEU I 73 24.87 -10.25 -5.07
CA LEU I 73 24.65 -9.54 -6.31
C LEU I 73 25.13 -10.41 -7.45
N MET I 74 25.48 -11.66 -7.12
CA MET I 74 25.83 -12.69 -8.11
C MET I 74 24.61 -13.19 -8.90
N TRP I 75 24.76 -13.39 -10.20
CA TRP I 75 23.73 -14.06 -10.94
C TRP I 75 24.38 -14.95 -11.99
N ASP I 76 23.61 -15.93 -12.43
CA ASP I 76 24.00 -16.78 -13.51
C ASP I 76 23.62 -16.13 -14.81
N PRO I 77 24.60 -15.73 -15.62
CA PRO I 77 24.23 -15.07 -16.87
C PRO I 77 23.28 -15.89 -17.76
N ASN I 78 23.30 -17.22 -17.60
CA ASN I 78 22.56 -18.09 -18.54
C ASN I 78 21.08 -17.93 -18.30
N GLU I 79 20.72 -17.55 -17.08
CA GLU I 79 19.34 -17.39 -16.69
C GLU I 79 18.77 -15.99 -16.95
N TYR I 80 19.54 -15.15 -17.63
CA TYR I 80 19.17 -13.76 -17.81
C TYR I 80 19.62 -13.21 -19.14
N GLY I 81 19.38 -13.95 -20.23
CA GLY I 81 19.72 -13.43 -21.56
C GLY I 81 21.21 -13.44 -21.84
N ASN I 82 21.99 -14.06 -20.96
CA ASN I 82 23.48 -14.00 -20.97
C ASN I 82 24.02 -12.59 -20.65
N ILE I 83 23.26 -11.81 -19.87
CA ILE I 83 23.73 -10.53 -19.42
C ILE I 83 24.88 -10.76 -18.45
N THR I 84 26.01 -10.11 -18.70
CA THR I 84 27.17 -10.29 -17.84
C THR I 84 27.39 -9.14 -16.87
N ASP I 85 26.79 -7.99 -17.17
CA ASP I 85 26.88 -6.84 -16.29
C ASP I 85 25.85 -5.82 -16.61
N PHE I 86 25.68 -4.88 -15.70
CA PHE I 86 24.77 -3.79 -15.95
C PHE I 86 25.13 -2.54 -15.17
N ARG I 87 24.53 -1.44 -15.58
CA ARG I 87 24.79 -0.18 -14.99
C ARG I 87 23.61 0.15 -14.14
N THR I 88 23.85 0.71 -12.96
CA THR I 88 22.72 1.05 -12.09
C THR I 88 23.05 2.24 -11.22
N SER I 89 22.03 3.00 -10.83
CA SER I 89 22.18 4.06 -9.81
C SER I 89 22.74 3.49 -8.52
N ALA I 90 23.66 4.23 -7.93
CA ALA I 90 24.28 3.86 -6.70
C ALA I 90 23.25 3.81 -5.53
N ALA I 91 22.17 4.60 -5.60
CA ALA I 91 21.04 4.42 -4.66
C ALA I 91 20.57 2.95 -4.53
N ASP I 92 20.60 2.20 -5.66
CA ASP I 92 20.04 0.83 -5.67
C ASP I 92 20.87 -0.15 -4.86
N ILE I 93 22.12 0.19 -4.59
CA ILE I 93 23.03 -0.75 -3.96
C ILE I 93 23.68 -0.16 -2.72
N TRP I 94 24.24 -1.01 -1.90
CA TRP I 94 25.11 -0.53 -0.85
C TRP I 94 26.38 0.04 -1.46
N THR I 95 26.91 1.11 -0.88
CA THR I 95 28.20 1.69 -1.33
C THR I 95 28.97 2.02 -0.07
N PRO I 96 30.28 1.69 -0.06
CA PRO I 96 31.13 1.96 1.11
C PRO I 96 31.24 3.47 1.43
N ASP I 97 31.45 3.78 2.71
CA ASP I 97 31.41 5.15 3.23
C ASP I 97 32.82 5.75 3.30
N ILE I 98 33.57 5.64 2.20
CA ILE I 98 34.96 6.08 2.09
C ILE I 98 34.98 7.57 2.19
N THR I 99 35.81 8.09 3.07
CA THR I 99 35.78 9.51 3.32
C THR I 99 37.17 10.08 3.44
N ALA I 100 37.33 11.32 2.98
CA ALA I 100 38.58 12.06 3.32
C ALA I 100 38.49 12.51 4.76
N TYR I 101 39.51 12.16 5.53
CA TYR I 101 39.68 12.59 6.92
C TYR I 101 40.05 14.10 7.12
N SER I 102 40.83 14.65 6.20
CA SER I 102 41.43 15.96 6.39
C SER I 102 40.68 16.95 5.55
N SER I 103 39.49 16.59 5.09
CA SER I 103 38.72 17.52 4.24
C SER I 103 38.37 18.79 5.03
N THR I 104 38.03 19.89 4.35
CA THR I 104 37.68 21.15 5.05
C THR I 104 36.40 21.77 4.55
N ARG I 105 35.89 21.23 3.46
CA ARG I 105 34.63 21.62 2.90
C ARG I 105 33.90 20.33 2.46
N PRO I 106 32.56 20.37 2.38
CA PRO I 106 31.98 19.15 1.87
C PRO I 106 32.51 18.83 0.46
N VAL I 107 32.80 17.55 0.24
CA VAL I 107 33.29 17.00 -1.02
C VAL I 107 32.30 17.26 -2.17
N GLN I 108 32.76 17.83 -3.28
CA GLN I 108 31.86 18.09 -4.41
C GLN I 108 31.88 17.02 -5.57
N VAL I 109 30.80 16.24 -5.68
CA VAL I 109 30.65 15.24 -6.73
C VAL I 109 30.51 15.86 -8.12
N LEU I 110 31.18 15.27 -9.11
CA LEU I 110 31.10 15.77 -10.47
C LEU I 110 30.53 14.74 -11.47
N SER I 111 30.47 13.47 -11.09
CA SER I 111 30.01 12.43 -12.00
C SER I 111 28.66 11.85 -11.55
N PRO I 112 27.87 11.33 -12.50
CA PRO I 112 26.55 10.80 -12.15
C PRO I 112 26.75 9.64 -11.19
N GLN I 113 25.88 9.53 -10.18
CA GLN I 113 26.00 8.45 -9.18
C GLN I 113 25.54 7.09 -9.76
N ILE I 114 26.43 6.44 -10.51
CA ILE I 114 26.08 5.20 -11.21
C ILE I 114 27.17 4.15 -11.11
N ALA I 115 26.82 2.94 -10.72
CA ALA I 115 27.84 1.89 -10.65
C ALA I 115 27.61 0.91 -11.79
N VAL I 116 28.59 0.03 -11.99
CA VAL I 116 28.52 -1.06 -12.96
C VAL I 116 28.62 -2.30 -12.13
N VAL I 117 27.63 -3.20 -12.23
CA VAL I 117 27.59 -4.44 -11.44
C VAL I 117 27.84 -5.60 -12.37
N THR I 118 28.72 -6.50 -11.96
CA THR I 118 29.09 -7.68 -12.78
C THR I 118 28.62 -9.03 -12.23
N HIS I 119 28.26 -9.96 -13.10
CA HIS I 119 27.69 -11.28 -12.64
C HIS I 119 28.35 -12.04 -11.50
N ASP I 120 29.64 -11.77 -11.21
CA ASP I 120 30.36 -12.47 -10.12
C ASP I 120 30.15 -11.77 -8.78
N GLY I 121 29.36 -10.72 -8.79
CA GLY I 121 29.03 -10.03 -7.56
C GLY I 121 29.74 -8.71 -7.41
N SER I 122 30.55 -8.36 -8.40
CA SER I 122 31.43 -7.26 -8.23
C SER I 122 30.90 -5.92 -8.75
N VAL I 123 31.34 -4.88 -8.08
CA VAL I 123 30.80 -3.59 -8.33
C VAL I 123 31.93 -2.63 -8.61
N MET I 124 31.70 -1.71 -9.53
CA MET I 124 32.67 -0.65 -9.75
C MET I 124 31.94 0.68 -9.77
N PHE I 125 32.41 1.58 -8.90
CA PHE I 125 31.81 2.89 -8.74
C PHE I 125 32.97 3.93 -8.81
N ILE I 126 32.81 4.95 -9.62
CA ILE I 126 33.97 5.84 -9.95
C ILE I 126 33.56 7.30 -9.83
N PRO I 127 33.37 7.81 -8.60
CA PRO I 127 32.98 9.19 -8.54
C PRO I 127 34.16 10.16 -8.77
N ALA I 128 33.91 11.11 -9.65
CA ALA I 128 34.71 12.31 -9.82
C ALA I 128 34.40 13.20 -8.65
N GLN I 129 35.43 13.73 -8.00
CA GLN I 129 35.27 14.63 -6.86
C GLN I 129 36.22 15.83 -6.89
N ARG I 130 35.71 16.97 -6.41
CA ARG I 130 36.52 18.11 -5.99
C ARG I 130 36.67 18.23 -4.46
N LEU I 131 37.85 17.90 -3.95
CA LEU I 131 38.11 17.94 -2.51
C LEU I 131 38.98 19.13 -2.04
N SER I 132 38.54 19.89 -1.02
CA SER I 132 39.46 20.76 -0.24
C SER I 132 39.97 20.04 1.00
N PHE I 133 41.28 19.87 1.08
CA PHE I 133 41.84 19.26 2.26
C PHE I 133 42.95 20.13 2.86
N MET I 134 43.55 19.66 3.95
CA MET I 134 44.42 20.48 4.76
C MET I 134 45.86 20.43 4.25
N CYS I 135 46.34 21.57 3.75
CA CYS I 135 47.59 21.57 3.00
C CYS I 135 48.42 22.85 3.10
N ASP I 136 49.63 22.72 3.62
CA ASP I 136 50.59 23.82 3.67
C ASP I 136 51.25 23.84 2.32
N PRO I 137 50.92 24.83 1.50
CA PRO I 137 51.54 24.88 0.20
C PRO I 137 52.96 25.52 0.20
N THR I 138 53.39 26.06 1.34
CA THR I 138 54.67 26.76 1.40
C THR I 138 55.74 25.84 0.82
N GLY I 139 56.53 26.38 -0.11
CA GLY I 139 57.56 25.59 -0.80
C GLY I 139 57.20 25.28 -2.24
N VAL I 140 55.99 25.69 -2.63
CA VAL I 140 55.49 25.47 -3.98
C VAL I 140 56.14 26.45 -4.95
N ASP I 141 56.72 27.52 -4.39
CA ASP I 141 57.43 28.56 -5.16
C ASP I 141 58.75 28.04 -5.73
N SER I 142 59.36 27.08 -5.05
CA SER I 142 60.66 26.54 -5.39
C SER I 142 60.58 25.38 -6.38
N GLU I 143 61.72 25.05 -6.98
CA GLU I 143 61.88 23.85 -7.80
C GLU I 143 61.55 22.56 -7.02
N GLU I 144 61.62 22.60 -5.68
CA GLU I 144 61.39 21.40 -4.86
C GLU I 144 59.90 21.13 -4.50
N GLY I 145 59.07 22.18 -4.54
CA GLY I 145 57.64 22.07 -4.35
C GLY I 145 57.17 21.77 -2.95
N ALA I 146 55.84 21.73 -2.77
CA ALA I 146 55.22 21.31 -1.49
C ALA I 146 54.86 19.83 -1.53
N THR I 147 54.76 19.22 -0.35
CA THR I 147 54.38 17.80 -0.22
C THR I 147 53.21 17.71 0.76
N CYS I 148 52.03 17.35 0.25
CA CYS I 148 50.80 17.32 1.04
C CYS I 148 50.18 15.94 1.18
N ALA I 149 49.28 15.79 2.15
CA ALA I 149 48.72 14.47 2.54
C ALA I 149 47.23 14.48 2.96
N VAL I 150 46.52 13.41 2.59
CA VAL I 150 45.13 13.17 2.99
C VAL I 150 44.86 11.66 3.02
N LYS I 151 44.39 11.22 4.17
CA LYS I 151 43.99 9.84 4.36
C LYS I 151 42.52 9.67 3.94
N PHE I 152 42.26 8.57 3.25
CA PHE I 152 40.91 8.19 2.81
C PHE I 152 40.63 6.86 3.43
N GLY I 153 39.47 6.74 4.08
CA GLY I 153 39.04 5.46 4.71
C GLY I 153 37.54 5.47 5.04
N SER I 154 37.05 4.36 5.59
CA SER I 154 35.67 4.31 6.06
C SER I 154 35.49 5.13 7.33
N TRP I 155 34.45 5.96 7.38
CA TRP I 155 34.16 6.67 8.64
C TRP I 155 33.82 5.70 9.83
N VAL I 156 32.99 4.69 9.59
CA VAL I 156 32.43 3.92 10.75
C VAL I 156 32.91 2.53 10.93
N TYR I 157 33.56 1.99 9.91
CA TYR I 157 33.85 0.60 9.85
C TYR I 157 35.32 0.31 10.03
N SER I 158 35.66 -0.57 10.96
CA SER I 158 37.04 -0.87 11.27
C SER I 158 37.58 -1.87 10.26
N GLY I 159 38.87 -2.22 10.36
CA GLY I 159 39.44 -3.30 9.56
C GLY I 159 38.82 -4.68 9.77
N PHE I 160 38.12 -4.85 10.89
CA PHE I 160 37.32 -6.07 11.13
C PHE I 160 36.11 -6.23 10.15
N GLU I 161 35.55 -5.12 9.68
CA GLU I 161 34.45 -5.17 8.71
C GLU I 161 34.83 -4.71 7.26
N ILE I 162 35.61 -3.66 7.15
CA ILE I 162 36.01 -3.18 5.85
C ILE I 162 37.53 -3.17 5.79
N ASP I 163 38.06 -3.91 4.82
CA ASP I 163 39.49 -3.91 4.57
C ASP I 163 39.72 -3.09 3.30
N LEU I 164 40.87 -2.44 3.17
CA LEU I 164 41.18 -1.67 1.97
C LEU I 164 42.41 -2.20 1.27
N LYS I 165 42.49 -2.07 -0.04
CA LYS I 165 43.76 -2.25 -0.73
C LYS I 165 43.79 -1.39 -1.96
N THR I 166 44.99 -1.31 -2.54
CA THR I 166 45.24 -0.57 -3.77
C THR I 166 45.76 -1.60 -4.76
N ASP I 167 45.48 -1.45 -6.03
CA ASP I 167 46.09 -2.40 -6.97
C ASP I 167 47.52 -1.99 -7.38
N THR I 168 47.89 -0.79 -6.96
CA THR I 168 49.17 -0.18 -7.20
C THR I 168 49.40 0.86 -6.10
N ASP I 169 50.65 1.31 -5.87
CA ASP I 169 50.95 2.43 -4.94
C ASP I 169 51.01 3.75 -5.69
N GLN I 170 50.94 3.65 -7.00
CA GLN I 170 51.10 4.77 -7.89
C GLN I 170 49.78 5.30 -8.36
N VAL I 171 49.56 6.55 -7.99
CA VAL I 171 48.45 7.32 -8.46
C VAL I 171 48.56 7.46 -9.97
N ASP I 172 47.51 7.00 -10.64
CA ASP I 172 47.42 7.16 -12.07
C ASP I 172 47.46 8.67 -12.33
N LEU I 173 48.57 9.10 -12.91
CA LEU I 173 48.78 10.51 -13.20
C LEU I 173 48.57 10.76 -14.65
N SER I 174 48.13 9.72 -15.36
CA SER I 174 48.14 9.76 -16.81
C SER I 174 46.96 10.47 -17.41
N SER I 175 46.11 11.02 -16.56
CA SER I 175 45.02 11.91 -17.02
C SER I 175 45.19 13.29 -16.41
N TYR I 176 46.40 13.67 -16.06
CA TYR I 176 46.59 14.95 -15.36
C TYR I 176 46.42 16.17 -16.29
N TYR I 177 45.90 17.27 -15.78
CA TYR I 177 45.74 18.45 -16.62
C TYR I 177 47.13 19.03 -16.98
N ALA I 178 47.43 19.10 -18.26
CA ALA I 178 48.76 19.54 -18.69
C ALA I 178 48.96 21.05 -18.56
N SER I 179 47.89 21.83 -18.49
CA SER I 179 48.02 23.27 -18.30
C SER I 179 47.61 23.73 -16.89
N SER I 180 47.79 22.83 -15.93
CA SER I 180 47.44 23.06 -14.54
C SER I 180 48.39 24.13 -14.03
N LYS I 181 47.91 24.99 -13.13
CA LYS I 181 48.79 25.91 -12.44
C LYS I 181 49.82 25.15 -11.58
N TYR I 182 49.72 23.83 -11.53
CA TYR I 182 50.69 23.06 -10.78
C TYR I 182 51.14 21.85 -11.56
N GLU I 183 52.34 21.38 -11.27
CA GLU I 183 52.90 20.20 -11.89
C GLU I 183 52.98 19.21 -10.77
N ILE I 184 53.03 17.93 -11.12
CA ILE I 184 53.13 16.84 -10.16
C ILE I 184 54.51 16.15 -10.12
N LEU I 185 55.20 16.27 -9.01
CA LEU I 185 56.48 15.61 -8.88
C LEU I 185 56.28 14.11 -8.66
N SER I 186 55.44 13.82 -7.67
CA SER I 186 55.03 12.45 -7.40
C SER I 186 53.61 12.42 -6.86
N ALA I 187 53.04 11.22 -6.88
CA ALA I 187 51.74 11.01 -6.23
C ALA I 187 51.62 9.58 -5.76
N THR I 188 51.48 9.43 -4.46
CA THR I 188 51.38 8.09 -3.88
C THR I 188 50.03 7.88 -3.26
N GLN I 189 49.64 6.60 -3.24
CA GLN I 189 48.43 6.12 -2.58
C GLN I 189 48.79 4.87 -1.79
N THR I 190 48.87 5.00 -0.48
CA THR I 190 49.43 3.91 0.30
C THR I 190 48.49 3.41 1.38
N ARG I 191 48.22 2.11 1.39
CA ARG I 191 47.52 1.47 2.48
C ARG I 191 48.29 1.57 3.80
N GLN I 192 47.67 2.15 4.82
CA GLN I 192 48.18 2.03 6.19
C GLN I 192 47.23 1.30 7.15
N VAL I 193 47.83 0.71 8.19
CA VAL I 193 47.12 0.06 9.27
C VAL I 193 47.41 0.82 10.60
N GLN I 194 46.37 1.48 11.13
CA GLN I 194 46.41 2.23 12.38
C GLN I 194 45.80 1.50 13.57
N HIS I 195 46.41 1.63 14.75
CA HIS I 195 45.80 1.18 16.02
C HIS I 195 45.68 2.31 17.00
N TYR I 196 44.61 2.32 17.78
CA TYR I 196 44.48 3.33 18.85
C TYR I 196 44.37 2.67 20.20
N SER I 197 44.91 3.30 21.24
CA SER I 197 44.99 2.61 22.52
C SER I 197 43.59 2.43 23.08
N CYS I 198 42.70 3.34 22.70
CA CYS I 198 41.31 3.27 23.06
C CYS I 198 40.64 1.97 22.63
N CYS I 199 41.14 1.33 21.58
CA CYS I 199 40.30 0.44 20.79
C CYS I 199 41.09 -0.68 20.12
N PRO I 200 40.63 -1.94 20.30
CA PRO I 200 41.45 -3.09 19.89
C PRO I 200 41.30 -3.49 18.42
N GLU I 201 40.37 -2.87 17.72
CA GLU I 201 40.17 -3.13 16.30
C GLU I 201 41.11 -2.28 15.44
N PRO I 202 41.83 -2.93 14.49
CA PRO I 202 42.72 -2.24 13.57
C PRO I 202 41.92 -1.38 12.59
N TYR I 203 42.42 -0.20 12.24
CA TYR I 203 41.72 0.71 11.36
C TYR I 203 42.48 0.88 10.06
N ILE I 204 41.78 0.92 8.94
CA ILE I 204 42.53 0.93 7.71
C ILE I 204 42.32 2.27 7.00
N ASP I 205 43.30 2.68 6.21
CA ASP I 205 43.19 3.86 5.40
C ASP I 205 44.09 3.78 4.19
N VAL I 206 43.73 4.54 3.18
CA VAL I 206 44.64 4.73 2.06
C VAL I 206 45.16 6.15 2.14
N ASN I 207 46.48 6.29 2.12
CA ASN I 207 47.15 7.59 2.31
C ASN I 207 47.57 8.23 1.00
N LEU I 208 47.02 9.39 0.69
CA LEU I 208 47.32 10.03 -0.58
C LEU I 208 48.39 11.10 -0.37
N VAL I 209 49.62 10.80 -0.79
CA VAL I 209 50.81 11.67 -0.66
C VAL I 209 51.13 12.30 -2.02
N VAL I 210 51.20 13.61 -2.06
CA VAL I 210 51.29 14.35 -3.32
C VAL I 210 52.32 15.48 -3.25
N LYS I 211 53.24 15.44 -4.22
CA LYS I 211 54.38 16.37 -4.33
C LYS I 211 54.17 17.17 -5.59
N PHE I 212 54.03 18.47 -5.43
CA PHE I 212 53.63 19.28 -6.56
C PHE I 212 54.42 20.59 -6.51
N ARG I 213 54.51 21.28 -7.65
CA ARG I 213 55.18 22.57 -7.71
C ARG I 213 54.54 23.45 -8.78
N GLU I 214 54.82 24.75 -8.76
CA GLU I 214 54.26 25.66 -9.74
C GLU I 214 54.77 25.38 -11.16
N ARG I 215 53.91 25.59 -12.15
CA ARG I 215 54.27 25.49 -13.57
C ARG I 215 55.28 26.61 -14.00
N ARG I 216 55.95 26.40 -15.14
CA ARG I 216 56.91 27.38 -15.68
C ARG I 216 56.80 27.57 -17.21
N LYS J 3 -18.86 23.28 -24.28
CA LYS J 3 -17.79 22.90 -25.26
C LYS J 3 -16.39 22.84 -24.61
N ASP J 4 -16.34 23.25 -23.33
CA ASP J 4 -15.23 22.96 -22.41
C ASP J 4 -15.02 21.44 -22.27
N ASP J 5 -15.95 20.67 -22.86
CA ASP J 5 -15.90 19.21 -22.90
C ASP J 5 -14.73 18.73 -23.74
N ASP J 6 -14.57 19.33 -24.93
CA ASP J 6 -13.42 19.05 -25.82
C ASP J 6 -12.06 19.19 -25.15
N LYS J 7 -12.01 20.05 -24.13
CA LYS J 7 -10.81 20.26 -23.32
C LYS J 7 -10.62 19.13 -22.29
N LEU J 8 -11.75 18.61 -21.79
CA LEU J 8 -11.78 17.53 -20.80
C LEU J 8 -11.33 16.24 -21.48
N HIS J 9 -12.03 15.85 -22.54
CA HIS J 9 -11.61 14.77 -23.45
C HIS J 9 -10.08 14.80 -23.61
N SER J 10 -9.59 15.86 -24.24
CA SER J 10 -8.18 15.88 -24.64
C SER J 10 -7.23 15.96 -23.44
N GLN J 11 -7.75 16.32 -22.27
CA GLN J 11 -6.95 16.23 -21.06
C GLN J 11 -6.93 14.78 -20.53
N ALA J 12 -8.09 14.12 -20.55
CA ALA J 12 -8.19 12.69 -20.26
C ALA J 12 -7.30 11.85 -21.20
N ASN J 13 -7.14 12.30 -22.45
CA ASN J 13 -6.29 11.59 -23.38
C ASN J 13 -4.81 11.68 -23.03
N LEU J 14 -4.34 12.87 -22.68
CA LEU J 14 -2.95 13.00 -22.29
C LEU J 14 -2.72 12.23 -21.01
N MET J 15 -3.61 12.39 -20.05
CA MET J 15 -3.51 11.67 -18.76
C MET J 15 -3.40 10.15 -18.97
N ARG J 16 -4.24 9.61 -19.85
CA ARG J 16 -4.19 8.19 -20.20
C ARG J 16 -2.82 7.78 -20.78
N LEU J 17 -2.33 8.59 -21.74
CA LEU J 17 -1.09 8.31 -22.46
C LEU J 17 0.04 8.16 -21.51
N LYS J 18 0.11 9.11 -20.58
CA LYS J 18 1.26 9.27 -19.73
C LYS J 18 1.27 8.11 -18.77
N SER J 19 0.08 7.77 -18.32
CA SER J 19 -0.14 6.72 -17.38
C SER J 19 0.13 5.38 -18.06
N ASP J 20 -0.34 5.23 -19.29
CA ASP J 20 0.01 4.05 -20.06
C ASP J 20 1.51 3.83 -20.28
N LEU J 21 2.29 4.90 -20.48
CA LEU J 21 3.74 4.81 -20.63
C LEU J 21 4.47 4.80 -19.30
N PHE J 22 4.03 5.56 -18.30
CA PHE J 22 4.81 5.62 -17.06
C PHE J 22 4.42 4.66 -15.96
N ASN J 23 3.13 4.31 -15.85
CA ASN J 23 2.65 3.15 -15.10
C ASN J 23 2.43 2.08 -16.16
N ARG J 24 2.30 0.81 -15.77
CA ARG J 24 2.48 -0.31 -16.71
C ARG J 24 3.96 -0.36 -16.98
N SER J 25 4.58 -1.49 -16.66
CA SER J 25 5.99 -1.76 -17.03
C SER J 25 6.97 -0.83 -16.34
N PRO J 26 7.92 -1.41 -15.58
CA PRO J 26 8.90 -0.54 -14.93
C PRO J 26 9.86 0.11 -15.95
N MET J 27 10.56 1.15 -15.50
CA MET J 27 11.40 2.01 -16.37
C MET J 27 12.27 1.25 -17.40
N TYR J 28 12.42 1.82 -18.60
CA TYR J 28 13.55 1.50 -19.47
C TYR J 28 14.71 1.39 -18.50
N PRO J 29 15.50 0.31 -18.63
CA PRO J 29 16.59 0.06 -17.70
C PRO J 29 17.94 0.62 -18.20
N GLY J 30 17.90 1.41 -19.28
CA GLY J 30 19.10 1.95 -19.92
C GLY J 30 19.39 1.02 -21.09
N PRO J 31 20.26 1.44 -22.04
CA PRO J 31 20.71 0.67 -23.17
C PRO J 31 21.70 -0.41 -22.75
N THR J 32 21.87 -1.39 -23.64
CA THR J 32 22.79 -2.53 -23.41
C THR J 32 23.61 -2.81 -24.68
N LYS J 33 24.56 -3.74 -24.62
CA LYS J 33 25.24 -4.22 -25.84
C LYS J 33 24.21 -4.64 -26.91
N ASP J 34 23.10 -5.27 -26.52
CA ASP J 34 22.17 -5.85 -27.52
C ASP J 34 21.22 -4.78 -28.10
N ASP J 35 20.87 -3.81 -27.24
CA ASP J 35 19.89 -2.74 -27.51
C ASP J 35 20.56 -1.36 -27.33
N PRO J 36 21.62 -1.06 -28.10
CA PRO J 36 22.35 0.21 -27.98
C PRO J 36 21.55 1.44 -28.30
N LEU J 37 22.11 2.58 -27.94
CA LEU J 37 21.40 3.82 -28.04
C LEU J 37 22.36 4.93 -28.50
N THR J 38 21.91 5.73 -29.45
CA THR J 38 22.72 6.83 -29.95
C THR J 38 22.08 8.09 -29.49
N VAL J 39 22.88 8.93 -28.86
CA VAL J 39 22.41 10.17 -28.35
C VAL J 39 23.05 11.24 -29.16
N THR J 40 22.22 12.07 -29.79
CA THR J 40 22.69 13.26 -30.50
C THR J 40 22.84 14.45 -29.56
N LEU J 41 24.00 15.11 -29.65
CA LEU J 41 24.44 16.22 -28.79
C LEU J 41 24.73 17.46 -29.57
N GLY J 42 24.38 18.61 -29.02
CA GLY J 42 24.45 19.88 -29.76
C GLY J 42 24.61 21.00 -28.78
N PHE J 43 25.53 21.92 -29.06
CA PHE J 43 25.70 23.07 -28.18
C PHE J 43 25.21 24.42 -28.75
N THR J 44 24.66 25.25 -27.84
CA THR J 44 24.45 26.69 -28.06
C THR J 44 25.22 27.41 -26.98
N LEU J 45 26.41 27.88 -27.35
CA LEU J 45 27.23 28.68 -26.46
C LEU J 45 26.59 30.05 -26.31
N GLN J 46 26.37 30.42 -25.06
CA GLN J 46 25.72 31.64 -24.72
C GLN J 46 26.72 32.66 -24.23
N ASP J 47 27.65 32.26 -23.38
CA ASP J 47 28.49 33.25 -22.80
C ASP J 47 29.73 32.63 -22.22
N ILE J 48 30.84 33.35 -22.31
CA ILE J 48 32.01 33.04 -21.50
C ILE J 48 32.11 34.05 -20.39
N VAL J 49 31.78 33.60 -19.19
CA VAL J 49 31.42 34.46 -18.11
C VAL J 49 32.67 34.90 -17.40
N LYS J 50 33.54 33.96 -17.11
CA LYS J 50 34.74 34.27 -16.37
C LYS J 50 35.79 33.45 -17.07
N ALA J 51 37.04 33.88 -16.98
CA ALA J 51 38.16 33.02 -17.22
C ALA J 51 39.14 33.36 -16.13
N ASP J 52 39.45 32.41 -15.26
CA ASP J 52 40.26 32.68 -14.10
C ASP J 52 41.70 32.18 -14.30
N SER J 53 42.61 33.13 -14.54
CA SER J 53 43.96 32.80 -14.99
C SER J 53 44.84 32.51 -13.77
N SER J 54 44.25 32.67 -12.59
CA SER J 54 44.94 32.32 -11.34
C SER J 54 44.68 30.87 -10.88
N THR J 55 43.71 30.21 -11.51
CA THR J 55 43.41 28.82 -11.20
C THR J 55 43.39 28.00 -12.45
N ASN J 56 43.27 28.67 -13.59
CA ASN J 56 43.02 27.98 -14.83
C ASN J 56 41.72 27.18 -14.78
N GLU J 57 40.64 27.91 -14.50
CA GLU J 57 39.28 27.43 -14.77
C GLU J 57 38.63 28.43 -15.73
N VAL J 58 37.80 27.98 -16.65
CA VAL J 58 36.94 28.91 -17.40
C VAL J 58 35.49 28.49 -17.19
N ASP J 59 34.57 29.45 -17.02
CA ASP J 59 33.16 29.15 -16.83
C ASP J 59 32.36 29.49 -18.06
N LEU J 60 31.56 28.52 -18.57
CA LEU J 60 30.71 28.69 -19.77
C LEU J 60 29.22 28.53 -19.50
N VAL J 61 28.39 29.31 -20.20
CA VAL J 61 26.96 29.13 -20.15
C VAL J 61 26.49 28.65 -21.50
N TYR J 62 25.73 27.55 -21.53
CA TYR J 62 25.29 26.94 -22.80
C TYR J 62 24.02 26.11 -22.65
N TYR J 63 23.23 26.07 -23.71
CA TYR J 63 22.22 25.06 -23.88
C TYR J 63 22.88 23.82 -24.48
N GLU J 64 22.90 22.73 -23.74
CA GLU J 64 23.20 21.42 -24.32
C GLU J 64 21.96 20.70 -24.89
N GLN J 65 21.87 20.58 -26.20
CA GLN J 65 20.77 19.83 -26.78
C GLN J 65 21.06 18.31 -26.82
N GLN J 66 20.30 17.53 -26.02
CA GLN J 66 20.35 16.05 -26.02
C GLN J 66 19.14 15.48 -26.74
N ARG J 67 19.33 14.45 -27.55
CA ARG J 67 18.24 13.84 -28.36
C ARG J 67 18.43 12.33 -28.64
N TRP J 68 17.36 11.53 -28.54
CA TRP J 68 17.47 10.03 -28.59
C TRP J 68 16.11 9.44 -28.78
N LYS J 69 16.02 8.13 -28.95
CA LYS J 69 14.76 7.51 -29.36
C LYS J 69 14.61 6.14 -28.69
N LEU J 70 13.43 5.85 -28.17
CA LEU J 70 13.16 4.57 -27.47
C LEU J 70 11.85 4.05 -27.99
N ASN J 71 11.85 2.79 -28.49
CA ASN J 71 10.62 2.14 -28.95
C ASN J 71 9.56 2.12 -27.86
N SER J 72 10.02 2.09 -26.61
CA SER J 72 9.16 1.93 -25.47
C SER J 72 8.47 3.23 -25.12
N LEU J 73 8.80 4.28 -25.86
CA LEU J 73 8.12 5.54 -25.70
C LEU J 73 7.18 5.76 -26.85
N MET J 74 7.04 4.78 -27.71
CA MET J 74 6.15 4.95 -28.87
C MET J 74 4.66 4.78 -28.56
N TRP J 75 3.83 5.43 -29.39
CA TRP J 75 2.40 5.19 -29.36
C TRP J 75 1.79 5.57 -30.70
N ASP J 76 0.69 4.91 -31.03
CA ASP J 76 -0.16 5.29 -32.14
C ASP J 76 -0.89 6.49 -31.65
N PRO J 77 -0.88 7.57 -32.43
CA PRO J 77 -1.64 8.76 -32.03
C PRO J 77 -3.15 8.61 -32.16
N ASN J 78 -3.57 7.72 -33.07
CA ASN J 78 -4.98 7.36 -33.27
C ASN J 78 -5.61 6.82 -31.97
N GLU J 79 -4.85 6.08 -31.16
CA GLU J 79 -5.35 5.54 -29.89
C GLU J 79 -5.44 6.56 -28.73
N TYR J 80 -4.99 7.81 -28.97
CA TYR J 80 -4.85 8.77 -27.88
C TYR J 80 -5.28 10.18 -28.28
N GLY J 81 -6.42 10.24 -28.94
CA GLY J 81 -7.08 11.51 -29.22
C GLY J 81 -6.16 12.39 -30.03
N ASN J 82 -5.39 11.74 -30.91
CA ASN J 82 -4.49 12.39 -31.88
C ASN J 82 -3.28 13.16 -31.36
N ILE J 83 -2.72 12.76 -30.21
CA ILE J 83 -1.64 13.50 -29.54
C ILE J 83 -0.32 13.07 -30.11
N THR J 84 0.43 14.00 -30.67
CA THR J 84 1.60 13.59 -31.39
C THR J 84 2.82 13.77 -30.55
N ASP J 85 2.68 14.55 -29.48
CA ASP J 85 3.75 14.74 -28.50
C ASP J 85 3.22 15.36 -27.21
N PHE J 86 4.12 15.57 -26.27
CA PHE J 86 3.76 16.06 -24.94
C PHE J 86 5.04 16.35 -24.11
N ARG J 87 4.90 17.16 -23.08
CA ARG J 87 6.06 17.57 -22.30
C ARG J 87 5.97 16.81 -20.97
N THR J 88 7.10 16.46 -20.34
CA THR J 88 7.04 15.78 -19.06
C THR J 88 8.31 16.02 -18.31
N SER J 89 8.22 16.01 -16.99
CA SER J 89 9.39 16.06 -16.14
C SER J 89 10.41 14.97 -16.50
N ALA J 90 11.70 15.32 -16.44
CA ALA J 90 12.78 14.42 -16.83
C ALA J 90 13.05 13.33 -15.79
N ALA J 91 12.44 13.44 -14.62
CA ALA J 91 12.43 12.33 -13.67
C ALA J 91 11.53 11.17 -14.13
N ASP J 92 10.54 11.45 -15.00
CA ASP J 92 9.58 10.44 -15.44
C ASP J 92 10.15 9.56 -16.52
N ILE J 93 11.23 9.99 -17.16
CA ILE J 93 11.81 9.19 -18.21
C ILE J 93 13.27 8.83 -17.91
N TRP J 94 13.84 7.90 -18.66
CA TRP J 94 15.29 7.70 -18.56
C TRP J 94 16.01 8.84 -19.29
N THR J 95 17.08 9.36 -18.71
CA THR J 95 17.91 10.32 -19.45
C THR J 95 19.41 9.94 -19.45
N PRO J 96 20.13 10.31 -20.53
CA PRO J 96 21.52 9.83 -20.70
C PRO J 96 22.39 10.53 -19.74
N ASP J 97 23.34 9.82 -19.11
CA ASP J 97 24.32 10.39 -18.18
C ASP J 97 25.48 11.18 -18.88
N ILE J 98 25.15 12.09 -19.80
CA ILE J 98 26.17 12.89 -20.52
C ILE J 98 26.81 13.89 -19.59
N THR J 99 28.11 13.71 -19.39
CA THR J 99 28.90 14.41 -18.38
C THR J 99 30.14 15.10 -19.03
N ALA J 100 30.49 16.29 -18.57
CA ALA J 100 31.78 16.95 -18.94
C ALA J 100 32.92 16.22 -18.29
N TYR J 101 33.96 15.88 -19.05
CA TYR J 101 35.06 15.11 -18.47
C TYR J 101 36.10 15.87 -17.66
N SER J 102 36.13 17.20 -17.75
CA SER J 102 37.16 17.97 -17.04
C SER J 102 36.65 19.25 -16.36
N SER J 103 35.38 19.19 -15.90
CA SER J 103 34.77 20.11 -14.90
C SER J 103 35.57 20.16 -13.58
N THR J 104 35.37 21.23 -12.80
CA THR J 104 36.13 21.49 -11.55
C THR J 104 35.16 21.93 -10.47
N ARG J 105 33.89 21.95 -10.87
CA ARG J 105 32.81 22.31 -9.99
C ARG J 105 31.60 21.52 -10.48
N PRO J 106 30.62 21.30 -9.60
CA PRO J 106 29.41 20.76 -10.06
C PRO J 106 28.77 21.64 -11.14
N VAL J 107 28.23 21.01 -12.17
CA VAL J 107 27.40 21.68 -13.12
C VAL J 107 26.31 22.43 -12.34
N GLN J 108 25.87 23.56 -12.88
CA GLN J 108 24.83 24.32 -12.23
C GLN J 108 23.77 24.45 -13.28
N VAL J 109 22.55 23.99 -12.95
CA VAL J 109 21.46 23.81 -13.94
C VAL J 109 20.64 25.08 -13.94
N LEU J 110 20.30 25.56 -15.13
CA LEU J 110 19.60 26.85 -15.29
C LEU J 110 18.24 26.75 -15.94
N SER J 111 17.91 25.61 -16.54
CA SER J 111 16.57 25.48 -17.04
C SER J 111 15.74 24.44 -16.26
N PRO J 112 14.41 24.54 -16.37
CA PRO J 112 13.54 23.50 -15.88
C PRO J 112 13.89 22.15 -16.50
N GLN J 113 14.08 21.14 -15.64
CA GLN J 113 14.36 19.78 -16.08
C GLN J 113 13.12 19.15 -16.71
N ILE J 114 12.85 19.51 -17.98
CA ILE J 114 11.61 19.05 -18.66
C ILE J 114 11.94 18.74 -20.09
N ALA J 115 11.41 17.62 -20.58
CA ALA J 115 11.74 17.10 -21.91
C ALA J 115 10.52 17.07 -22.81
N VAL J 116 10.70 16.90 -24.12
CA VAL J 116 9.56 16.74 -25.03
C VAL J 116 9.61 15.37 -25.69
N VAL J 117 8.60 14.56 -25.42
CA VAL J 117 8.51 13.25 -26.03
C VAL J 117 7.58 13.24 -27.24
N THR J 118 7.93 12.49 -28.30
CA THR J 118 7.19 12.48 -29.55
C THR J 118 6.72 11.05 -29.94
N HIS J 119 5.52 10.92 -30.49
CA HIS J 119 4.90 9.59 -30.64
C HIS J 119 5.79 8.52 -31.23
N ASP J 120 6.79 8.94 -31.99
CA ASP J 120 7.70 7.99 -32.58
C ASP J 120 8.78 7.58 -31.56
N GLY J 121 8.59 7.93 -30.29
CA GLY J 121 9.51 7.50 -29.25
C GLY J 121 10.73 8.39 -29.07
N SER J 122 10.84 9.47 -29.85
CA SER J 122 11.99 10.36 -29.73
C SER J 122 11.80 11.34 -28.61
N VAL J 123 12.91 11.70 -27.95
CA VAL J 123 12.92 12.65 -26.91
C VAL J 123 13.86 13.81 -27.31
N MET J 124 13.54 14.98 -26.78
CA MET J 124 14.45 16.08 -26.85
C MET J 124 14.48 16.71 -25.49
N PHE J 125 15.68 16.89 -24.96
CA PHE J 125 15.91 17.45 -23.67
C PHE J 125 17.10 18.40 -23.83
N ILE J 126 17.04 19.54 -23.14
CA ILE J 126 17.92 20.66 -23.41
C ILE J 126 18.25 21.38 -22.14
N PRO J 127 18.97 20.74 -21.22
CA PRO J 127 19.26 21.57 -20.10
C PRO J 127 20.17 22.74 -20.53
N ALA J 128 20.01 23.86 -19.85
CA ALA J 128 20.87 25.03 -19.99
C ALA J 128 21.78 24.91 -18.79
N GLN J 129 23.10 25.18 -18.92
CA GLN J 129 24.04 24.90 -17.81
C GLN J 129 25.10 25.95 -17.67
N ARG J 130 25.70 26.07 -16.50
CA ARG J 130 26.89 26.85 -16.39
C ARG J 130 27.98 25.90 -15.99
N LEU J 131 29.02 25.76 -16.82
CA LEU J 131 30.12 24.83 -16.51
C LEU J 131 31.45 25.55 -16.15
N SER J 132 32.13 25.08 -15.08
CA SER J 132 33.54 25.39 -14.80
C SER J 132 34.47 24.24 -15.20
N PHE J 133 35.35 24.50 -16.16
CA PHE J 133 36.33 23.49 -16.54
C PHE J 133 37.79 23.99 -16.68
N MET J 134 38.70 23.03 -16.65
CA MET J 134 40.10 23.17 -16.83
C MET J 134 40.48 23.86 -18.16
N CYS J 135 41.00 25.07 -18.03
CA CYS J 135 41.36 25.90 -19.15
C CYS J 135 42.39 26.92 -18.71
N ASP J 136 43.56 26.84 -19.34
CA ASP J 136 44.55 27.90 -19.27
C ASP J 136 44.11 28.92 -20.29
N PRO J 137 43.78 30.13 -19.81
CA PRO J 137 43.37 31.20 -20.69
C PRO J 137 44.54 32.17 -21.11
N THR J 138 45.79 31.78 -20.81
CA THR J 138 47.00 32.43 -21.33
C THR J 138 46.83 32.73 -22.82
N GLY J 139 47.02 34.00 -23.22
CA GLY J 139 46.90 34.36 -24.63
C GLY J 139 45.51 34.88 -24.95
N VAL J 140 44.69 35.04 -23.92
CA VAL J 140 43.33 35.58 -24.11
C VAL J 140 43.33 37.06 -24.58
N ASP J 141 44.34 37.82 -24.14
CA ASP J 141 44.60 39.23 -24.55
C ASP J 141 45.69 39.31 -25.62
N SER J 142 45.68 38.38 -26.57
CA SER J 142 46.48 38.48 -27.76
C SER J 142 45.44 38.70 -28.84
N GLU J 143 45.77 38.37 -30.08
CA GLU J 143 44.77 38.41 -31.13
C GLU J 143 44.59 37.00 -31.69
N GLU J 144 45.57 36.13 -31.40
CA GLU J 144 45.45 34.69 -31.65
C GLU J 144 44.37 34.12 -30.71
N GLY J 145 44.30 34.67 -29.49
CA GLY J 145 43.31 34.28 -28.49
C GLY J 145 43.76 33.05 -27.76
N ALA J 146 42.97 32.63 -26.77
CA ALA J 146 43.20 31.34 -26.05
C ALA J 146 42.39 30.22 -26.67
N THR J 147 42.93 29.00 -26.61
CA THR J 147 42.23 27.80 -27.07
C THR J 147 41.90 26.90 -25.89
N CYS J 148 40.61 26.62 -25.71
CA CYS J 148 40.25 25.56 -24.76
C CYS J 148 39.39 24.39 -25.28
N ALA J 149 39.58 23.24 -24.64
CA ALA J 149 38.88 22.02 -24.98
C ALA J 149 38.17 21.34 -23.78
N VAL J 150 36.91 20.96 -23.99
CA VAL J 150 36.24 20.05 -23.03
C VAL J 150 35.42 18.93 -23.70
N LYS J 151 35.49 17.74 -23.10
CA LYS J 151 34.82 16.53 -23.61
C LYS J 151 33.58 16.17 -22.80
N PHE J 152 32.54 15.83 -23.56
CA PHE J 152 31.26 15.41 -23.07
C PHE J 152 31.02 13.94 -23.48
N GLY J 153 30.43 13.14 -22.60
CA GLY J 153 30.16 11.75 -22.91
C GLY J 153 29.60 11.03 -21.72
N SER J 154 29.04 9.84 -21.97
CA SER J 154 28.55 9.01 -20.85
C SER J 154 29.65 8.80 -19.83
N TRP J 155 29.30 8.81 -18.56
CA TRP J 155 30.30 8.49 -17.53
C TRP J 155 30.50 6.98 -17.37
N VAL J 156 29.45 6.20 -17.64
CA VAL J 156 29.50 4.79 -17.24
C VAL J 156 29.25 3.82 -18.37
N TYR J 157 28.63 4.27 -19.45
CA TYR J 157 28.41 3.44 -20.62
C TYR J 157 29.42 3.72 -21.71
N SER J 158 30.03 2.63 -22.21
CA SER J 158 30.97 2.63 -23.31
C SER J 158 30.24 2.72 -24.64
N GLY J 159 31.02 2.70 -25.72
CA GLY J 159 30.55 2.88 -27.09
C GLY J 159 29.65 1.75 -27.52
N PHE J 160 29.75 0.58 -26.87
CA PHE J 160 28.83 -0.57 -27.14
C PHE J 160 27.43 -0.33 -26.54
N GLU J 161 27.36 0.57 -25.56
CA GLU J 161 26.02 0.89 -25.05
C GLU J 161 25.41 2.19 -25.59
N ILE J 162 26.22 3.25 -25.56
CA ILE J 162 25.82 4.56 -26.03
C ILE J 162 26.81 5.11 -27.02
N ASP J 163 26.28 5.52 -28.16
CA ASP J 163 27.00 6.20 -29.21
C ASP J 163 26.62 7.67 -29.18
N LEU J 164 27.50 8.57 -29.60
CA LEU J 164 27.19 9.96 -29.68
C LEU J 164 27.29 10.33 -31.11
N LYS J 165 26.51 11.32 -31.55
CA LYS J 165 26.75 11.98 -32.82
C LYS J 165 26.42 13.44 -32.66
N THR J 166 26.98 14.28 -33.52
CA THR J 166 26.58 15.67 -33.56
C THR J 166 25.87 15.92 -34.88
N ASP J 167 25.02 16.93 -34.94
CA ASP J 167 24.30 17.17 -36.18
C ASP J 167 25.17 17.96 -37.14
N THR J 168 26.14 18.68 -36.58
CA THR J 168 27.04 19.46 -37.37
C THR J 168 28.09 19.72 -36.34
N ASP J 169 29.32 20.02 -36.77
CA ASP J 169 30.41 20.19 -35.82
C ASP J 169 30.65 21.66 -35.48
N GLN J 170 29.83 22.53 -36.06
CA GLN J 170 29.83 23.92 -35.68
C GLN J 170 28.96 24.14 -34.45
N VAL J 171 29.58 24.53 -33.33
CA VAL J 171 28.85 25.02 -32.17
C VAL J 171 27.94 26.16 -32.65
N ASP J 172 26.66 26.09 -32.30
CA ASP J 172 25.71 27.14 -32.66
C ASP J 172 26.09 28.37 -31.82
N LEU J 173 26.45 29.44 -32.51
CA LEU J 173 26.88 30.66 -31.84
C LEU J 173 25.86 31.80 -32.01
N SER J 174 24.84 31.55 -32.81
CA SER J 174 23.86 32.56 -33.09
C SER J 174 23.07 33.10 -31.87
N SER J 175 23.40 32.64 -30.65
CA SER J 175 22.86 33.23 -29.42
C SER J 175 23.99 33.57 -28.50
N TYR J 176 25.17 33.77 -29.05
CA TYR J 176 26.23 34.19 -28.19
C TYR J 176 25.93 35.66 -27.81
N TYR J 177 26.17 35.95 -26.53
CA TYR J 177 25.97 37.25 -25.98
C TYR J 177 26.95 38.29 -26.58
N ALA J 178 26.39 39.16 -27.43
CA ALA J 178 27.12 40.23 -28.10
C ALA J 178 28.05 41.01 -27.20
N SER J 179 27.62 41.26 -25.97
CA SER J 179 28.33 42.14 -25.05
C SER J 179 29.06 41.39 -23.96
N SER J 180 29.34 40.12 -24.21
CA SER J 180 30.22 39.35 -23.32
C SER J 180 31.66 39.91 -23.19
N LYS J 181 32.24 39.80 -22.00
CA LYS J 181 33.64 40.15 -21.82
C LYS J 181 34.59 39.42 -22.79
N TYR J 182 34.09 38.40 -23.50
CA TYR J 182 34.91 37.57 -24.39
C TYR J 182 34.22 37.34 -25.72
N GLU J 183 35.06 37.08 -26.73
CA GLU J 183 34.63 37.00 -28.11
C GLU J 183 35.01 35.64 -28.66
N ILE J 184 34.20 35.08 -29.55
CA ILE J 184 34.44 33.75 -30.04
C ILE J 184 35.06 33.78 -31.42
N LEU J 185 36.25 33.19 -31.55
CA LEU J 185 36.92 33.11 -32.82
C LEU J 185 36.50 31.83 -33.47
N SER J 186 36.42 30.76 -32.67
CA SER J 186 35.78 29.54 -33.14
C SER J 186 35.28 28.61 -32.01
N ALA J 187 34.24 27.86 -32.33
CA ALA J 187 33.74 26.84 -31.42
C ALA J 187 33.25 25.64 -32.23
N THR J 188 33.87 24.51 -31.97
CA THR J 188 33.58 23.30 -32.72
C THR J 188 33.17 22.20 -31.73
N GLN J 189 32.37 21.25 -32.20
CA GLN J 189 31.91 20.13 -31.34
C GLN J 189 32.05 18.83 -32.12
N THR J 190 33.00 18.01 -31.74
CA THR J 190 33.50 16.98 -32.66
C THR J 190 33.47 15.60 -32.04
N ARG J 191 32.79 14.69 -32.70
CA ARG J 191 32.69 13.33 -32.20
C ARG J 191 34.10 12.76 -32.21
N GLN J 192 34.43 11.96 -31.20
CA GLN J 192 35.69 11.29 -31.13
C GLN J 192 35.46 9.86 -30.70
N VAL J 193 36.40 9.00 -31.11
CA VAL J 193 36.41 7.59 -30.72
C VAL J 193 37.76 7.34 -30.08
N GLN J 194 37.77 6.79 -28.89
CA GLN J 194 39.01 6.63 -28.14
C GLN J 194 39.10 5.17 -27.73
N HIS J 195 40.30 4.63 -27.77
CA HIS J 195 40.55 3.26 -27.33
C HIS J 195 41.73 3.22 -26.41
N TYR J 196 41.67 2.30 -25.45
CA TYR J 196 42.75 2.13 -24.47
C TYR J 196 43.29 0.74 -24.54
N SER J 197 44.49 0.58 -23.99
CA SER J 197 45.15 -0.71 -24.03
C SER J 197 44.52 -1.60 -22.96
N CYS J 198 44.02 -1.00 -21.88
CA CYS J 198 43.27 -1.69 -20.83
C CYS J 198 41.96 -2.34 -21.25
N CYS J 199 41.43 -1.97 -22.41
CA CYS J 199 40.00 -2.13 -22.66
C CYS J 199 39.63 -2.29 -24.13
N PRO J 200 38.85 -3.35 -24.47
CA PRO J 200 38.42 -3.66 -25.87
C PRO J 200 37.30 -2.81 -26.40
N GLU J 201 36.73 -1.98 -25.55
CA GLU J 201 35.53 -1.27 -25.91
C GLU J 201 35.89 0.12 -26.39
N PRO J 202 35.19 0.61 -27.42
CA PRO J 202 35.28 1.99 -27.90
C PRO J 202 34.71 2.97 -26.86
N TYR J 203 35.31 4.15 -26.73
CA TYR J 203 34.78 5.18 -25.88
C TYR J 203 34.41 6.43 -26.71
N ILE J 204 33.23 6.97 -26.50
CA ILE J 204 32.78 7.98 -27.42
C ILE J 204 32.58 9.27 -26.67
N ASP J 205 33.19 10.32 -27.17
CA ASP J 205 32.96 11.58 -26.56
C ASP J 205 32.65 12.59 -27.67
N VAL J 206 32.12 13.75 -27.28
CA VAL J 206 32.06 14.89 -28.16
C VAL J 206 33.01 15.93 -27.58
N ASN J 207 34.01 16.34 -28.37
CA ASN J 207 35.03 17.30 -27.93
C ASN J 207 34.56 18.69 -28.29
N LEU J 208 34.42 19.54 -27.26
CA LEU J 208 33.98 20.92 -27.43
C LEU J 208 35.19 21.86 -27.36
N VAL J 209 35.60 22.39 -28.50
CA VAL J 209 36.81 23.26 -28.56
C VAL J 209 36.44 24.70 -28.86
N VAL J 210 36.87 25.58 -27.96
CA VAL J 210 36.54 26.97 -28.03
C VAL J 210 37.80 27.82 -28.06
N LYS J 211 37.86 28.70 -29.06
CA LYS J 211 38.91 29.72 -29.18
C LYS J 211 38.29 31.12 -29.02
N PHE J 212 38.88 31.88 -28.11
CA PHE J 212 38.27 33.10 -27.64
C PHE J 212 39.28 34.19 -27.24
N ARG J 213 38.83 35.43 -27.23
CA ARG J 213 39.67 36.48 -26.72
C ARG J 213 38.83 37.55 -26.09
N GLU J 214 39.48 38.32 -25.23
CA GLU J 214 38.95 39.58 -24.69
C GLU J 214 38.57 40.50 -25.83
N ARG J 215 37.31 40.91 -25.82
CA ARG J 215 36.79 41.84 -26.78
C ARG J 215 37.24 43.26 -26.36
MG MG K . -23.85 -3.35 29.58
MG MG L . -36.18 7.70 -2.96
MG MG M . -19.39 -11.61 -29.02
MG MG N . -37.80 6.37 -4.66
MG MG O . -19.32 -13.45 -31.04
MG MG P . 4.38 -34.70 -14.21
MG MG Q . 5.78 -35.71 -12.27
MG MG R . 3.29 -29.36 22.40
C1 TUB S . -12.51 -39.94 21.68
C2 TUB S . -11.36 -39.22 21.95
C3 TUB S . -10.31 -39.80 22.69
C4 TUB S . -10.40 -41.09 23.15
C5 TUB S . -11.59 -41.84 22.84
C6 TUB S . -12.62 -41.27 22.12
C7 TUB S . -9.19 -41.50 23.86
N8 TUB S . -9.44 -42.78 24.55
C9 TUB S . -10.44 -43.66 23.86
C10 TUB S . -11.85 -43.07 23.71
C11 TUB S . -4.62 -37.79 18.43
C12 TUB S . -3.41 -36.99 18.25
C13 TUB S . -3.44 -35.63 18.56
C14 TUB S . -4.62 -35.08 19.00
C15 TUB S . -5.77 -35.84 19.15
C16 TUB S . -5.75 -37.21 18.89
C17 TUB S . -4.64 -33.62 19.31
C18 TUB S . -6.02 -32.96 19.48
C20 TUB S . -6.90 -35.09 19.76
O21 TUB S . -11.13 -37.83 21.54
C22 TUB S . -10.93 -36.45 22.21
C23 TUB S . -8.16 -41.94 22.77
C24 TUB S . -7.81 -40.89 21.74
C25 TUB S . -9.83 -36.42 21.33
C26 TUB S . -8.79 -35.56 21.57
C27 TUB S . -8.82 -34.71 22.68
C28 TUB S . -9.89 -34.72 23.56
C29 TUB S . -10.96 -35.57 23.30
C30 TUB S . -6.72 -40.04 21.96
C31 TUB S . -6.36 -39.06 21.06
C32 TUB S . -8.26 -39.76 19.67
C33 TUB S . -8.55 -40.76 20.57
O34 TUB S . -6.86 -38.03 18.97
C35 TUB S . -8.00 -36.03 20.31
O36 TUB S . -2.32 -37.66 17.83
O37 TUB S . -13.65 -39.40 20.96
O38 TUB S . -12.01 -35.66 24.27
C39 TUB S . -7.16 -38.95 19.92
C40 TUB S . -7.55 -33.85 17.72
C41 TUB S . -8.29 -33.06 19.84
C42 TUB S . -9.83 -42.59 25.94
O43 TUB S . -4.54 -39.12 18.17
C45 TUB S . -1.06 -36.96 17.83
C46 TUB S . -14.73 -40.31 20.63
N19 TUB S . -7.20 -33.77 19.15
MG MG T . 1.20 -29.25 24.12
MG MG U . -5.22 -44.96 26.29
MG MG V . -8.15 37.61 0.78
MG MG W . 4.66 22.29 -30.39
MG MG X . 10.19 21.46 29.56
MG MG Y . 34.18 -2.91 15.96
MG MG Z . 30.61 -1.99 -20.64
MG MG AA . 31.81 -3.24 -22.71
#